data_4PEG
#
_entry.id   4PEG
#
_cell.length_a   72.831
_cell.length_b   141.499
_cell.length_c   212.942
_cell.angle_alpha   90.00
_cell.angle_beta   90.00
_cell.angle_gamma   90.00
#
_symmetry.space_group_name_H-M   'P 21 21 21'
#
loop_
_entity.id
_entity.type
_entity.pdbx_description
1 polymer 'RNA lariat debranching enzyme, putative'
2 non-polymer 'MANGANESE (II) ION'
3 non-polymer "GUANOSINE-5'-MONOPHOSPHATE"
4 non-polymer 'SULFATE ION'
5 non-polymer GLYCEROL
6 water water
#
_entity_poly.entity_id   1
_entity_poly.type   'polypeptide(L)'
_entity_poly.pdbx_seq_one_letter_code
;MATEQIQHIAIVGCVHGKYREMYRQLSEYEKSTGKEISFVICTGDMQTLRYEADLVYLKVPPKYKQMGDFHLYYEGKEKA
PYLTLFIGGNHESSNVLLHLYNGGFVCFNMYYLGVCSCININGLRIVGVSGIYKSFDEKKPYTYPPSPNDVVSLFHTRNY
VIQMLSNLSQSSQIDISLSHDWPQGIVMKGNYKQLYRFQPGFKKDGASLGSPINKVILNTLKPKYWISGHMHCEYHAEEG
PTHFIALGKIGYKNAISYLDLPLKQKTDLEYDKDWVCNLIMTWPAFSNKAQFPDLSYSISELLSKRTKELDKKIIELWEK
YIGLKIIYDSDTFDIQFTSRRFYIEKIYNELNINHHHHHH
;
_entity_poly.pdbx_strand_id   A,B,C,D,E
#
# COMPACT_ATOMS: atom_id res chain seq x y z
N GLN A 5 15.07 -42.53 29.21
CA GLN A 5 14.21 -42.17 28.09
C GLN A 5 14.83 -42.61 26.77
N ILE A 6 14.14 -43.49 26.05
CA ILE A 6 14.68 -44.04 24.81
C ILE A 6 13.73 -43.92 23.61
N GLN A 7 14.31 -43.80 22.41
CA GLN A 7 13.52 -43.77 21.18
C GLN A 7 13.76 -45.02 20.35
N HIS A 8 12.68 -45.52 19.75
CA HIS A 8 12.75 -46.72 18.94
C HIS A 8 12.65 -46.36 17.46
N ILE A 9 13.72 -46.63 16.73
CA ILE A 9 13.79 -46.27 15.32
C ILE A 9 13.77 -47.53 14.45
N ALA A 10 12.78 -47.61 13.57
CA ALA A 10 12.69 -48.75 12.66
C ALA A 10 13.64 -48.54 11.49
N ILE A 11 14.56 -49.47 11.30
CA ILE A 11 15.46 -49.43 10.16
C ILE A 11 15.10 -50.50 9.13
N VAL A 12 14.83 -50.06 7.91
CA VAL A 12 14.26 -50.92 6.87
C VAL A 12 15.21 -51.03 5.67
N GLY A 13 15.36 -52.24 5.14
CA GLY A 13 16.21 -52.46 3.99
C GLY A 13 15.45 -52.08 2.72
N CYS A 14 15.57 -52.94 1.70
N CYS A 14 15.48 -52.98 1.73
CA CYS A 14 14.91 -52.76 0.40
CA CYS A 14 14.97 -52.76 0.38
C CYS A 14 13.40 -52.82 0.51
C CYS A 14 13.44 -52.89 0.24
N VAL A 15 12.73 -51.77 0.07
CA VAL A 15 11.26 -51.75 0.12
C VAL A 15 10.60 -52.28 -1.15
N HIS A 16 11.26 -52.04 -2.28
CA HIS A 16 10.77 -52.40 -3.62
C HIS A 16 9.25 -52.24 -3.81
N GLY A 17 8.76 -51.08 -3.41
CA GLY A 17 7.36 -50.73 -3.64
C GLY A 17 6.31 -51.50 -2.85
N LYS A 18 6.72 -52.14 -1.75
CA LYS A 18 5.81 -52.91 -0.89
C LYS A 18 5.50 -52.13 0.38
N TYR A 19 4.89 -50.95 0.23
CA TYR A 19 4.66 -50.05 1.35
C TYR A 19 3.63 -50.53 2.35
N ARG A 20 2.49 -51.02 1.87
CA ARG A 20 1.44 -51.49 2.76
C ARG A 20 1.96 -52.63 3.63
N GLU A 21 2.76 -53.51 3.04
CA GLU A 21 3.33 -54.62 3.78
C GLU A 21 4.33 -54.12 4.82
N MET A 22 5.14 -53.14 4.44
CA MET A 22 6.11 -52.55 5.36
C MET A 22 5.41 -51.97 6.57
N TYR A 23 4.41 -51.13 6.33
CA TYR A 23 3.69 -50.47 7.41
C TYR A 23 2.87 -51.42 8.27
N ARG A 24 2.54 -52.59 7.72
CA ARG A 24 1.87 -53.64 8.49
C ARG A 24 2.83 -54.26 9.50
N GLN A 25 4.01 -54.64 9.03
CA GLN A 25 5.04 -55.22 9.90
C GLN A 25 5.43 -54.28 11.03
N LEU A 26 5.62 -53.01 10.69
CA LEU A 26 5.92 -51.98 11.67
C LEU A 26 4.81 -51.90 12.71
N SER A 27 3.57 -51.98 12.23
CA SER A 27 2.42 -51.96 13.13
C SER A 27 2.41 -53.20 14.02
N GLU A 28 2.74 -54.35 13.45
CA GLU A 28 2.80 -55.60 14.20
C GLU A 28 3.85 -55.53 15.30
N TYR A 29 4.91 -54.76 15.05
CA TYR A 29 5.96 -54.55 16.05
C TYR A 29 5.46 -53.74 17.25
N GLU A 30 4.80 -52.62 16.97
CA GLU A 30 4.27 -51.75 18.01
C GLU A 30 3.22 -52.45 18.88
N LYS A 31 2.68 -53.54 18.37
CA LYS A 31 1.71 -54.32 19.13
C LYS A 31 2.35 -55.54 19.79
N SER A 32 3.38 -56.10 19.15
CA SER A 32 4.08 -57.25 19.71
C SER A 32 4.84 -56.91 20.98
N THR A 33 5.21 -55.64 21.09
CA THR A 33 6.15 -55.20 22.10
C THR A 33 5.56 -54.08 22.96
N GLY A 34 4.57 -53.38 22.43
CA GLY A 34 3.99 -52.25 23.13
C GLY A 34 4.89 -51.03 23.10
N LYS A 35 5.88 -51.07 22.19
CA LYS A 35 6.80 -49.96 22.02
C LYS A 35 6.31 -49.02 20.94
N GLU A 36 6.63 -47.73 21.09
CA GLU A 36 6.26 -46.74 20.08
C GLU A 36 7.42 -46.50 19.12
N ILE A 37 7.14 -46.59 17.83
CA ILE A 37 8.10 -46.22 16.80
C ILE A 37 8.17 -44.70 16.70
N SER A 38 9.36 -44.14 16.89
CA SER A 38 9.55 -42.69 16.75
C SER A 38 9.51 -42.27 15.27
N PHE A 39 10.29 -42.96 14.45
CA PHE A 39 10.28 -42.74 13.00
C PHE A 39 10.94 -43.91 12.27
N VAL A 40 10.85 -43.90 10.95
CA VAL A 40 11.32 -45.01 10.12
C VAL A 40 12.42 -44.55 9.16
N ILE A 41 13.46 -45.38 9.04
CA ILE A 41 14.55 -45.11 8.12
C ILE A 41 14.61 -46.22 7.09
N CYS A 42 14.64 -45.86 5.80
CA CYS A 42 14.68 -46.83 4.70
C CYS A 42 15.94 -46.65 3.85
N THR A 43 16.57 -47.75 3.46
CA THR A 43 17.84 -47.69 2.72
C THR A 43 17.76 -47.83 1.20
N GLY A 44 16.58 -47.68 0.61
CA GLY A 44 16.49 -47.55 -0.85
C GLY A 44 15.68 -48.58 -1.62
N ASP A 45 15.70 -48.44 -2.94
CA ASP A 45 14.81 -49.18 -3.84
C ASP A 45 13.35 -48.92 -3.44
N MET A 46 13.01 -47.63 -3.38
CA MET A 46 11.72 -47.19 -2.88
C MET A 46 10.66 -47.24 -3.97
N GLN A 47 11.10 -47.06 -5.22
CA GLN A 47 10.21 -47.13 -6.39
C GLN A 47 9.01 -46.21 -6.21
N THR A 48 9.28 -44.91 -6.02
CA THR A 48 8.23 -43.94 -5.77
C THR A 48 7.59 -43.47 -7.07
N LEU A 49 6.95 -44.40 -7.77
CA LEU A 49 6.28 -44.10 -9.03
C LEU A 49 4.92 -43.48 -8.76
N ARG A 50 4.75 -42.24 -9.20
CA ARG A 50 3.51 -41.49 -8.98
C ARG A 50 2.36 -42.04 -9.81
N TYR A 51 2.66 -42.33 -11.07
CA TYR A 51 1.66 -42.84 -12.01
C TYR A 51 2.35 -43.66 -13.10
N GLU A 52 1.55 -44.25 -13.99
CA GLU A 52 2.07 -45.19 -15.00
C GLU A 52 3.25 -44.66 -15.80
N ALA A 53 3.21 -43.37 -16.11
CA ALA A 53 4.25 -42.74 -16.94
C ALA A 53 5.66 -42.85 -16.33
N ASP A 54 5.74 -42.91 -14.99
CA ASP A 54 7.02 -42.96 -14.31
C ASP A 54 7.74 -44.30 -14.50
N LEU A 55 7.02 -45.30 -15.00
CA LEU A 55 7.58 -46.62 -15.26
C LEU A 55 8.79 -46.55 -16.19
N VAL A 56 8.79 -45.56 -17.07
CA VAL A 56 9.90 -45.34 -18.00
C VAL A 56 11.22 -45.14 -17.25
N TYR A 57 11.13 -44.52 -16.07
CA TYR A 57 12.33 -44.17 -15.29
C TYR A 57 12.76 -45.23 -14.28
N LEU A 58 12.05 -46.36 -14.27
CA LEU A 58 12.37 -47.45 -13.36
C LEU A 58 13.29 -48.45 -14.06
N LYS A 59 14.54 -48.52 -13.63
CA LYS A 59 15.47 -49.50 -14.20
C LYS A 59 15.33 -50.84 -13.49
N VAL A 60 14.65 -51.77 -14.14
CA VAL A 60 14.45 -53.13 -13.62
C VAL A 60 14.42 -54.08 -14.81
N PRO A 61 14.67 -55.37 -14.56
CA PRO A 61 14.37 -56.33 -15.63
C PRO A 61 12.86 -56.33 -15.88
N PRO A 62 12.43 -56.66 -17.11
CA PRO A 62 11.05 -56.49 -17.55
C PRO A 62 10.00 -57.05 -16.58
N LYS A 63 10.24 -58.21 -15.99
CA LYS A 63 9.26 -58.84 -15.10
C LYS A 63 9.02 -58.05 -13.82
N TYR A 64 9.89 -57.08 -13.53
CA TYR A 64 9.71 -56.22 -12.37
C TYR A 64 9.30 -54.80 -12.73
N LYS A 65 8.80 -54.62 -13.96
CA LYS A 65 8.18 -53.36 -14.35
C LYS A 65 6.78 -53.30 -13.75
N GLN A 66 6.71 -52.96 -12.47
CA GLN A 66 5.45 -52.94 -11.74
C GLN A 66 5.31 -51.62 -11.00
N MET A 67 4.07 -51.17 -10.82
CA MET A 67 3.81 -49.89 -10.15
C MET A 67 4.11 -49.92 -8.66
N GLY A 68 3.80 -51.02 -8.01
CA GLY A 68 3.98 -51.11 -6.57
C GLY A 68 2.90 -50.37 -5.81
N ASP A 69 3.19 -50.03 -4.56
CA ASP A 69 2.21 -49.44 -3.65
C ASP A 69 2.23 -47.91 -3.60
N PHE A 70 3.35 -47.30 -3.97
CA PHE A 70 3.57 -45.89 -3.70
C PHE A 70 2.45 -44.97 -4.17
N HIS A 71 1.95 -45.20 -5.38
CA HIS A 71 0.93 -44.32 -5.95
C HIS A 71 -0.32 -44.23 -5.06
N LEU A 72 -0.59 -45.28 -4.30
CA LEU A 72 -1.68 -45.27 -3.32
C LEU A 72 -1.45 -44.17 -2.28
N TYR A 73 -0.19 -43.99 -1.89
CA TYR A 73 0.17 -43.01 -0.88
C TYR A 73 0.29 -41.62 -1.49
N TYR A 74 0.77 -41.57 -2.74
CA TYR A 74 0.81 -40.32 -3.49
C TYR A 74 -0.60 -39.75 -3.69
N GLU A 75 -1.58 -40.63 -3.91
CA GLU A 75 -2.96 -40.22 -4.16
C GLU A 75 -3.72 -39.86 -2.88
N GLY A 76 -3.21 -40.32 -1.74
CA GLY A 76 -3.87 -40.06 -0.47
C GLY A 76 -4.82 -41.17 -0.07
N LYS A 77 -4.91 -42.20 -0.89
CA LYS A 77 -5.76 -43.36 -0.59
C LYS A 77 -5.24 -44.08 0.65
N GLU A 78 -3.92 -44.18 0.74
CA GLU A 78 -3.27 -44.72 1.92
C GLU A 78 -2.45 -43.61 2.57
N LYS A 79 -2.12 -43.78 3.84
CA LYS A 79 -1.41 -42.75 4.57
C LYS A 79 -0.34 -43.37 5.46
N ALA A 80 0.92 -42.99 5.23
CA ALA A 80 2.02 -43.49 6.04
C ALA A 80 1.82 -43.14 7.52
N PRO A 81 1.72 -44.17 8.37
CA PRO A 81 1.43 -43.97 9.79
C PRO A 81 2.64 -43.47 10.58
N TYR A 82 3.82 -43.48 9.96
CA TYR A 82 5.02 -42.99 10.63
C TYR A 82 5.83 -42.07 9.71
N LEU A 83 6.55 -41.12 10.29
CA LEU A 83 7.49 -40.31 9.52
C LEU A 83 8.58 -41.23 8.98
N THR A 84 8.72 -41.26 7.65
CA THR A 84 9.62 -42.20 6.99
C THR A 84 10.69 -41.48 6.18
N LEU A 85 11.96 -41.69 6.55
CA LEU A 85 13.09 -41.06 5.87
C LEU A 85 13.81 -42.07 4.99
N PHE A 86 14.19 -41.66 3.79
CA PHE A 86 14.82 -42.60 2.87
C PHE A 86 15.82 -41.98 1.90
N ILE A 87 16.69 -42.84 1.38
CA ILE A 87 17.63 -42.48 0.32
C ILE A 87 17.25 -43.31 -0.89
N GLY A 88 17.86 -43.02 -2.03
CA GLY A 88 17.56 -43.77 -3.24
C GLY A 88 18.48 -44.97 -3.41
N GLY A 89 17.97 -45.99 -4.10
CA GLY A 89 18.76 -47.15 -4.44
C GLY A 89 18.97 -47.24 -5.94
N ASN A 90 18.93 -48.45 -6.47
CA ASN A 90 19.12 -48.67 -7.90
C ASN A 90 17.81 -48.99 -8.61
N HIS A 91 16.74 -49.17 -7.84
CA HIS A 91 15.40 -49.37 -8.39
C HIS A 91 14.48 -48.24 -7.95
N GLU A 92 14.49 -47.14 -8.71
CA GLU A 92 13.75 -45.94 -8.31
C GLU A 92 13.06 -45.31 -9.50
N SER A 93 12.05 -44.48 -9.22
CA SER A 93 11.53 -43.56 -10.22
C SER A 93 12.51 -42.39 -10.25
N SER A 94 13.61 -42.58 -10.97
CA SER A 94 14.75 -41.66 -10.92
C SER A 94 14.44 -40.22 -11.32
N ASN A 95 13.42 -40.04 -12.16
CA ASN A 95 13.00 -38.69 -12.51
C ASN A 95 12.52 -37.92 -11.29
N VAL A 96 11.73 -38.59 -10.46
CA VAL A 96 11.22 -38.00 -9.22
C VAL A 96 12.36 -37.62 -8.27
N LEU A 97 13.33 -38.51 -8.15
CA LEU A 97 14.45 -38.28 -7.22
C LEU A 97 15.40 -37.19 -7.72
N LEU A 98 15.51 -37.03 -9.04
CA LEU A 98 16.33 -35.97 -9.60
C LEU A 98 15.69 -34.60 -9.37
N HIS A 99 14.37 -34.53 -9.54
CA HIS A 99 13.64 -33.31 -9.21
C HIS A 99 13.91 -32.91 -7.76
N LEU A 100 13.97 -33.92 -6.89
CA LEU A 100 14.16 -33.70 -5.47
C LEU A 100 15.59 -34.00 -5.03
N TYR A 101 16.56 -33.64 -5.87
CA TYR A 101 17.95 -33.95 -5.57
C TYR A 101 18.43 -33.20 -4.32
N ASN A 102 17.75 -32.12 -3.97
CA ASN A 102 18.03 -31.40 -2.74
C ASN A 102 17.13 -31.84 -1.61
N GLY A 103 16.57 -33.04 -1.74
CA GLY A 103 15.68 -33.57 -0.72
C GLY A 103 14.26 -33.10 -0.89
N GLY A 104 13.31 -33.81 -0.30
CA GLY A 104 11.92 -33.40 -0.37
C GLY A 104 10.93 -34.50 -0.01
N PHE A 105 9.72 -34.09 0.36
CA PHE A 105 8.65 -35.05 0.61
C PHE A 105 8.05 -35.53 -0.72
N VAL A 106 8.00 -36.85 -0.91
CA VAL A 106 7.36 -37.42 -2.09
C VAL A 106 5.86 -37.56 -1.86
N CYS A 107 5.47 -37.64 -0.59
CA CYS A 107 4.08 -37.62 -0.16
C CYS A 107 4.10 -37.44 1.36
N PHE A 108 2.93 -37.41 1.99
CA PHE A 108 2.84 -37.22 3.43
C PHE A 108 3.65 -38.26 4.19
N ASN A 109 4.49 -37.78 5.11
CA ASN A 109 5.31 -38.62 5.99
C ASN A 109 6.42 -39.43 5.30
N MET A 110 6.70 -39.13 4.03
CA MET A 110 7.81 -39.81 3.35
C MET A 110 8.80 -38.78 2.82
N TYR A 111 9.95 -38.66 3.49
CA TYR A 111 10.94 -37.65 3.13
C TYR A 111 12.20 -38.26 2.51
N TYR A 112 12.51 -37.82 1.29
CA TYR A 112 13.70 -38.24 0.57
C TYR A 112 14.85 -37.30 0.92
N LEU A 113 16.00 -37.86 1.29
CA LEU A 113 17.12 -37.05 1.73
C LEU A 113 17.91 -36.42 0.58
N GLY A 114 17.54 -36.74 -0.66
CA GLY A 114 18.23 -36.17 -1.82
C GLY A 114 19.39 -37.03 -2.29
N VAL A 115 20.22 -36.48 -3.17
CA VAL A 115 21.42 -37.16 -3.63
C VAL A 115 22.28 -37.53 -2.42
N CYS A 116 22.48 -36.55 -1.56
CA CYS A 116 23.06 -36.76 -0.24
C CYS A 116 22.67 -35.55 0.60
N SER A 117 22.64 -35.74 1.92
CA SER A 117 22.44 -34.64 2.85
C SER A 117 22.56 -35.13 4.28
N CYS A 118 22.41 -34.19 5.22
CA CYS A 118 22.36 -34.53 6.62
C CYS A 118 21.13 -33.83 7.18
N ILE A 119 20.35 -34.54 8.00
CA ILE A 119 19.18 -33.94 8.63
C ILE A 119 19.27 -34.04 10.14
N ASN A 120 18.37 -33.35 10.84
CA ASN A 120 18.29 -33.43 12.29
C ASN A 120 16.92 -33.93 12.74
N ILE A 121 16.92 -34.84 13.71
CA ILE A 121 15.67 -35.33 14.30
C ILE A 121 15.92 -35.94 15.67
N ASN A 122 15.12 -35.53 16.65
CA ASN A 122 15.23 -36.04 18.02
C ASN A 122 16.64 -35.99 18.59
N GLY A 123 17.38 -34.93 18.27
CA GLY A 123 18.74 -34.77 18.76
C GLY A 123 19.76 -35.56 17.97
N LEU A 124 19.30 -36.27 16.95
CA LEU A 124 20.20 -37.08 16.12
C LEU A 124 20.56 -36.36 14.83
N ARG A 125 21.77 -36.62 14.35
CA ARG A 125 22.17 -36.16 13.03
C ARG A 125 22.28 -37.36 12.10
N ILE A 126 21.56 -37.31 10.99
CA ILE A 126 21.50 -38.45 10.08
C ILE A 126 21.93 -38.08 8.67
N VAL A 127 22.88 -38.85 8.13
CA VAL A 127 23.44 -38.61 6.80
C VAL A 127 22.96 -39.70 5.85
N GLY A 128 22.59 -39.30 4.63
CA GLY A 128 22.20 -40.26 3.62
C GLY A 128 23.02 -40.11 2.34
N VAL A 129 23.33 -41.24 1.71
CA VAL A 129 24.02 -41.23 0.42
C VAL A 129 23.24 -42.14 -0.53
N SER A 130 22.60 -41.55 -1.53
CA SER A 130 21.76 -42.31 -2.46
C SER A 130 22.56 -42.99 -3.56
N GLY A 131 21.96 -44.02 -4.15
CA GLY A 131 22.52 -44.66 -5.33
C GLY A 131 23.43 -45.86 -5.10
N ILE A 132 23.85 -46.48 -6.20
CA ILE A 132 24.88 -47.51 -6.15
C ILE A 132 26.08 -47.09 -7.00
N TYR A 133 27.23 -47.68 -6.70
CA TYR A 133 28.47 -47.27 -7.36
C TYR A 133 28.70 -47.96 -8.70
N LYS A 134 29.02 -47.15 -9.71
CA LYS A 134 29.53 -47.64 -10.98
C LYS A 134 30.65 -46.71 -11.39
N SER A 135 31.85 -47.26 -11.50
CA SER A 135 33.07 -46.47 -11.73
C SER A 135 32.96 -45.55 -12.95
N PHE A 136 32.28 -46.01 -13.99
CA PHE A 136 32.20 -45.26 -15.25
C PHE A 136 31.24 -44.07 -15.22
N ASP A 137 30.44 -43.96 -14.16
CA ASP A 137 29.50 -42.84 -14.03
C ASP A 137 29.80 -41.93 -12.84
N GLU A 138 30.90 -42.18 -12.15
CA GLU A 138 31.20 -41.48 -10.89
C GLU A 138 31.53 -40.00 -11.08
N LYS A 139 31.96 -39.63 -12.29
CA LYS A 139 32.33 -38.24 -12.57
C LYS A 139 31.31 -37.57 -13.48
N LYS A 140 30.24 -38.30 -13.78
CA LYS A 140 29.21 -37.81 -14.67
C LYS A 140 28.30 -36.78 -13.98
N PRO A 141 28.09 -35.63 -14.63
CA PRO A 141 27.15 -34.64 -14.10
C PRO A 141 25.71 -35.12 -14.22
N TYR A 142 24.79 -34.47 -13.52
CA TYR A 142 23.37 -34.70 -13.73
C TYR A 142 22.87 -33.77 -14.81
N THR A 143 22.01 -34.29 -15.70
CA THR A 143 21.38 -33.46 -16.72
C THR A 143 19.90 -33.26 -16.39
N TYR A 144 19.45 -32.01 -16.48
CA TYR A 144 18.08 -31.65 -16.12
C TYR A 144 17.45 -30.80 -17.21
N PRO A 145 16.17 -31.04 -17.53
CA PRO A 145 15.23 -32.00 -16.92
C PRO A 145 15.62 -33.47 -17.17
N PRO A 146 15.06 -34.39 -16.38
CA PRO A 146 15.41 -35.80 -16.57
C PRO A 146 14.99 -36.33 -17.94
N SER A 147 15.77 -37.26 -18.47
CA SER A 147 15.51 -37.85 -19.78
C SER A 147 15.55 -39.38 -19.69
N PRO A 148 14.64 -40.04 -20.40
CA PRO A 148 14.59 -41.52 -20.47
C PRO A 148 15.91 -42.15 -20.91
N ASN A 149 16.75 -41.40 -21.62
CA ASN A 149 18.06 -41.91 -22.03
C ASN A 149 19.00 -42.12 -20.84
N ASP A 150 18.64 -41.56 -19.69
CA ASP A 150 19.48 -41.62 -18.51
C ASP A 150 18.89 -42.52 -17.42
N VAL A 151 17.94 -43.36 -17.80
CA VAL A 151 17.33 -44.25 -16.83
C VAL A 151 18.36 -45.22 -16.26
N VAL A 152 19.38 -45.53 -17.05
CA VAL A 152 20.38 -46.50 -16.63
C VAL A 152 21.55 -45.88 -15.85
N SER A 153 21.57 -44.57 -15.74
CA SER A 153 22.70 -43.89 -15.12
C SER A 153 22.35 -42.92 -14.00
N LEU A 154 21.09 -42.53 -13.91
CA LEU A 154 20.66 -41.54 -12.91
C LEU A 154 20.92 -41.98 -11.46
N PHE A 155 20.82 -43.28 -11.22
CA PHE A 155 20.93 -43.81 -9.86
C PHE A 155 22.36 -44.17 -9.45
N HIS A 156 23.32 -43.88 -10.32
CA HIS A 156 24.70 -44.16 -9.98
C HIS A 156 25.27 -43.07 -9.08
N THR A 157 25.92 -43.48 -7.98
CA THR A 157 26.46 -42.53 -7.01
C THR A 157 27.65 -41.75 -7.57
N ARG A 158 27.58 -40.42 -7.48
CA ARG A 158 28.65 -39.58 -7.98
C ARG A 158 29.73 -39.36 -6.94
N ASN A 159 30.97 -39.21 -7.41
CA ASN A 159 32.12 -38.98 -6.54
C ASN A 159 32.01 -37.71 -5.68
N TYR A 160 31.35 -36.69 -6.20
CA TYR A 160 31.38 -35.38 -5.54
C TYR A 160 30.73 -35.37 -4.17
N VAL A 161 29.86 -36.34 -3.90
CA VAL A 161 29.18 -36.40 -2.60
C VAL A 161 30.18 -36.50 -1.46
N ILE A 162 31.35 -37.10 -1.75
CA ILE A 162 32.43 -37.19 -0.77
C ILE A 162 32.81 -35.80 -0.28
N GLN A 163 33.13 -34.91 -1.22
CA GLN A 163 33.51 -33.54 -0.87
C GLN A 163 32.35 -32.77 -0.25
N MET A 164 31.13 -33.12 -0.63
CA MET A 164 29.94 -32.48 -0.07
C MET A 164 29.72 -32.85 1.40
N LEU A 165 30.14 -34.05 1.79
CA LEU A 165 29.84 -34.59 3.12
C LEU A 165 31.04 -34.62 4.08
N SER A 166 32.26 -34.50 3.56
CA SER A 166 33.47 -34.76 4.34
C SER A 166 33.66 -33.91 5.60
N ASN A 167 33.11 -32.70 5.63
CA ASN A 167 33.30 -31.80 6.77
C ASN A 167 32.19 -31.88 7.83
N LEU A 168 31.23 -32.76 7.63
CA LEU A 168 30.02 -32.78 8.44
C LEU A 168 30.24 -33.20 9.89
N SER A 169 31.36 -33.85 10.18
CA SER A 169 31.64 -34.32 11.53
C SER A 169 32.60 -33.40 12.28
N GLN A 170 32.79 -32.19 11.77
CA GLN A 170 33.72 -31.23 12.36
C GLN A 170 33.24 -30.65 13.69
N SER A 171 31.96 -30.31 13.76
CA SER A 171 31.40 -29.65 14.96
C SER A 171 30.70 -30.61 15.91
N SER A 172 30.07 -31.65 15.37
CA SER A 172 29.52 -32.72 16.19
C SER A 172 29.56 -34.03 15.42
N GLN A 173 29.41 -35.15 16.13
CA GLN A 173 29.47 -36.46 15.52
C GLN A 173 28.24 -36.76 14.67
N ILE A 174 28.36 -37.74 13.79
CA ILE A 174 27.21 -38.25 13.04
C ILE A 174 26.69 -39.50 13.75
N ASP A 175 25.39 -39.54 14.01
CA ASP A 175 24.80 -40.66 14.73
C ASP A 175 24.54 -41.84 13.80
N ILE A 176 23.92 -41.55 12.66
CA ILE A 176 23.57 -42.58 11.69
C ILE A 176 23.89 -42.13 10.27
N SER A 177 24.49 -43.02 9.49
CA SER A 177 24.67 -42.79 8.06
C SER A 177 23.92 -43.86 7.27
N LEU A 178 23.35 -43.47 6.13
CA LEU A 178 22.59 -44.39 5.27
C LEU A 178 23.23 -44.51 3.90
N SER A 179 23.31 -45.73 3.39
CA SER A 179 23.69 -45.94 1.98
C SER A 179 22.89 -47.11 1.43
N HIS A 180 22.82 -47.23 0.11
CA HIS A 180 22.13 -48.38 -0.47
C HIS A 180 23.08 -49.56 -0.57
N ASP A 181 24.09 -49.47 -1.42
CA ASP A 181 25.11 -50.52 -1.44
C ASP A 181 26.05 -50.37 -0.26
N TRP A 182 26.74 -51.46 0.08
CA TRP A 182 27.60 -51.48 1.26
C TRP A 182 28.86 -50.66 1.06
N PRO A 183 29.39 -50.10 2.16
CA PRO A 183 30.74 -49.53 2.11
C PRO A 183 31.72 -50.62 1.70
N GLN A 184 32.56 -50.33 0.71
CA GLN A 184 33.48 -51.32 0.18
C GLN A 184 34.41 -51.87 1.26
N GLY A 185 34.50 -53.19 1.34
CA GLY A 185 35.44 -53.83 2.25
C GLY A 185 34.89 -54.18 3.61
N ILE A 186 33.76 -53.60 4.00
CA ILE A 186 33.22 -53.82 5.33
C ILE A 186 32.73 -55.26 5.52
N VAL A 187 32.56 -55.96 4.40
CA VAL A 187 32.14 -57.36 4.42
C VAL A 187 33.18 -58.24 5.14
N MET A 188 34.44 -57.81 5.09
CA MET A 188 35.52 -58.54 5.75
C MET A 188 35.57 -58.27 7.25
N LYS A 189 34.71 -57.36 7.73
CA LYS A 189 34.78 -56.91 9.12
C LYS A 189 33.70 -57.51 10.01
N GLY A 190 32.97 -58.50 9.49
CA GLY A 190 32.01 -59.24 10.30
C GLY A 190 32.32 -60.72 10.21
N ASN A 191 31.35 -61.57 10.53
CA ASN A 191 31.52 -63.00 10.34
C ASN A 191 31.27 -63.35 8.88
N TYR A 192 32.27 -63.11 8.04
CA TYR A 192 32.12 -63.28 6.58
C TYR A 192 32.08 -64.74 6.14
N LYS A 193 32.69 -65.62 6.93
CA LYS A 193 32.63 -67.05 6.62
C LYS A 193 31.19 -67.55 6.74
N GLN A 194 30.49 -67.07 7.76
CA GLN A 194 29.10 -67.39 7.98
C GLN A 194 28.24 -66.77 6.87
N LEU A 195 28.54 -65.53 6.53
CA LEU A 195 27.81 -64.83 5.47
C LEU A 195 27.88 -65.55 4.13
N TYR A 196 29.06 -66.03 3.78
CA TYR A 196 29.26 -66.74 2.51
C TYR A 196 28.51 -68.07 2.47
N ARG A 197 28.28 -68.67 3.63
CA ARG A 197 27.49 -69.90 3.69
C ARG A 197 26.07 -69.63 3.20
N PHE A 198 25.50 -68.53 3.67
CA PHE A 198 24.15 -68.13 3.28
C PHE A 198 24.15 -67.49 1.89
N GLN A 199 25.25 -66.80 1.57
CA GLN A 199 25.36 -66.06 0.32
C GLN A 199 26.66 -66.36 -0.42
N PRO A 200 26.77 -67.56 -1.00
CA PRO A 200 28.01 -68.02 -1.65
C PRO A 200 28.48 -67.11 -2.78
N GLY A 201 27.54 -66.44 -3.44
CA GLY A 201 27.88 -65.56 -4.56
C GLY A 201 28.73 -64.36 -4.19
N PHE A 202 28.81 -64.05 -2.90
CA PHE A 202 29.53 -62.86 -2.43
C PHE A 202 31.03 -63.10 -2.35
N LYS A 203 31.42 -64.37 -2.16
CA LYS A 203 32.81 -64.73 -1.93
C LYS A 203 33.73 -64.29 -3.07
N LYS A 204 33.18 -64.30 -4.29
CA LYS A 204 33.93 -63.97 -5.49
C LYS A 204 34.44 -62.53 -5.48
N ASP A 205 33.64 -61.61 -4.96
CA ASP A 205 34.00 -60.19 -4.97
C ASP A 205 35.06 -59.87 -3.91
N GLY A 206 35.15 -60.71 -2.89
CA GLY A 206 36.10 -60.49 -1.81
C GLY A 206 35.89 -59.16 -1.10
N ALA A 207 37.00 -58.50 -0.77
CA ALA A 207 36.92 -57.21 -0.09
C ALA A 207 36.46 -56.08 -1.01
N SER A 208 36.45 -56.33 -2.32
CA SER A 208 36.03 -55.31 -3.29
C SER A 208 34.52 -55.12 -3.32
N LEU A 209 33.79 -55.98 -2.62
CA LEU A 209 32.33 -55.88 -2.57
C LEU A 209 31.91 -54.56 -1.94
N GLY A 210 31.05 -53.82 -2.64
CA GLY A 210 30.53 -52.58 -2.11
C GLY A 210 31.05 -51.33 -2.80
N SER A 211 30.62 -50.17 -2.30
CA SER A 211 30.96 -48.88 -2.90
C SER A 211 32.21 -48.26 -2.28
N PRO A 212 33.21 -47.94 -3.10
CA PRO A 212 34.40 -47.24 -2.60
C PRO A 212 34.05 -45.83 -2.13
N ILE A 213 32.97 -45.27 -2.65
CA ILE A 213 32.50 -43.95 -2.22
C ILE A 213 32.00 -43.99 -0.77
N ASN A 214 31.12 -44.94 -0.46
CA ASN A 214 30.63 -45.10 0.89
C ASN A 214 31.74 -45.51 1.86
N LYS A 215 32.72 -46.24 1.35
CA LYS A 215 33.89 -46.63 2.13
C LYS A 215 34.64 -45.40 2.62
N VAL A 216 34.87 -44.46 1.71
CA VAL A 216 35.57 -43.21 2.03
C VAL A 216 34.78 -42.38 3.04
N ILE A 217 33.49 -42.20 2.77
CA ILE A 217 32.61 -41.43 3.64
C ILE A 217 32.54 -42.02 5.05
N LEU A 218 32.45 -43.35 5.14
CA LEU A 218 32.44 -44.01 6.45
C LEU A 218 33.73 -43.76 7.21
N ASN A 219 34.87 -43.93 6.54
CA ASN A 219 36.17 -43.72 7.18
CA ASN A 219 36.15 -43.74 7.19
C ASN A 219 36.39 -42.28 7.60
N THR A 220 35.80 -41.36 6.85
CA THR A 220 35.97 -39.93 7.10
C THR A 220 35.11 -39.41 8.26
N LEU A 221 33.85 -39.84 8.30
CA LEU A 221 32.90 -39.34 9.29
C LEU A 221 32.81 -40.22 10.53
N LYS A 222 33.16 -41.49 10.36
CA LYS A 222 33.09 -42.49 11.43
C LYS A 222 31.80 -42.42 12.25
N PRO A 223 30.63 -42.53 11.58
CA PRO A 223 29.38 -42.40 12.33
C PRO A 223 29.17 -43.56 13.30
N LYS A 224 28.25 -43.40 14.24
CA LYS A 224 27.96 -44.46 15.21
C LYS A 224 27.36 -45.67 14.52
N TYR A 225 26.48 -45.43 13.56
CA TYR A 225 25.85 -46.49 12.79
C TYR A 225 25.93 -46.23 11.30
N TRP A 226 26.30 -47.26 10.54
CA TRP A 226 26.15 -47.21 9.10
C TRP A 226 25.16 -48.31 8.70
N ILE A 227 24.10 -47.91 8.01
CA ILE A 227 23.05 -48.84 7.64
C ILE A 227 22.92 -48.91 6.12
N SER A 228 22.87 -50.13 5.59
CA SER A 228 22.80 -50.34 4.15
C SER A 228 21.76 -51.39 3.77
N GLY A 229 21.30 -51.34 2.52
CA GLY A 229 20.39 -52.35 2.02
C GLY A 229 21.04 -53.12 0.87
N HIS A 230 20.33 -53.19 -0.25
CA HIS A 230 20.88 -53.73 -1.51
C HIS A 230 21.16 -55.24 -1.55
N MET A 231 21.88 -55.76 -0.56
CA MET A 231 22.44 -57.11 -0.68
C MET A 231 21.54 -58.30 -0.30
N HIS A 232 20.29 -58.01 0.10
CA HIS A 232 19.30 -59.04 0.43
C HIS A 232 19.71 -59.95 1.58
N CYS A 233 20.37 -59.40 2.59
CA CYS A 233 20.75 -60.20 3.75
C CYS A 233 20.94 -59.34 4.98
N GLU A 234 20.72 -59.93 6.15
CA GLU A 234 21.07 -59.32 7.41
C GLU A 234 22.58 -59.54 7.60
N TYR A 235 23.26 -58.54 8.13
CA TYR A 235 24.69 -58.64 8.39
C TYR A 235 25.12 -57.54 9.34
N HIS A 236 25.99 -57.89 10.27
CA HIS A 236 26.57 -56.92 11.18
C HIS A 236 28.09 -56.96 11.08
N ALA A 237 28.71 -55.79 11.18
CA ALA A 237 30.16 -55.70 11.22
C ALA A 237 30.55 -54.46 12.01
N GLU A 238 31.80 -54.42 12.44
CA GLU A 238 32.30 -53.27 13.19
C GLU A 238 33.58 -52.75 12.53
N GLU A 239 33.53 -51.50 12.09
CA GLU A 239 34.70 -50.83 11.53
C GLU A 239 35.14 -49.75 12.50
N GLY A 240 36.07 -50.09 13.39
CA GLY A 240 36.42 -49.19 14.48
C GLY A 240 35.18 -48.87 15.29
N PRO A 241 34.93 -47.58 15.52
CA PRO A 241 33.79 -47.10 16.32
C PRO A 241 32.45 -47.19 15.60
N THR A 242 32.45 -47.65 14.35
CA THR A 242 31.22 -47.68 13.56
C THR A 242 30.57 -49.06 13.55
N HIS A 243 29.29 -49.12 13.95
CA HIS A 243 28.51 -50.36 13.83
C HIS A 243 27.87 -50.41 12.45
N PHE A 244 28.27 -51.37 11.62
CA PHE A 244 27.62 -51.56 10.34
C PHE A 244 26.48 -52.55 10.44
N ILE A 245 25.36 -52.19 9.83
CA ILE A 245 24.18 -53.03 9.84
C ILE A 245 23.58 -53.09 8.44
N ALA A 246 23.56 -54.26 7.84
CA ALA A 246 22.93 -54.44 6.54
C ALA A 246 21.57 -55.09 6.71
N LEU A 247 20.59 -54.66 5.91
CA LEU A 247 19.23 -55.14 6.04
C LEU A 247 18.74 -55.81 4.76
N GLY A 248 17.77 -56.69 4.91
CA GLY A 248 17.25 -57.46 3.78
C GLY A 248 16.16 -56.76 3.01
N LYS A 249 15.35 -57.57 2.33
CA LYS A 249 14.34 -57.09 1.40
C LYS A 249 12.94 -57.36 1.95
N ILE A 250 12.05 -56.36 1.85
CA ILE A 250 10.70 -56.48 2.37
C ILE A 250 9.99 -57.70 1.79
N GLY A 251 9.32 -58.47 2.66
CA GLY A 251 8.71 -59.73 2.27
C GLY A 251 9.43 -60.87 2.98
N TYR A 252 10.68 -60.59 3.36
CA TYR A 252 11.51 -61.54 4.09
C TYR A 252 11.82 -60.96 5.47
N LYS A 253 12.20 -61.82 6.41
CA LYS A 253 12.27 -61.42 7.82
C LYS A 253 13.58 -60.73 8.24
N ASN A 254 14.48 -60.50 7.28
CA ASN A 254 15.72 -59.78 7.56
C ASN A 254 15.66 -58.32 7.13
N ALA A 255 14.48 -57.89 6.69
CA ALA A 255 14.33 -56.56 6.09
C ALA A 255 14.20 -55.43 7.11
N ILE A 256 13.64 -55.76 8.26
CA ILE A 256 13.39 -54.74 9.29
C ILE A 256 14.13 -55.05 10.60
N SER A 257 14.73 -54.01 11.17
CA SER A 257 15.30 -54.12 12.51
C SER A 257 15.01 -52.82 13.26
N TYR A 258 15.48 -52.72 14.50
CA TYR A 258 15.14 -51.59 15.34
C TYR A 258 16.31 -51.06 16.15
N LEU A 259 16.46 -49.74 16.14
CA LEU A 259 17.49 -49.08 16.94
C LEU A 259 16.85 -48.52 18.19
N ASP A 260 17.39 -48.90 19.35
CA ASP A 260 16.90 -48.39 20.62
C ASP A 260 17.91 -47.36 21.13
N LEU A 261 17.61 -46.09 20.87
CA LEU A 261 18.55 -45.02 21.14
C LEU A 261 18.07 -44.14 22.28
N PRO A 262 19.03 -43.62 23.07
CA PRO A 262 18.70 -42.63 24.10
C PRO A 262 17.98 -41.44 23.47
N LEU A 263 16.88 -41.02 24.10
CA LEU A 263 16.12 -39.87 23.64
C LEU A 263 16.31 -38.71 24.60
N LYS A 264 17.15 -37.75 24.23
CA LYS A 264 17.39 -36.57 25.05
C LYS A 264 16.28 -35.54 24.83
N GLN A 265 16.09 -35.18 23.57
CA GLN A 265 15.05 -34.22 23.21
C GLN A 265 14.19 -34.77 22.09
N LYS A 266 12.88 -34.64 22.24
CA LYS A 266 11.98 -34.89 21.13
C LYS A 266 11.93 -33.64 20.28
N THR A 267 12.32 -33.76 19.02
CA THR A 267 12.39 -32.59 18.14
C THR A 267 11.95 -32.97 16.73
N ASP A 268 11.14 -32.12 16.11
CA ASP A 268 10.67 -32.32 14.75
C ASP A 268 11.83 -32.45 13.77
N LEU A 269 11.54 -32.97 12.58
CA LEU A 269 12.53 -33.10 11.52
C LEU A 269 13.04 -31.73 11.09
N GLU A 270 14.36 -31.55 11.12
CA GLU A 270 14.96 -30.26 10.77
C GLU A 270 16.14 -30.40 9.82
N TYR A 271 16.41 -29.36 9.06
CA TYR A 271 17.62 -29.30 8.25
C TYR A 271 18.85 -29.20 9.15
N ASP A 272 19.93 -29.86 8.76
CA ASP A 272 21.18 -29.76 9.52
C ASP A 272 21.93 -28.50 9.11
N LYS A 273 22.33 -27.70 10.10
CA LYS A 273 22.95 -26.40 9.84
C LYS A 273 24.22 -26.49 9.02
N ASP A 274 25.09 -27.44 9.37
CA ASP A 274 26.34 -27.63 8.64
C ASP A 274 26.07 -28.01 7.19
N TRP A 275 25.09 -28.87 6.97
CA TRP A 275 24.68 -29.22 5.61
C TRP A 275 24.15 -28.01 4.85
N VAL A 276 23.30 -27.22 5.50
CA VAL A 276 22.73 -26.02 4.87
C VAL A 276 23.84 -25.07 4.41
N CYS A 277 24.87 -24.93 5.23
CA CYS A 277 25.98 -24.05 4.89
C CYS A 277 26.77 -24.56 3.70
N ASN A 278 27.03 -25.87 3.67
CA ASN A 278 27.68 -26.50 2.52
C ASN A 278 26.85 -26.31 1.26
N LEU A 279 25.53 -26.44 1.42
CA LEU A 279 24.59 -26.30 0.32
C LEU A 279 24.68 -24.92 -0.32
N ILE A 280 24.69 -23.89 0.50
CA ILE A 280 24.78 -22.51 0.03
C ILE A 280 26.14 -22.19 -0.59
N MET A 281 27.20 -22.60 0.11
CA MET A 281 28.57 -22.25 -0.31
C MET A 281 29.02 -22.96 -1.58
N THR A 282 28.33 -24.03 -1.95
CA THR A 282 28.64 -24.74 -3.18
C THR A 282 27.73 -24.36 -4.35
N TRP A 283 26.87 -23.37 -4.13
CA TRP A 283 25.94 -22.92 -5.18
C TRP A 283 26.57 -22.66 -6.56
N PRO A 284 27.74 -21.99 -6.62
CA PRO A 284 28.35 -21.74 -7.93
C PRO A 284 28.52 -23.01 -8.76
N ALA A 285 28.85 -24.13 -8.11
CA ALA A 285 29.03 -25.39 -8.81
C ALA A 285 27.72 -25.95 -9.34
N PHE A 286 26.60 -25.51 -8.76
CA PHE A 286 25.28 -26.03 -9.12
C PHE A 286 24.42 -24.99 -9.84
N SER A 287 25.02 -23.87 -10.25
CA SER A 287 24.27 -22.76 -10.82
C SER A 287 23.61 -23.05 -12.17
N ASN A 288 24.18 -23.97 -12.93
CA ASN A 288 23.63 -24.35 -14.23
C ASN A 288 22.58 -25.45 -14.08
N LYS A 289 21.31 -25.08 -14.14
CA LYS A 289 20.23 -26.04 -13.91
C LYS A 289 20.22 -27.17 -14.92
N ALA A 290 20.78 -26.93 -16.10
CA ALA A 290 20.81 -27.92 -17.17
C ALA A 290 21.81 -29.04 -16.89
N GLN A 291 22.88 -28.71 -16.16
CA GLN A 291 23.95 -29.67 -15.93
C GLN A 291 24.76 -29.33 -14.67
N PHE A 292 24.65 -30.20 -13.66
CA PHE A 292 25.28 -29.96 -12.37
C PHE A 292 25.74 -31.26 -11.73
N PRO A 293 26.82 -31.21 -10.94
CA PRO A 293 27.60 -29.99 -10.69
C PRO A 293 28.65 -29.78 -11.77
N ASP A 294 29.04 -28.52 -11.97
CA ASP A 294 30.14 -28.19 -12.86
C ASP A 294 31.45 -28.32 -12.07
N LEU A 295 32.22 -29.35 -12.39
CA LEU A 295 33.43 -29.67 -11.61
C LEU A 295 34.70 -28.97 -12.12
N SER A 296 34.52 -27.87 -12.85
CA SER A 296 35.62 -26.95 -13.08
C SER A 296 35.79 -26.17 -11.78
N TYR A 297 34.74 -26.20 -10.96
CA TYR A 297 34.81 -25.74 -9.58
C TYR A 297 35.31 -26.86 -8.71
N SER A 298 36.11 -26.50 -7.71
CA SER A 298 36.47 -27.45 -6.65
C SER A 298 35.50 -27.29 -5.48
N ILE A 299 34.72 -28.33 -5.22
CA ILE A 299 33.79 -28.36 -4.09
C ILE A 299 34.53 -28.06 -2.79
N SER A 300 35.72 -28.65 -2.64
CA SER A 300 36.55 -28.43 -1.45
C SER A 300 36.96 -26.97 -1.30
N GLU A 301 37.40 -26.38 -2.41
CA GLU A 301 37.79 -24.97 -2.43
C GLU A 301 36.61 -24.07 -2.05
N LEU A 302 35.45 -24.35 -2.63
CA LEU A 302 34.24 -23.58 -2.34
C LEU A 302 33.87 -23.70 -0.85
N LEU A 303 33.98 -24.91 -0.32
CA LEU A 303 33.64 -25.19 1.07
C LEU A 303 34.68 -24.64 2.04
N SER A 304 35.89 -24.42 1.55
CA SER A 304 36.97 -23.89 2.37
C SER A 304 36.68 -22.45 2.81
N LYS A 305 35.74 -21.81 2.13
CA LYS A 305 35.40 -20.41 2.38
C LYS A 305 34.40 -20.21 3.51
N ARG A 306 33.93 -21.31 4.09
CA ARG A 306 33.01 -21.23 5.23
C ARG A 306 33.72 -20.61 6.43
N THR A 307 33.02 -19.71 7.11
CA THR A 307 33.53 -19.13 8.36
C THR A 307 32.41 -19.14 9.38
N LYS A 308 32.80 -18.99 10.66
CA LYS A 308 31.86 -18.95 11.76
C LYS A 308 30.77 -17.91 11.50
N GLU A 309 31.19 -16.70 11.13
CA GLU A 309 30.27 -15.58 10.94
C GLU A 309 29.42 -15.71 9.67
N LEU A 310 29.96 -16.35 8.66
CA LEU A 310 29.21 -16.56 7.42
C LEU A 310 28.14 -17.63 7.62
N ASP A 311 28.52 -18.72 8.29
CA ASP A 311 27.59 -19.79 8.63
C ASP A 311 26.39 -19.24 9.39
N LYS A 312 26.67 -18.36 10.36
CA LYS A 312 25.64 -17.73 11.16
C LYS A 312 24.64 -16.95 10.29
N LYS A 313 25.17 -16.20 9.32
CA LYS A 313 24.34 -15.40 8.42
C LYS A 313 23.53 -16.30 7.48
N ILE A 314 24.17 -17.38 7.03
CA ILE A 314 23.50 -18.34 6.15
C ILE A 314 22.29 -18.96 6.83
N ILE A 315 22.49 -19.48 8.04
CA ILE A 315 21.41 -20.11 8.80
C ILE A 315 20.29 -19.11 9.11
N GLU A 316 20.68 -17.88 9.40
CA GLU A 316 19.72 -16.79 9.60
C GLU A 316 18.84 -16.61 8.36
N LEU A 317 19.49 -16.57 7.19
CA LEU A 317 18.79 -16.41 5.93
C LEU A 317 17.95 -17.63 5.57
N TRP A 318 18.48 -18.81 5.85
CA TRP A 318 17.75 -20.06 5.57
C TRP A 318 16.47 -20.11 6.40
N GLU A 319 16.59 -19.79 7.68
CA GLU A 319 15.43 -19.77 8.58
C GLU A 319 14.37 -18.82 8.07
N LYS A 320 14.81 -17.70 7.50
CA LYS A 320 13.91 -16.68 6.99
C LYS A 320 13.12 -17.15 5.76
N TYR A 321 13.83 -17.63 4.74
CA TYR A 321 13.21 -17.95 3.46
C TYR A 321 12.59 -19.35 3.39
N ILE A 322 13.18 -20.29 4.13
CA ILE A 322 12.79 -21.70 4.03
C ILE A 322 12.30 -22.27 5.37
N GLY A 323 13.03 -21.95 6.43
CA GLY A 323 12.72 -22.48 7.75
C GLY A 323 13.64 -23.63 8.11
N LEU A 324 13.89 -23.81 9.40
CA LEU A 324 14.74 -24.90 9.86
C LEU A 324 13.97 -26.21 9.91
N LYS A 325 12.67 -26.12 10.18
CA LYS A 325 11.80 -27.29 10.14
C LYS A 325 11.64 -27.77 8.71
N ILE A 326 11.80 -29.07 8.49
CA ILE A 326 11.51 -29.66 7.20
C ILE A 326 10.02 -29.99 7.16
N ILE A 327 9.27 -29.22 6.37
CA ILE A 327 7.82 -29.36 6.39
C ILE A 327 7.28 -29.92 5.09
N TYR A 328 6.07 -30.45 5.13
CA TYR A 328 5.48 -31.07 3.94
C TYR A 328 5.00 -30.02 2.94
N ASP A 329 5.43 -30.21 1.70
CA ASP A 329 5.12 -29.32 0.60
C ASP A 329 4.46 -30.16 -0.49
N SER A 330 3.24 -29.80 -0.89
CA SER A 330 2.50 -30.61 -1.85
C SER A 330 2.61 -30.09 -3.29
N ASP A 331 3.54 -29.16 -3.53
CA ASP A 331 3.78 -28.69 -4.88
C ASP A 331 4.41 -29.80 -5.72
N THR A 332 4.12 -29.82 -7.02
CA THR A 332 4.72 -30.82 -7.90
C THR A 332 6.24 -30.72 -7.83
N PHE A 333 6.91 -31.85 -8.08
CA PHE A 333 8.34 -31.95 -7.83
C PHE A 333 9.20 -31.03 -8.71
N ASP A 334 8.70 -30.74 -9.92
CA ASP A 334 9.39 -29.79 -10.80
C ASP A 334 9.36 -28.37 -10.21
N ILE A 335 8.28 -28.05 -9.50
CA ILE A 335 8.18 -26.76 -8.85
C ILE A 335 9.14 -26.69 -7.65
N GLN A 336 9.21 -27.79 -6.90
CA GLN A 336 10.09 -27.86 -5.72
C GLN A 336 11.56 -27.75 -6.11
N PHE A 337 11.93 -28.35 -7.24
CA PHE A 337 13.29 -28.26 -7.77
C PHE A 337 13.68 -26.80 -7.94
N THR A 338 12.87 -26.07 -8.71
CA THR A 338 13.14 -24.68 -9.03
C THR A 338 13.07 -23.79 -7.80
N SER A 339 12.10 -24.05 -6.94
CA SER A 339 11.91 -23.28 -5.72
C SER A 339 13.11 -23.35 -4.77
N ARG A 340 13.54 -24.57 -4.45
CA ARG A 340 14.66 -24.73 -3.51
C ARG A 340 15.95 -24.12 -4.07
N ARG A 341 16.16 -24.27 -5.37
CA ARG A 341 17.32 -23.68 -6.03
C ARG A 341 17.24 -22.15 -6.02
N PHE A 342 16.03 -21.62 -6.13
CA PHE A 342 15.83 -20.18 -6.13
C PHE A 342 16.32 -19.58 -4.82
N TYR A 343 15.97 -20.23 -3.72
CA TYR A 343 16.33 -19.73 -2.40
C TYR A 343 17.80 -19.96 -2.05
N ILE A 344 18.36 -21.07 -2.53
CA ILE A 344 19.80 -21.31 -2.37
C ILE A 344 20.60 -20.21 -3.07
N GLU A 345 20.17 -19.86 -4.29
CA GLU A 345 20.84 -18.80 -5.05
C GLU A 345 20.65 -17.44 -4.40
N LYS A 346 19.43 -17.21 -3.90
CA LYS A 346 19.10 -15.94 -3.25
C LYS A 346 19.99 -15.72 -2.03
N ILE A 347 20.12 -16.76 -1.22
CA ILE A 347 20.95 -16.69 -0.01
C ILE A 347 22.43 -16.47 -0.33
N TYR A 348 22.95 -17.26 -1.28
CA TYR A 348 24.35 -17.13 -1.67
C TYR A 348 24.68 -15.71 -2.12
N ASN A 349 23.80 -15.13 -2.92
CA ASN A 349 24.04 -13.80 -3.46
C ASN A 349 23.88 -12.71 -2.42
N GLU A 350 23.19 -13.03 -1.32
CA GLU A 350 23.01 -12.09 -0.23
C GLU A 350 24.24 -12.01 0.66
N LEU A 351 25.05 -13.07 0.65
CA LEU A 351 26.26 -13.11 1.46
C LEU A 351 27.28 -12.11 0.95
N ASN A 352 27.51 -12.12 -0.36
CA ASN A 352 28.39 -11.19 -1.06
C ASN A 352 29.79 -11.75 -1.25
N ILE A 353 30.16 -12.00 -2.49
CA ILE A 353 31.39 -12.71 -2.80
C ILE A 353 31.77 -12.49 -4.26
N GLN B 5 -20.69 9.47 -16.08
CA GLN B 5 -19.56 8.59 -15.83
C GLN B 5 -19.89 7.47 -14.85
N ILE B 6 -19.50 6.25 -15.21
CA ILE B 6 -19.61 5.12 -14.29
C ILE B 6 -18.27 4.42 -14.20
N GLN B 7 -18.01 3.78 -13.06
CA GLN B 7 -16.78 2.99 -12.90
C GLN B 7 -17.11 1.50 -12.82
N HIS B 8 -16.34 0.70 -13.55
CA HIS B 8 -16.50 -0.74 -13.54
C HIS B 8 -15.55 -1.35 -12.52
N ILE B 9 -16.12 -2.05 -11.55
CA ILE B 9 -15.34 -2.60 -10.45
C ILE B 9 -15.43 -4.12 -10.42
N ALA B 10 -14.30 -4.77 -10.59
CA ALA B 10 -14.25 -6.23 -10.53
C ALA B 10 -14.35 -6.67 -9.07
N ILE B 11 -15.33 -7.51 -8.77
CA ILE B 11 -15.44 -8.09 -7.45
C ILE B 11 -15.14 -9.59 -7.52
N VAL B 12 -14.23 -10.05 -6.66
CA VAL B 12 -13.70 -11.42 -6.74
C VAL B 12 -13.90 -12.18 -5.44
N GLY B 13 -14.31 -13.43 -5.56
CA GLY B 13 -14.47 -14.28 -4.39
C GLY B 13 -13.15 -14.86 -3.92
N CYS B 14 -13.22 -16.16 -3.62
N CYS B 14 -13.20 -16.15 -3.65
CA CYS B 14 -12.04 -16.92 -3.21
CA CYS B 14 -12.09 -16.90 -3.08
C CYS B 14 -10.97 -16.90 -4.26
C CYS B 14 -10.93 -17.11 -4.08
N VAL B 15 -9.79 -16.39 -3.89
CA VAL B 15 -8.67 -16.41 -4.83
C VAL B 15 -7.83 -17.69 -4.74
N HIS B 16 -7.63 -18.20 -3.52
CA HIS B 16 -6.78 -19.36 -3.22
C HIS B 16 -5.51 -19.42 -4.07
N GLY B 17 -4.78 -18.32 -4.07
CA GLY B 17 -3.47 -18.25 -4.70
C GLY B 17 -3.39 -18.39 -6.23
N LYS B 18 -4.54 -18.28 -6.88
CA LYS B 18 -4.61 -18.39 -8.35
C LYS B 18 -4.62 -17.00 -8.99
N TYR B 19 -3.59 -16.20 -8.70
CA TYR B 19 -3.54 -14.82 -9.17
C TYR B 19 -3.44 -14.69 -10.69
N ARG B 20 -2.57 -15.48 -11.30
CA ARG B 20 -2.41 -15.44 -12.75
C ARG B 20 -3.71 -15.73 -13.48
N GLU B 21 -4.43 -16.76 -13.03
CA GLU B 21 -5.72 -17.10 -13.62
C GLU B 21 -6.73 -15.97 -13.44
N MET B 22 -6.73 -15.38 -12.25
CA MET B 22 -7.64 -14.28 -11.95
C MET B 22 -7.40 -13.09 -12.89
N TYR B 23 -6.15 -12.65 -12.97
CA TYR B 23 -5.80 -11.48 -13.77
C TYR B 23 -5.98 -11.73 -15.25
N ARG B 24 -5.70 -12.97 -15.66
CA ARG B 24 -5.96 -13.41 -17.03
C ARG B 24 -7.44 -13.25 -17.36
N GLN B 25 -8.28 -13.69 -16.42
CA GLN B 25 -9.73 -13.64 -16.60
C GLN B 25 -10.23 -12.20 -16.62
N LEU B 26 -9.62 -11.36 -15.79
CA LEU B 26 -9.96 -9.94 -15.78
C LEU B 26 -9.57 -9.27 -17.10
N SER B 27 -8.43 -9.67 -17.64
CA SER B 27 -7.95 -9.11 -18.90
C SER B 27 -8.91 -9.44 -20.05
N GLU B 28 -9.48 -10.65 -19.99
CA GLU B 28 -10.47 -11.08 -20.98
C GLU B 28 -11.71 -10.20 -20.95
N TYR B 29 -12.12 -9.78 -19.76
CA TYR B 29 -13.28 -8.91 -19.58
C TYR B 29 -13.08 -7.59 -20.32
N GLU B 30 -11.91 -7.00 -20.16
CA GLU B 30 -11.59 -5.74 -20.83
C GLU B 30 -11.58 -5.88 -22.34
N LYS B 31 -10.93 -6.92 -22.83
CA LYS B 31 -10.82 -7.17 -24.26
C LYS B 31 -12.18 -7.44 -24.89
N SER B 32 -12.92 -8.37 -24.29
CA SER B 32 -14.23 -8.76 -24.81
C SER B 32 -15.23 -7.62 -24.83
N THR B 33 -15.32 -6.90 -23.71
CA THR B 33 -16.37 -5.90 -23.51
C THR B 33 -15.94 -4.48 -23.89
N GLY B 34 -14.64 -4.25 -23.98
CA GLY B 34 -14.15 -2.90 -24.25
C GLY B 34 -14.25 -2.00 -23.02
N LYS B 35 -14.72 -2.56 -21.92
CA LYS B 35 -14.88 -1.81 -20.68
C LYS B 35 -13.59 -1.84 -19.86
N GLU B 36 -13.28 -0.72 -19.22
CA GLU B 36 -12.07 -0.61 -18.41
C GLU B 36 -12.36 -0.89 -16.94
N ILE B 37 -11.53 -1.73 -16.33
CA ILE B 37 -11.62 -2.02 -14.90
C ILE B 37 -10.94 -0.92 -14.11
N SER B 38 -11.69 -0.24 -13.25
CA SER B 38 -11.11 0.81 -12.40
C SER B 38 -10.17 0.21 -11.36
N PHE B 39 -10.67 -0.80 -10.64
CA PHE B 39 -9.86 -1.54 -9.68
C PHE B 39 -10.55 -2.86 -9.34
N VAL B 40 -9.86 -3.69 -8.57
CA VAL B 40 -10.36 -5.02 -8.20
C VAL B 40 -10.51 -5.12 -6.69
N ILE B 41 -11.52 -5.87 -6.26
CA ILE B 41 -11.77 -6.15 -4.85
C ILE B 41 -11.84 -7.66 -4.65
N CYS B 42 -11.05 -8.19 -3.72
CA CYS B 42 -11.05 -9.63 -3.44
C CYS B 42 -11.57 -9.88 -2.05
N THR B 43 -12.34 -10.95 -1.87
CA THR B 43 -12.99 -11.20 -0.58
C THR B 43 -12.35 -12.29 0.26
N GLY B 44 -11.09 -12.64 -0.03
CA GLY B 44 -10.34 -13.50 0.87
C GLY B 44 -9.73 -14.77 0.32
N ASP B 45 -9.09 -15.52 1.22
CA ASP B 45 -8.30 -16.70 0.89
C ASP B 45 -7.22 -16.35 -0.14
N MET B 46 -6.45 -15.32 0.20
CA MET B 46 -5.48 -14.74 -0.72
C MET B 46 -4.17 -15.50 -0.75
N GLN B 47 -3.85 -16.18 0.35
CA GLN B 47 -2.63 -17.00 0.46
C GLN B 47 -1.37 -16.24 0.03
N THR B 48 -1.12 -15.12 0.69
CA THR B 48 -0.01 -14.24 0.33
C THR B 48 1.31 -14.68 0.94
N LEU B 49 1.73 -15.90 0.57
CA LEU B 49 2.98 -16.45 1.07
C LEU B 49 4.16 -15.87 0.29
N ARG B 50 5.09 -15.24 1.00
CA ARG B 50 6.27 -14.62 0.39
C ARG B 50 7.28 -15.65 -0.05
N TYR B 51 7.51 -16.64 0.81
CA TYR B 51 8.50 -17.68 0.55
C TYR B 51 8.12 -18.96 1.28
N GLU B 52 8.91 -20.03 1.09
CA GLU B 52 8.58 -21.36 1.61
C GLU B 52 8.30 -21.38 3.11
N ALA B 53 9.02 -20.57 3.87
CA ALA B 53 8.89 -20.56 5.32
C ALA B 53 7.48 -20.17 5.77
N ASP B 54 6.79 -19.40 4.95
CA ASP B 54 5.45 -18.92 5.29
C ASP B 54 4.38 -20.01 5.30
N LEU B 55 4.70 -21.16 4.70
CA LEU B 55 3.75 -22.29 4.62
C LEU B 55 3.25 -22.71 5.99
N VAL B 56 4.12 -22.56 6.99
CA VAL B 56 3.83 -22.88 8.38
C VAL B 56 2.61 -22.11 8.89
N TYR B 57 2.37 -20.93 8.33
CA TYR B 57 1.28 -20.08 8.79
C TYR B 57 -0.01 -20.23 7.98
N LEU B 58 0.02 -21.15 7.01
CA LEU B 58 -1.14 -21.42 6.17
C LEU B 58 -1.96 -22.59 6.70
N LYS B 59 -3.20 -22.32 7.11
CA LYS B 59 -4.08 -23.37 7.64
C LYS B 59 -4.86 -24.07 6.53
N VAL B 60 -4.28 -25.16 6.04
CA VAL B 60 -4.91 -25.99 5.01
C VAL B 60 -4.60 -27.46 5.27
N PRO B 61 -5.40 -28.37 4.69
CA PRO B 61 -5.01 -29.79 4.76
C PRO B 61 -3.74 -30.02 3.95
N PRO B 62 -2.95 -31.04 4.31
CA PRO B 62 -1.64 -31.34 3.70
C PRO B 62 -1.59 -31.21 2.18
N LYS B 63 -2.64 -31.64 1.48
CA LYS B 63 -2.63 -31.62 0.01
C LYS B 63 -2.69 -30.20 -0.57
N TYR B 64 -3.06 -29.23 0.26
CA TYR B 64 -3.11 -27.84 -0.17
C TYR B 64 -2.00 -26.98 0.43
N LYS B 65 -0.98 -27.65 0.97
CA LYS B 65 0.22 -26.97 1.46
C LYS B 65 1.12 -26.65 0.28
N GLN B 66 0.73 -25.66 -0.52
CA GLN B 66 1.51 -25.24 -1.67
C GLN B 66 1.56 -23.72 -1.73
N MET B 67 2.55 -23.21 -2.45
CA MET B 67 2.84 -21.78 -2.47
C MET B 67 1.80 -20.97 -3.22
N GLY B 68 1.29 -21.52 -4.32
CA GLY B 68 0.39 -20.76 -5.17
C GLY B 68 1.19 -19.72 -5.92
N ASP B 69 0.50 -18.70 -6.44
CA ASP B 69 1.11 -17.73 -7.33
C ASP B 69 1.73 -16.50 -6.65
N PHE B 70 1.32 -16.20 -5.42
CA PHE B 70 1.63 -14.90 -4.83
C PHE B 70 3.12 -14.53 -4.84
N HIS B 71 3.99 -15.48 -4.54
CA HIS B 71 5.42 -15.19 -4.44
C HIS B 71 5.97 -14.64 -5.75
N LEU B 72 5.36 -15.06 -6.87
CA LEU B 72 5.71 -14.52 -8.18
C LEU B 72 5.58 -13.00 -8.23
N TYR B 73 4.50 -12.50 -7.65
CA TYR B 73 4.24 -11.06 -7.63
C TYR B 73 5.09 -10.39 -6.56
N TYR B 74 5.36 -11.12 -5.49
CA TYR B 74 6.23 -10.62 -4.42
C TYR B 74 7.67 -10.50 -4.90
N GLU B 75 8.11 -11.45 -5.72
CA GLU B 75 9.47 -11.45 -6.25
C GLU B 75 9.63 -10.47 -7.40
N GLY B 76 8.51 -10.06 -8.00
CA GLY B 76 8.55 -9.12 -9.10
C GLY B 76 8.66 -9.78 -10.46
N LYS B 77 8.38 -11.08 -10.51
CA LYS B 77 8.38 -11.82 -11.78
C LYS B 77 7.07 -11.60 -12.50
N GLU B 78 6.02 -11.39 -11.72
CA GLU B 78 4.73 -10.95 -12.26
C GLU B 78 4.38 -9.63 -11.61
N LYS B 79 3.52 -8.86 -12.26
CA LYS B 79 3.10 -7.58 -11.74
C LYS B 79 1.60 -7.45 -11.93
N ALA B 80 0.88 -7.22 -10.84
CA ALA B 80 -0.57 -7.07 -10.89
C ALA B 80 -0.94 -5.89 -11.78
N PRO B 81 -1.75 -6.16 -12.82
CA PRO B 81 -2.14 -5.13 -13.79
C PRO B 81 -3.22 -4.17 -13.29
N TYR B 82 -3.87 -4.50 -12.17
CA TYR B 82 -4.89 -3.62 -11.61
C TYR B 82 -4.67 -3.42 -10.12
N LEU B 83 -5.03 -2.25 -9.62
CA LEU B 83 -5.05 -2.01 -8.18
C LEU B 83 -6.02 -2.99 -7.56
N THR B 84 -5.51 -3.81 -6.64
CA THR B 84 -6.30 -4.90 -6.05
C THR B 84 -6.39 -4.78 -4.54
N LEU B 85 -7.61 -4.58 -4.04
CA LEU B 85 -7.86 -4.43 -2.61
C LEU B 85 -8.44 -5.73 -2.06
N PHE B 86 -7.99 -6.14 -0.88
CA PHE B 86 -8.45 -7.40 -0.33
C PHE B 86 -8.50 -7.43 1.20
N ILE B 87 -9.29 -8.37 1.72
CA ILE B 87 -9.32 -8.68 3.13
C ILE B 87 -8.87 -10.12 3.29
N GLY B 88 -8.63 -10.56 4.52
CA GLY B 88 -8.16 -11.91 4.76
C GLY B 88 -9.30 -12.89 4.99
N GLY B 89 -9.07 -14.14 4.59
CA GLY B 89 -10.05 -15.20 4.78
C GLY B 89 -9.55 -16.22 5.80
N ASN B 90 -9.74 -17.50 5.50
CA ASN B 90 -9.31 -18.56 6.40
C ASN B 90 -8.10 -19.33 5.90
N HIS B 91 -7.73 -19.09 4.64
CA HIS B 91 -6.52 -19.65 4.07
C HIS B 91 -5.56 -18.52 3.72
N GLU B 92 -4.69 -18.17 4.65
CA GLU B 92 -3.82 -17.01 4.52
C GLU B 92 -2.44 -17.27 5.10
N SER B 93 -1.46 -16.47 4.68
CA SER B 93 -0.19 -16.43 5.38
C SER B 93 -0.41 -15.50 6.56
N SER B 94 -0.98 -16.05 7.64
CA SER B 94 -1.50 -15.23 8.73
C SER B 94 -0.44 -14.39 9.43
N ASN B 95 0.81 -14.82 9.37
CA ASN B 95 1.90 -14.03 9.93
C ASN B 95 2.05 -12.70 9.18
N VAL B 96 1.96 -12.76 7.86
CA VAL B 96 2.03 -11.57 7.02
C VAL B 96 0.91 -10.60 7.37
N LEU B 97 -0.32 -11.12 7.44
CA LEU B 97 -1.48 -10.28 7.69
C LEU B 97 -1.49 -9.67 9.09
N LEU B 98 -0.86 -10.34 10.04
CA LEU B 98 -0.77 -9.80 11.40
C LEU B 98 0.23 -8.63 11.44
N HIS B 99 1.36 -8.79 10.77
CA HIS B 99 2.32 -7.70 10.63
C HIS B 99 1.62 -6.48 10.04
N LEU B 100 0.76 -6.72 9.05
CA LEU B 100 0.02 -5.65 8.39
C LEU B 100 -1.40 -5.52 8.93
N TYR B 101 -1.58 -5.68 10.24
CA TYR B 101 -2.93 -5.61 10.82
C TYR B 101 -3.55 -4.22 10.66
N ASN B 102 -2.70 -3.20 10.51
CA ASN B 102 -3.19 -1.86 10.20
C ASN B 102 -3.22 -1.60 8.71
N GLY B 103 -3.25 -2.67 7.92
CA GLY B 103 -3.30 -2.55 6.47
C GLY B 103 -1.93 -2.36 5.86
N GLY B 104 -1.83 -2.54 4.54
CA GLY B 104 -0.56 -2.34 3.86
C GLY B 104 -0.48 -3.09 2.53
N PHE B 105 0.45 -2.68 1.68
CA PHE B 105 0.70 -3.39 0.43
C PHE B 105 1.53 -4.65 0.68
N VAL B 106 1.06 -5.79 0.19
CA VAL B 106 1.82 -7.03 0.30
C VAL B 106 2.80 -7.12 -0.87
N CYS B 107 2.46 -6.41 -1.95
CA CYS B 107 3.33 -6.21 -3.10
C CYS B 107 2.70 -5.12 -3.95
N PHE B 108 3.28 -4.83 -5.11
CA PHE B 108 2.77 -3.75 -5.97
C PHE B 108 1.33 -4.01 -6.41
N ASN B 109 0.49 -2.99 -6.25
CA ASN B 109 -0.91 -3.04 -6.65
C ASN B 109 -1.78 -4.03 -5.87
N MET B 110 -1.28 -4.56 -4.77
CA MET B 110 -2.10 -5.44 -3.92
C MET B 110 -2.15 -4.91 -2.49
N TYR B 111 -3.27 -4.27 -2.13
CA TYR B 111 -3.39 -3.66 -0.80
C TYR B 111 -4.31 -4.44 0.14
N TYR B 112 -3.76 -4.84 1.28
CA TYR B 112 -4.52 -5.51 2.33
C TYR B 112 -5.16 -4.47 3.24
N LEU B 113 -6.44 -4.63 3.53
CA LEU B 113 -7.14 -3.63 4.34
C LEU B 113 -6.91 -3.77 5.84
N GLY B 114 -6.17 -4.78 6.26
CA GLY B 114 -5.90 -4.98 7.68
C GLY B 114 -6.94 -5.86 8.34
N VAL B 115 -6.86 -5.97 9.67
CA VAL B 115 -7.87 -6.69 10.45
C VAL B 115 -9.23 -6.12 10.12
N CYS B 116 -9.29 -4.79 10.08
CA CYS B 116 -10.45 -4.07 9.59
C CYS B 116 -10.03 -2.64 9.29
N SER B 117 -10.71 -2.00 8.36
CA SER B 117 -10.45 -0.60 8.04
C SER B 117 -11.48 -0.10 7.05
N CYS B 118 -11.41 1.19 6.76
CA CYS B 118 -12.20 1.80 5.71
C CYS B 118 -11.24 2.63 4.85
N ILE B 119 -11.37 2.50 3.53
CA ILE B 119 -10.54 3.29 2.63
C ILE B 119 -11.43 4.13 1.72
N ASN B 120 -10.81 5.04 0.98
CA ASN B 120 -11.54 5.84 -0.01
C ASN B 120 -10.92 5.63 -1.38
N ILE B 121 -11.76 5.45 -2.40
CA ILE B 121 -11.30 5.41 -3.77
C ILE B 121 -12.41 5.81 -4.72
N ASN B 122 -12.09 6.73 -5.64
CA ASN B 122 -13.04 7.20 -6.63
C ASN B 122 -14.39 7.64 -6.05
N GLY B 123 -14.35 8.35 -4.93
CA GLY B 123 -15.56 8.85 -4.30
C GLY B 123 -16.29 7.81 -3.45
N LEU B 124 -15.77 6.58 -3.41
CA LEU B 124 -16.41 5.51 -2.66
C LEU B 124 -15.75 5.32 -1.30
N ARG B 125 -16.55 4.91 -0.31
CA ARG B 125 -16.03 4.49 0.98
C ARG B 125 -16.21 2.97 1.12
N ILE B 126 -15.11 2.26 1.35
CA ILE B 126 -15.14 0.80 1.37
C ILE B 126 -14.62 0.23 2.68
N VAL B 127 -15.45 -0.60 3.33
CA VAL B 127 -15.10 -1.23 4.60
C VAL B 127 -14.69 -2.69 4.41
N GLY B 128 -13.67 -3.13 5.14
CA GLY B 128 -13.26 -4.52 5.10
C GLY B 128 -13.22 -5.17 6.48
N VAL B 129 -13.69 -6.40 6.56
CA VAL B 129 -13.59 -7.20 7.79
C VAL B 129 -12.93 -8.54 7.48
N SER B 130 -11.74 -8.78 8.03
CA SER B 130 -10.98 -9.99 7.71
C SER B 130 -11.34 -11.19 8.58
N GLY B 131 -11.12 -12.38 8.04
CA GLY B 131 -11.27 -13.61 8.81
C GLY B 131 -12.62 -14.29 8.76
N ILE B 132 -12.71 -15.44 9.43
CA ILE B 132 -13.99 -16.11 9.62
C ILE B 132 -14.29 -16.26 11.12
N TYR B 133 -15.54 -16.58 11.43
CA TYR B 133 -15.98 -16.57 12.82
C TYR B 133 -15.78 -17.89 13.56
N LYS B 134 -15.21 -17.80 14.76
CA LYS B 134 -15.19 -18.91 15.71
C LYS B 134 -15.35 -18.36 17.12
N SER B 135 -16.44 -18.74 17.78
CA SER B 135 -16.83 -18.17 19.06
C SER B 135 -15.74 -18.25 20.12
N PHE B 136 -15.00 -19.36 20.14
CA PHE B 136 -14.00 -19.61 21.17
C PHE B 136 -12.77 -18.70 21.06
N ASP B 137 -12.53 -18.14 19.88
CA ASP B 137 -11.40 -17.23 19.66
C ASP B 137 -11.82 -15.77 19.57
N GLU B 138 -13.13 -15.55 19.67
CA GLU B 138 -13.76 -14.25 19.44
C GLU B 138 -13.26 -13.11 20.34
N LYS B 139 -13.04 -13.39 21.62
CA LYS B 139 -12.65 -12.34 22.57
C LYS B 139 -11.16 -12.37 22.87
N LYS B 140 -10.43 -13.19 22.12
CA LYS B 140 -9.02 -13.43 22.37
C LYS B 140 -8.11 -12.41 21.67
N PRO B 141 -7.05 -11.97 22.34
CA PRO B 141 -6.15 -10.94 21.80
C PRO B 141 -5.22 -11.50 20.73
N TYR B 142 -4.54 -10.62 20.02
CA TYR B 142 -3.46 -11.02 19.13
C TYR B 142 -2.16 -10.98 19.91
N THR B 143 -1.32 -12.01 19.74
CA THR B 143 0.01 -11.99 20.32
C THR B 143 1.06 -11.80 19.23
N TYR B 144 1.97 -10.86 19.46
CA TYR B 144 2.96 -10.48 18.48
C TYR B 144 4.35 -10.58 19.11
N PRO B 145 5.35 -11.06 18.35
CA PRO B 145 5.32 -11.49 16.95
C PRO B 145 4.61 -12.82 16.75
N PRO B 146 4.17 -13.11 15.52
CA PRO B 146 3.45 -14.37 15.25
C PRO B 146 4.28 -15.60 15.61
N SER B 147 3.59 -16.63 16.10
CA SER B 147 4.20 -17.93 16.37
C SER B 147 3.45 -18.98 15.56
N PRO B 148 4.17 -19.99 15.06
CA PRO B 148 3.60 -21.10 14.27
C PRO B 148 2.42 -21.77 14.97
N ASN B 149 2.44 -21.78 16.31
CA ASN B 149 1.35 -22.34 17.09
C ASN B 149 0.02 -21.59 16.90
N ASP B 150 0.11 -20.36 16.40
CA ASP B 150 -1.08 -19.52 16.22
C ASP B 150 -1.73 -19.65 14.84
N VAL B 151 -1.23 -20.60 14.04
CA VAL B 151 -1.74 -20.81 12.68
C VAL B 151 -3.24 -21.11 12.67
N VAL B 152 -3.74 -21.71 13.75
CA VAL B 152 -5.14 -22.13 13.83
C VAL B 152 -6.08 -21.03 14.32
N SER B 153 -5.54 -19.97 14.91
CA SER B 153 -6.39 -18.97 15.56
C SER B 153 -6.28 -17.55 14.96
N LEU B 154 -5.15 -17.27 14.31
CA LEU B 154 -4.88 -15.93 13.78
C LEU B 154 -5.95 -15.37 12.84
N PHE B 155 -6.55 -16.24 12.04
CA PHE B 155 -7.52 -15.80 11.03
C PHE B 155 -8.95 -15.76 11.59
N HIS B 156 -9.07 -15.90 12.90
CA HIS B 156 -10.39 -15.85 13.53
C HIS B 156 -10.81 -14.42 13.87
N THR B 157 -11.93 -13.99 13.29
CA THR B 157 -12.43 -12.62 13.48
C THR B 157 -12.69 -12.31 14.94
N ARG B 158 -12.17 -11.18 15.41
CA ARG B 158 -12.32 -10.77 16.80
C ARG B 158 -13.54 -9.87 16.96
N ASN B 159 -14.22 -9.99 18.11
CA ASN B 159 -15.44 -9.22 18.35
C ASN B 159 -15.21 -7.70 18.37
N TYR B 160 -14.02 -7.28 18.78
CA TYR B 160 -13.73 -5.85 18.97
C TYR B 160 -13.85 -5.03 17.68
N VAL B 161 -13.73 -5.68 16.54
CA VAL B 161 -13.82 -4.98 15.26
C VAL B 161 -15.19 -4.32 15.06
N ILE B 162 -16.20 -4.85 15.73
CA ILE B 162 -17.53 -4.26 15.73
C ILE B 162 -17.47 -2.82 16.22
N GLN B 163 -16.82 -2.61 17.35
CA GLN B 163 -16.70 -1.28 17.94
C GLN B 163 -15.82 -0.36 17.09
N MET B 164 -14.81 -0.92 16.43
CA MET B 164 -13.90 -0.11 15.62
C MET B 164 -14.61 0.48 14.40
N LEU B 165 -15.59 -0.24 13.89
CA LEU B 165 -16.24 0.10 12.63
C LEU B 165 -17.63 0.73 12.82
N SER B 166 -18.16 0.67 14.04
CA SER B 166 -19.55 1.03 14.32
C SER B 166 -19.99 2.42 13.85
N ASN B 167 -19.13 3.43 14.03
CA ASN B 167 -19.52 4.81 13.76
C ASN B 167 -19.30 5.30 12.33
N LEU B 168 -18.82 4.41 11.45
CA LEU B 168 -18.31 4.83 10.15
C LEU B 168 -19.37 5.31 9.15
N SER B 169 -20.62 4.90 9.35
CA SER B 169 -21.70 5.35 8.47
C SER B 169 -22.35 6.65 8.93
N GLN B 170 -21.88 7.19 10.05
CA GLN B 170 -22.50 8.38 10.66
C GLN B 170 -22.34 9.66 9.83
N SER B 171 -21.19 9.83 9.17
CA SER B 171 -20.96 11.03 8.38
C SER B 171 -21.43 10.86 6.94
N SER B 172 -21.45 9.61 6.48
CA SER B 172 -21.94 9.25 5.15
C SER B 172 -22.12 7.74 5.07
N GLN B 173 -23.00 7.28 4.20
CA GLN B 173 -23.23 5.84 4.06
C GLN B 173 -22.02 5.15 3.44
N ILE B 174 -21.65 4.00 3.99
CA ILE B 174 -20.59 3.18 3.41
C ILE B 174 -21.09 2.63 2.07
N ASP B 175 -20.27 2.74 1.04
CA ASP B 175 -20.65 2.24 -0.28
C ASP B 175 -20.57 0.72 -0.35
N ILE B 176 -19.42 0.18 0.03
CA ILE B 176 -19.18 -1.26 -0.05
C ILE B 176 -18.54 -1.79 1.22
N SER B 177 -19.05 -2.91 1.73
CA SER B 177 -18.40 -3.59 2.83
C SER B 177 -17.97 -5.00 2.41
N LEU B 178 -16.79 -5.41 2.86
CA LEU B 178 -16.21 -6.71 2.49
C LEU B 178 -16.06 -7.62 3.69
N SER B 179 -16.46 -8.88 3.55
CA SER B 179 -16.17 -9.89 4.57
C SER B 179 -15.87 -11.22 3.91
N HIS B 180 -15.21 -12.13 4.61
CA HIS B 180 -14.95 -13.44 4.03
C HIS B 180 -16.17 -14.34 4.17
N ASP B 181 -16.47 -14.77 5.40
CA ASP B 181 -17.70 -15.53 5.62
C ASP B 181 -18.90 -14.58 5.62
N TRP B 182 -20.08 -15.14 5.38
CA TRP B 182 -21.29 -14.33 5.26
C TRP B 182 -21.72 -13.74 6.59
N PRO B 183 -22.41 -12.58 6.53
CA PRO B 183 -23.12 -12.10 7.72
C PRO B 183 -24.16 -13.12 8.12
N GLN B 184 -24.12 -13.56 9.38
CA GLN B 184 -25.07 -14.56 9.86
C GLN B 184 -26.51 -14.12 9.61
N GLY B 185 -27.32 -15.01 9.06
CA GLY B 185 -28.73 -14.70 8.83
C GLY B 185 -29.07 -14.19 7.44
N ILE B 186 -28.09 -13.60 6.75
CA ILE B 186 -28.34 -12.97 5.45
C ILE B 186 -28.91 -13.97 4.42
N VAL B 187 -28.60 -15.25 4.63
CA VAL B 187 -29.08 -16.31 3.73
C VAL B 187 -30.61 -16.33 3.64
N MET B 188 -31.27 -15.97 4.75
CA MET B 188 -32.73 -15.99 4.80
C MET B 188 -33.35 -14.75 4.13
N LYS B 189 -32.50 -13.81 3.75
CA LYS B 189 -32.97 -12.58 3.13
C LYS B 189 -32.84 -12.64 1.61
N GLY B 190 -32.56 -13.83 1.09
CA GLY B 190 -32.54 -14.05 -0.35
C GLY B 190 -33.41 -15.23 -0.73
N ASN B 191 -33.18 -15.77 -1.93
CA ASN B 191 -33.90 -16.96 -2.40
C ASN B 191 -33.23 -18.23 -1.88
N TYR B 192 -33.40 -18.51 -0.59
CA TYR B 192 -32.68 -19.61 0.05
C TYR B 192 -33.22 -20.98 -0.35
N LYS B 193 -34.48 -21.02 -0.77
CA LYS B 193 -35.08 -22.25 -1.27
C LYS B 193 -34.34 -22.72 -2.52
N GLN B 194 -34.03 -21.78 -3.40
CA GLN B 194 -33.37 -22.11 -4.66
C GLN B 194 -31.88 -22.35 -4.41
N LEU B 195 -31.32 -21.61 -3.46
CA LEU B 195 -29.93 -21.80 -3.07
C LEU B 195 -29.71 -23.23 -2.59
N TYR B 196 -30.63 -23.74 -1.78
CA TYR B 196 -30.51 -25.08 -1.21
C TYR B 196 -30.60 -26.15 -2.30
N ARG B 197 -31.27 -25.85 -3.41
CA ARG B 197 -31.40 -26.81 -4.49
C ARG B 197 -30.11 -26.93 -5.29
N PHE B 198 -29.26 -25.91 -5.18
CA PHE B 198 -27.96 -25.93 -5.82
C PHE B 198 -26.89 -26.28 -4.81
N GLN B 199 -27.08 -25.84 -3.57
CA GLN B 199 -26.14 -26.12 -2.49
C GLN B 199 -26.87 -26.76 -1.30
N PRO B 200 -27.24 -28.04 -1.44
CA PRO B 200 -28.01 -28.72 -0.39
C PRO B 200 -27.25 -28.77 0.93
N GLY B 201 -25.94 -28.60 0.89
CA GLY B 201 -25.12 -28.58 2.08
C GLY B 201 -25.39 -27.39 2.99
N PHE B 202 -25.87 -26.29 2.41
CA PHE B 202 -26.10 -25.06 3.16
C PHE B 202 -27.38 -25.18 3.98
N LYS B 203 -28.19 -26.18 3.65
CA LYS B 203 -29.53 -26.31 4.23
C LYS B 203 -29.52 -26.35 5.75
N LYS B 204 -28.51 -27.01 6.33
CA LYS B 204 -28.50 -27.32 7.76
C LYS B 204 -28.28 -26.16 8.73
N ASP B 205 -27.33 -25.27 8.43
CA ASP B 205 -27.03 -24.14 9.31
C ASP B 205 -28.24 -23.23 9.49
N GLY B 206 -29.18 -23.30 8.54
CA GLY B 206 -30.38 -22.48 8.58
C GLY B 206 -30.00 -21.03 8.63
N ALA B 207 -30.70 -20.26 9.44
CA ALA B 207 -30.40 -18.85 9.61
C ALA B 207 -29.07 -18.60 10.33
N SER B 208 -28.52 -19.65 10.95
CA SER B 208 -27.29 -19.50 11.74
C SER B 208 -26.04 -19.45 10.87
N LEU B 209 -26.19 -19.75 9.58
CA LEU B 209 -25.09 -19.72 8.62
C LEU B 209 -24.35 -18.40 8.63
N GLY B 210 -23.04 -18.43 8.92
CA GLY B 210 -22.22 -17.24 8.81
C GLY B 210 -21.72 -16.66 10.11
N SER B 211 -21.28 -15.40 10.05
CA SER B 211 -20.63 -14.72 11.17
C SER B 211 -21.54 -13.70 11.87
N PRO B 212 -21.77 -13.89 13.18
CA PRO B 212 -22.54 -12.93 13.95
C PRO B 212 -21.87 -11.55 14.03
N ILE B 213 -20.54 -11.53 13.94
CA ILE B 213 -19.80 -10.27 13.93
C ILE B 213 -20.10 -9.47 12.66
N ASN B 214 -20.06 -10.15 11.52
CA ASN B 214 -20.39 -9.51 10.25
C ASN B 214 -21.87 -9.12 10.20
N LYS B 215 -22.71 -9.88 10.87
CA LYS B 215 -24.13 -9.57 10.97
C LYS B 215 -24.35 -8.22 11.65
N VAL B 216 -23.70 -8.04 12.81
CA VAL B 216 -23.84 -6.80 13.59
C VAL B 216 -23.30 -5.60 12.82
N ILE B 217 -22.17 -5.79 12.16
CA ILE B 217 -21.56 -4.73 11.36
C ILE B 217 -22.48 -4.33 10.19
N LEU B 218 -23.05 -5.32 9.53
CA LEU B 218 -24.01 -5.06 8.44
C LEU B 218 -25.20 -4.25 8.95
N ASN B 219 -25.75 -4.66 10.09
CA ASN B 219 -26.92 -3.99 10.65
C ASN B 219 -26.63 -2.57 11.17
N THR B 220 -25.37 -2.29 11.44
CA THR B 220 -24.97 -0.99 11.99
C THR B 220 -24.60 0.01 10.90
N LEU B 221 -23.84 -0.46 9.91
CA LEU B 221 -23.37 0.40 8.84
C LEU B 221 -24.40 0.54 7.70
N LYS B 222 -25.19 -0.51 7.52
CA LYS B 222 -26.16 -0.60 6.42
C LYS B 222 -25.60 -0.07 5.10
N PRO B 223 -24.48 -0.66 4.63
CA PRO B 223 -23.85 -0.15 3.40
C PRO B 223 -24.73 -0.45 2.19
N LYS B 224 -24.42 0.16 1.05
CA LYS B 224 -25.16 -0.09 -0.18
C LYS B 224 -24.94 -1.53 -0.66
N TYR B 225 -23.70 -2.02 -0.52
CA TYR B 225 -23.37 -3.38 -0.91
C TYR B 225 -22.62 -4.09 0.22
N TRP B 226 -22.91 -5.38 0.39
CA TRP B 226 -22.07 -6.24 1.21
C TRP B 226 -21.61 -7.40 0.35
N ILE B 227 -20.30 -7.58 0.23
CA ILE B 227 -19.73 -8.62 -0.61
C ILE B 227 -18.95 -9.62 0.21
N SER B 228 -19.23 -10.90 0.02
CA SER B 228 -18.57 -11.97 0.76
C SER B 228 -18.15 -13.10 -0.17
N GLY B 229 -17.11 -13.81 0.24
CA GLY B 229 -16.67 -14.98 -0.50
C GLY B 229 -16.92 -16.22 0.34
N HIS B 230 -15.87 -17.00 0.57
CA HIS B 230 -15.91 -18.18 1.43
C HIS B 230 -16.81 -19.33 0.97
N MET B 231 -18.06 -19.04 0.61
CA MET B 231 -19.06 -20.11 0.41
C MET B 231 -19.10 -20.79 -0.97
N HIS B 232 -18.26 -20.33 -1.91
CA HIS B 232 -18.17 -20.94 -3.24
C HIS B 232 -19.48 -20.99 -4.03
N CYS B 233 -20.23 -19.90 -4.03
CA CYS B 233 -21.45 -19.87 -4.81
C CYS B 233 -21.81 -18.44 -5.14
N GLU B 234 -22.65 -18.24 -6.15
CA GLU B 234 -23.25 -16.94 -6.36
C GLU B 234 -24.54 -16.89 -5.56
N TYR B 235 -24.74 -15.80 -4.83
CA TYR B 235 -25.97 -15.60 -4.09
C TYR B 235 -26.25 -14.11 -3.97
N HIS B 236 -27.52 -13.77 -3.95
CA HIS B 236 -27.95 -12.38 -3.79
C HIS B 236 -29.02 -12.32 -2.71
N ALA B 237 -28.96 -11.27 -1.90
CA ALA B 237 -29.97 -11.03 -0.89
C ALA B 237 -30.08 -9.53 -0.65
N GLU B 238 -31.17 -9.12 -0.02
CA GLU B 238 -31.38 -7.72 0.30
C GLU B 238 -31.74 -7.58 1.77
N GLU B 239 -31.01 -6.75 2.50
CA GLU B 239 -31.32 -6.44 3.89
C GLU B 239 -31.50 -4.92 3.99
N GLY B 240 -32.74 -4.46 3.88
CA GLY B 240 -33.01 -3.03 3.85
C GLY B 240 -32.35 -2.37 2.66
N PRO B 241 -31.46 -1.40 2.91
CA PRO B 241 -30.78 -0.65 1.87
C PRO B 241 -29.54 -1.37 1.35
N THR B 242 -29.27 -2.54 1.92
CA THR B 242 -28.05 -3.28 1.61
C THR B 242 -28.29 -4.38 0.58
N HIS B 243 -27.47 -4.40 -0.47
CA HIS B 243 -27.48 -5.49 -1.43
C HIS B 243 -26.38 -6.46 -1.08
N PHE B 244 -26.74 -7.67 -0.68
CA PHE B 244 -25.73 -8.69 -0.37
C PHE B 244 -25.36 -9.46 -1.63
N ILE B 245 -24.07 -9.59 -1.87
CA ILE B 245 -23.56 -10.37 -3.00
C ILE B 245 -22.53 -11.39 -2.51
N ALA B 246 -22.78 -12.66 -2.79
CA ALA B 246 -21.78 -13.69 -2.48
C ALA B 246 -21.11 -14.14 -3.76
N LEU B 247 -19.81 -14.39 -3.69
CA LEU B 247 -19.04 -14.75 -4.87
C LEU B 247 -18.41 -16.13 -4.73
N GLY B 248 -18.18 -16.76 -5.88
CA GLY B 248 -17.62 -18.11 -5.89
C GLY B 248 -16.11 -18.15 -5.81
N LYS B 249 -15.56 -19.29 -6.21
CA LYS B 249 -14.14 -19.57 -6.05
C LYS B 249 -13.44 -19.55 -7.40
N ILE B 250 -12.31 -18.86 -7.49
CA ILE B 250 -11.55 -18.75 -8.74
C ILE B 250 -11.33 -20.11 -9.39
N GLY B 251 -11.71 -20.22 -10.66
CA GLY B 251 -11.71 -21.50 -11.35
C GLY B 251 -13.13 -21.85 -11.74
N TYR B 252 -14.06 -20.99 -11.34
CA TYR B 252 -15.48 -21.16 -11.65
C TYR B 252 -16.08 -19.85 -12.15
N LYS B 253 -17.18 -19.93 -12.89
CA LYS B 253 -17.81 -18.75 -13.47
C LYS B 253 -18.40 -17.80 -12.42
N ASN B 254 -18.77 -18.35 -11.26
CA ASN B 254 -19.38 -17.54 -10.20
C ASN B 254 -18.37 -16.80 -9.30
N ALA B 255 -17.10 -16.84 -9.70
CA ALA B 255 -16.02 -16.28 -8.87
C ALA B 255 -15.84 -14.78 -9.06
N ILE B 256 -16.13 -14.29 -10.26
CA ILE B 256 -15.91 -12.90 -10.61
C ILE B 256 -17.17 -12.22 -11.13
N SER B 257 -17.52 -11.09 -10.53
CA SER B 257 -18.61 -10.27 -11.04
C SER B 257 -18.14 -8.82 -11.12
N TYR B 258 -19.01 -7.94 -11.59
CA TYR B 258 -18.63 -6.55 -11.81
C TYR B 258 -19.69 -5.57 -11.32
N LEU B 259 -19.26 -4.61 -10.50
CA LEU B 259 -20.14 -3.53 -10.06
C LEU B 259 -19.98 -2.32 -10.97
N ASP B 260 -21.09 -1.91 -11.57
CA ASP B 260 -21.12 -0.72 -12.40
C ASP B 260 -21.63 0.44 -11.55
N LEU B 261 -20.70 1.18 -10.95
CA LEU B 261 -21.04 2.24 -10.02
C LEU B 261 -20.80 3.62 -10.64
N PRO B 262 -21.66 4.59 -10.32
CA PRO B 262 -21.47 5.97 -10.78
C PRO B 262 -20.12 6.53 -10.36
N LEU B 263 -19.46 7.24 -11.27
CA LEU B 263 -18.17 7.85 -10.99
C LEU B 263 -18.26 9.37 -10.97
N LYS B 264 -18.30 9.94 -9.77
CA LYS B 264 -18.34 11.39 -9.60
C LYS B 264 -16.95 11.99 -9.72
N GLN B 265 -16.01 11.41 -8.97
CA GLN B 265 -14.62 11.88 -8.96
C GLN B 265 -13.69 10.69 -9.12
N LYS B 266 -12.65 10.85 -9.93
CA LYS B 266 -11.60 9.85 -9.98
C LYS B 266 -10.52 10.24 -8.98
N THR B 267 -10.26 9.36 -8.01
CA THR B 267 -9.36 9.70 -6.91
C THR B 267 -8.48 8.51 -6.53
N ASP B 268 -7.21 8.79 -6.29
CA ASP B 268 -6.27 7.75 -5.85
C ASP B 268 -6.74 7.08 -4.56
N LEU B 269 -6.19 5.91 -4.28
CA LEU B 269 -6.47 5.21 -3.03
C LEU B 269 -6.05 6.07 -1.85
N GLU B 270 -6.97 6.27 -0.91
CA GLU B 270 -6.72 7.12 0.26
C GLU B 270 -7.23 6.45 1.52
N TYR B 271 -6.66 6.83 2.66
CA TYR B 271 -7.21 6.38 3.94
C TYR B 271 -8.51 7.13 4.19
N ASP B 272 -9.48 6.46 4.81
CA ASP B 272 -10.72 7.13 5.16
C ASP B 272 -10.49 7.98 6.41
N LYS B 273 -10.97 9.21 6.39
CA LYS B 273 -10.70 10.17 7.47
C LYS B 273 -11.33 9.75 8.79
N ASP B 274 -12.58 9.28 8.74
CA ASP B 274 -13.26 8.81 9.94
C ASP B 274 -12.54 7.60 10.53
N TRP B 275 -12.06 6.71 9.65
CA TRP B 275 -11.32 5.54 10.10
C TRP B 275 -9.99 5.92 10.76
N VAL B 276 -9.28 6.86 10.16
CA VAL B 276 -8.01 7.33 10.72
C VAL B 276 -8.23 7.89 12.13
N CYS B 277 -9.32 8.64 12.32
CA CYS B 277 -9.62 9.19 13.63
C CYS B 277 -9.90 8.09 14.65
N ASN B 278 -10.66 7.08 14.23
CA ASN B 278 -10.91 5.92 15.08
C ASN B 278 -9.62 5.20 15.43
N LEU B 279 -8.73 5.12 14.45
CA LEU B 279 -7.46 4.43 14.62
C LEU B 279 -6.58 5.10 15.69
N ILE B 280 -6.44 6.42 15.62
CA ILE B 280 -5.64 7.16 16.59
C ILE B 280 -6.29 7.20 17.97
N MET B 281 -7.60 7.42 18.00
CA MET B 281 -8.32 7.58 19.27
C MET B 281 -8.36 6.28 20.08
N THR B 282 -8.15 5.15 19.41
CA THR B 282 -8.12 3.86 20.10
C THR B 282 -6.71 3.39 20.47
N TRP B 283 -5.69 4.22 20.17
CA TRP B 283 -4.30 3.85 20.45
C TRP B 283 -4.00 3.24 21.84
N PRO B 284 -4.57 3.81 22.93
CA PRO B 284 -4.29 3.23 24.25
C PRO B 284 -4.59 1.73 24.35
N ALA B 285 -5.56 1.25 23.58
CA ALA B 285 -5.94 -0.16 23.63
C ALA B 285 -4.94 -1.05 22.89
N PHE B 286 -4.14 -0.44 22.01
CA PHE B 286 -3.19 -1.19 21.19
C PHE B 286 -1.74 -0.87 21.54
N SER B 287 -1.53 -0.18 22.65
CA SER B 287 -0.20 0.33 23.01
C SER B 287 0.83 -0.76 23.33
N ASN B 288 0.38 -1.91 23.81
CA ASN B 288 1.27 -3.04 24.05
C ASN B 288 1.47 -3.84 22.76
N LYS B 289 2.65 -3.71 22.16
CA LYS B 289 2.94 -4.36 20.89
C LYS B 289 2.91 -5.88 20.97
N ALA B 290 3.03 -6.41 22.19
CA ALA B 290 3.10 -7.84 22.40
C ALA B 290 1.72 -8.48 22.53
N GLN B 291 0.72 -7.66 22.85
CA GLN B 291 -0.64 -8.15 23.01
C GLN B 291 -1.67 -7.03 22.84
N PHE B 292 -2.50 -7.15 21.80
CA PHE B 292 -3.49 -6.13 21.49
C PHE B 292 -4.73 -6.77 20.85
N PRO B 293 -5.91 -6.18 21.07
CA PRO B 293 -6.10 -4.99 21.91
C PRO B 293 -6.17 -5.37 23.38
N ASP B 294 -5.88 -4.40 24.24
CA ASP B 294 -6.10 -4.55 25.67
C ASP B 294 -7.51 -4.11 25.97
N LEU B 295 -8.41 -5.08 26.11
CA LEU B 295 -9.83 -4.78 26.26
C LEU B 295 -10.24 -4.48 27.70
N SER B 296 -9.26 -4.10 28.52
CA SER B 296 -9.56 -3.48 29.80
C SER B 296 -10.10 -2.09 29.47
N TYR B 297 -9.71 -1.61 28.30
CA TYR B 297 -10.29 -0.41 27.71
C TYR B 297 -11.59 -0.77 27.00
N SER B 298 -12.58 0.12 27.11
CA SER B 298 -13.76 0.04 26.25
C SER B 298 -13.46 0.81 24.98
N ILE B 299 -13.45 0.10 23.85
CA ILE B 299 -13.21 0.73 22.55
C ILE B 299 -14.24 1.83 22.31
N SER B 300 -15.49 1.53 22.62
CA SER B 300 -16.58 2.50 22.49
C SER B 300 -16.32 3.75 23.32
N GLU B 301 -15.83 3.55 24.54
CA GLU B 301 -15.47 4.66 25.43
C GLU B 301 -14.38 5.54 24.82
N LEU B 302 -13.35 4.89 24.26
CA LEU B 302 -12.24 5.62 23.65
C LEU B 302 -12.74 6.44 22.46
N LEU B 303 -13.61 5.82 21.66
CA LEU B 303 -14.14 6.46 20.46
C LEU B 303 -15.14 7.57 20.78
N SER B 304 -15.74 7.52 21.97
CA SER B 304 -16.73 8.52 22.38
C SER B 304 -16.06 9.88 22.57
N LYS B 305 -14.74 9.91 22.61
CA LYS B 305 -13.98 11.14 22.82
C LYS B 305 -13.70 11.93 21.54
N ARG B 306 -14.14 11.40 20.40
CA ARG B 306 -13.95 12.12 19.14
C ARG B 306 -14.72 13.43 19.13
N THR B 307 -14.04 14.49 18.69
CA THR B 307 -14.68 15.80 18.50
C THR B 307 -14.31 16.31 17.12
N LYS B 308 -15.05 17.31 16.65
CA LYS B 308 -14.77 17.92 15.35
C LYS B 308 -13.37 18.55 15.31
N GLU B 309 -13.00 19.23 16.39
CA GLU B 309 -11.73 19.94 16.44
C GLU B 309 -10.55 18.97 16.60
N LEU B 310 -10.79 17.88 17.33
CA LEU B 310 -9.78 16.86 17.54
C LEU B 310 -9.58 16.04 16.27
N ASP B 311 -10.68 15.74 15.59
CA ASP B 311 -10.64 15.05 14.30
C ASP B 311 -9.80 15.84 13.31
N LYS B 312 -10.07 17.14 13.24
CA LYS B 312 -9.37 18.04 12.31
C LYS B 312 -7.86 17.99 12.55
N LYS B 313 -7.47 17.93 13.81
CA LYS B 313 -6.06 17.91 14.19
C LYS B 313 -5.41 16.57 13.84
N ILE B 314 -6.16 15.48 14.02
CA ILE B 314 -5.67 14.15 13.66
C ILE B 314 -5.38 14.03 12.16
N ILE B 315 -6.33 14.50 11.35
CA ILE B 315 -6.16 14.48 9.90
C ILE B 315 -4.93 15.27 9.49
N GLU B 316 -4.78 16.46 10.09
CA GLU B 316 -3.62 17.31 9.85
C GLU B 316 -2.31 16.58 10.14
N LEU B 317 -2.24 15.95 11.30
CA LEU B 317 -1.04 15.21 11.70
C LEU B 317 -0.81 13.95 10.86
N TRP B 318 -1.89 13.25 10.54
CA TRP B 318 -1.80 12.05 9.72
C TRP B 318 -1.23 12.42 8.35
N GLU B 319 -1.80 13.46 7.76
CA GLU B 319 -1.36 13.97 6.46
C GLU B 319 0.12 14.30 6.46
N LYS B 320 0.58 14.84 7.58
CA LYS B 320 1.99 15.22 7.72
C LYS B 320 2.91 14.00 7.76
N TYR B 321 2.62 13.08 8.69
CA TYR B 321 3.53 11.96 8.95
C TYR B 321 3.39 10.80 7.98
N ILE B 322 2.15 10.53 7.55
CA ILE B 322 1.87 9.36 6.73
C ILE B 322 1.37 9.75 5.34
N GLY B 323 0.52 10.76 5.29
CA GLY B 323 -0.12 11.16 4.05
C GLY B 323 -1.47 10.47 3.92
N LEU B 324 -2.43 11.17 3.31
CA LEU B 324 -3.76 10.58 3.12
C LEU B 324 -3.77 9.62 1.95
N LYS B 325 -2.88 9.83 0.99
CA LYS B 325 -2.69 8.89 -0.11
C LYS B 325 -2.08 7.61 0.45
N ILE B 326 -2.68 6.48 0.11
CA ILE B 326 -2.11 5.18 0.45
C ILE B 326 -1.11 4.80 -0.62
N ILE B 327 0.17 4.76 -0.27
CA ILE B 327 1.21 4.57 -1.26
C ILE B 327 2.01 3.29 -1.05
N TYR B 328 2.64 2.81 -2.12
CA TYR B 328 3.43 1.60 -2.05
C TYR B 328 4.68 1.80 -1.21
N ASP B 329 4.88 0.88 -0.28
CA ASP B 329 6.00 0.87 0.65
C ASP B 329 6.58 -0.55 0.57
N SER B 330 7.88 -0.67 0.32
CA SER B 330 8.47 -1.99 0.14
C SER B 330 9.36 -2.43 1.30
N ASP B 331 9.25 -1.76 2.44
CA ASP B 331 9.95 -2.21 3.63
C ASP B 331 9.39 -3.57 4.05
N THR B 332 10.17 -4.35 4.79
CA THR B 332 9.68 -5.63 5.28
C THR B 332 8.47 -5.41 6.18
N PHE B 333 7.63 -6.43 6.31
CA PHE B 333 6.34 -6.28 6.97
C PHE B 333 6.47 -6.02 8.46
N ASP B 334 7.51 -6.58 9.09
CA ASP B 334 7.77 -6.32 10.50
C ASP B 334 8.22 -4.89 10.72
N ILE B 335 8.89 -4.31 9.72
CA ILE B 335 9.29 -2.91 9.78
C ILE B 335 8.05 -2.01 9.62
N GLN B 336 7.18 -2.38 8.70
CA GLN B 336 5.94 -1.63 8.48
C GLN B 336 5.03 -1.67 9.70
N PHE B 337 5.00 -2.82 10.38
CA PHE B 337 4.26 -2.96 11.64
C PHE B 337 4.71 -1.89 12.62
N THR B 338 6.02 -1.81 12.82
CA THR B 338 6.59 -0.89 13.80
C THR B 338 6.40 0.57 13.41
N SER B 339 6.70 0.88 12.15
CA SER B 339 6.60 2.25 11.66
C SER B 339 5.20 2.83 11.80
N ARG B 340 4.18 2.10 11.35
CA ARG B 340 2.81 2.61 11.38
C ARG B 340 2.32 2.83 12.81
N ARG B 341 2.65 1.92 13.71
CA ARG B 341 2.30 2.07 15.12
C ARG B 341 3.03 3.28 15.73
N PHE B 342 4.26 3.52 15.26
CA PHE B 342 5.05 4.65 15.75
C PHE B 342 4.33 5.97 15.52
N TYR B 343 3.81 6.14 14.31
CA TYR B 343 3.14 7.39 13.95
C TYR B 343 1.73 7.51 14.52
N ILE B 344 1.08 6.37 14.74
CA ILE B 344 -0.22 6.38 15.40
C ILE B 344 -0.03 6.87 16.83
N GLU B 345 1.01 6.36 17.49
CA GLU B 345 1.32 6.74 18.85
C GLU B 345 1.76 8.20 18.92
N LYS B 346 2.55 8.61 17.95
CA LYS B 346 3.06 9.98 17.90
C LYS B 346 1.91 10.96 17.75
N ILE B 347 0.99 10.66 16.84
CA ILE B 347 -0.17 11.52 16.64
C ILE B 347 -1.05 11.57 17.89
N TYR B 348 -1.33 10.41 18.49
CA TYR B 348 -2.12 10.38 19.72
C TYR B 348 -1.54 11.25 20.82
N ASN B 349 -0.23 11.15 21.02
CA ASN B 349 0.44 11.93 22.06
C ASN B 349 0.42 13.44 21.76
N GLU B 350 0.51 13.79 20.49
CA GLU B 350 0.50 15.19 20.08
C GLU B 350 -0.88 15.84 20.23
N LEU B 351 -1.91 15.02 20.41
CA LEU B 351 -3.24 15.52 20.69
C LEU B 351 -3.37 16.09 22.10
N ASN B 352 -2.55 15.57 23.02
CA ASN B 352 -2.64 15.98 24.41
C ASN B 352 -4.00 15.63 25.02
N ILE B 353 -4.04 14.60 25.85
CA ILE B 353 -5.28 14.22 26.52
C ILE B 353 -5.05 13.30 27.71
N GLN C 5 -55.39 10.38 11.76
CA GLN C 5 -55.58 11.03 13.06
C GLN C 5 -54.27 11.60 13.57
N ILE C 6 -54.35 12.37 14.65
CA ILE C 6 -53.18 13.06 15.19
C ILE C 6 -53.18 13.01 16.72
N GLN C 7 -52.04 12.68 17.32
CA GLN C 7 -51.91 12.73 18.76
C GLN C 7 -51.17 13.98 19.20
N HIS C 8 -51.67 14.60 20.26
CA HIS C 8 -51.06 15.79 20.81
C HIS C 8 -50.28 15.43 22.06
N ILE C 9 -48.97 15.64 22.01
CA ILE C 9 -48.06 15.23 23.05
C ILE C 9 -47.43 16.45 23.72
N ALA C 10 -47.65 16.58 25.02
CA ALA C 10 -47.07 17.69 25.76
C ALA C 10 -45.62 17.39 26.06
N ILE C 11 -44.73 18.33 25.71
CA ILE C 11 -43.32 18.19 26.03
C ILE C 11 -42.93 19.28 27.03
N VAL C 12 -42.29 18.88 28.12
CA VAL C 12 -42.02 19.79 29.23
C VAL C 12 -40.54 19.79 29.59
N GLY C 13 -39.99 20.97 29.85
CA GLY C 13 -38.61 21.11 30.24
C GLY C 13 -38.43 20.84 31.73
N CYS C 14 -37.65 21.68 32.40
CA CYS C 14 -37.36 21.52 33.83
C CYS C 14 -38.59 21.72 34.72
N VAL C 15 -38.95 20.71 35.51
CA VAL C 15 -40.15 20.77 36.33
C VAL C 15 -39.85 21.34 37.75
N HIS C 16 -38.66 21.03 38.27
CA HIS C 16 -38.21 21.44 39.61
C HIS C 16 -39.32 21.37 40.68
N GLY C 17 -39.99 20.22 40.75
CA GLY C 17 -41.02 19.99 41.76
C GLY C 17 -42.34 20.76 41.69
N LYS C 18 -42.62 21.40 40.56
CA LYS C 18 -43.83 22.22 40.43
C LYS C 18 -44.91 21.51 39.62
N TYR C 19 -45.36 20.38 40.15
CA TYR C 19 -46.30 19.52 39.44
C TYR C 19 -47.70 20.11 39.29
N ARG C 20 -48.21 20.72 40.36
CA ARG C 20 -49.52 21.34 40.32
C ARG C 20 -49.56 22.45 39.28
N GLU C 21 -48.51 23.25 39.23
CA GLU C 21 -48.39 24.33 38.26
CA GLU C 21 -48.41 24.32 38.24
C GLU C 21 -48.33 23.77 36.84
N MET C 22 -47.59 22.67 36.67
CA MET C 22 -47.46 22.03 35.36
C MET C 22 -48.80 21.48 34.87
N TYR C 23 -49.46 20.72 35.72
CA TYR C 23 -50.72 20.08 35.36
C TYR C 23 -51.85 21.09 35.16
N ARG C 24 -51.77 22.22 35.87
CA ARG C 24 -52.74 23.29 35.68
C ARG C 24 -52.64 23.86 34.26
N GLN C 25 -51.41 24.12 33.82
CA GLN C 25 -51.16 24.64 32.48
C GLN C 25 -51.63 23.69 31.39
N LEU C 26 -51.29 22.42 31.53
CA LEU C 26 -51.69 21.39 30.58
C LEU C 26 -53.22 21.30 30.51
N SER C 27 -53.87 21.44 31.66
CA SER C 27 -55.33 21.49 31.72
C SER C 27 -55.88 22.67 30.95
N GLU C 28 -55.27 23.84 31.13
CA GLU C 28 -55.69 25.05 30.42
C GLU C 28 -55.60 24.87 28.92
N TYR C 29 -54.53 24.21 28.46
CA TYR C 29 -54.34 23.92 27.04
C TYR C 29 -55.50 23.10 26.50
N GLU C 30 -55.83 22.01 27.19
CA GLU C 30 -56.97 21.17 26.82
C GLU C 30 -58.26 21.98 26.76
N LYS C 31 -58.55 22.75 27.80
CA LYS C 31 -59.74 23.60 27.85
C LYS C 31 -59.76 24.62 26.72
N SER C 32 -58.64 25.32 26.54
CA SER C 32 -58.56 26.42 25.59
C SER C 32 -58.59 25.99 24.12
N THR C 33 -57.90 24.89 23.81
CA THR C 33 -57.83 24.42 22.43
C THR C 33 -58.84 23.33 22.13
N GLY C 34 -59.41 22.72 23.17
CA GLY C 34 -60.33 21.61 22.99
C GLY C 34 -59.61 20.36 22.51
N LYS C 35 -58.28 20.43 22.48
CA LYS C 35 -57.47 19.31 22.04
C LYS C 35 -57.16 18.39 23.21
N GLU C 36 -57.18 17.09 22.96
CA GLU C 36 -56.87 16.11 23.99
C GLU C 36 -55.37 15.80 24.00
N ILE C 37 -54.79 15.87 25.20
CA ILE C 37 -53.39 15.48 25.40
C ILE C 37 -53.30 13.97 25.54
N SER C 38 -52.51 13.34 24.68
CA SER C 38 -52.34 11.89 24.71
C SER C 38 -51.51 11.48 25.92
N PHE C 39 -50.36 12.11 26.07
CA PHE C 39 -49.52 11.94 27.26
C PHE C 39 -48.52 13.09 27.39
N VAL C 40 -47.69 13.03 28.42
CA VAL C 40 -46.75 14.11 28.73
C VAL C 40 -45.33 13.56 28.85
N ILE C 41 -44.38 14.31 28.30
CA ILE C 41 -42.96 13.96 28.40
C ILE C 41 -42.22 15.07 29.13
N CYS C 42 -41.51 14.71 30.20
CA CYS C 42 -40.73 15.69 30.96
C CYS C 42 -39.24 15.36 30.86
N THR C 43 -38.41 16.38 30.68
CA THR C 43 -36.98 16.15 30.44
C THR C 43 -36.08 16.39 31.65
N GLY C 44 -36.61 16.26 32.85
CA GLY C 44 -35.76 16.18 34.03
C GLY C 44 -35.95 17.20 35.15
N ASP C 45 -35.07 17.09 36.15
CA ASP C 45 -35.18 17.84 37.41
C ASP C 45 -36.57 17.68 38.02
N MET C 46 -36.97 16.42 38.22
CA MET C 46 -38.31 16.09 38.66
C MET C 46 -38.47 16.19 40.17
N GLN C 47 -37.37 16.02 40.89
CA GLN C 47 -37.35 16.11 42.36
C GLN C 47 -38.43 15.24 43.00
N THR C 48 -38.39 13.95 42.70
CA THR C 48 -39.40 13.01 43.19
C THR C 48 -39.10 12.58 44.62
N LEU C 49 -39.05 13.53 45.54
CA LEU C 49 -38.80 13.25 46.94
C LEU C 49 -40.06 12.74 47.63
N ARG C 50 -39.98 11.52 48.17
CA ARG C 50 -41.12 10.88 48.82
C ARG C 50 -41.43 11.51 50.17
N TYR C 51 -40.39 11.71 50.98
CA TYR C 51 -40.53 12.26 52.33
C TYR C 51 -39.29 13.04 52.71
N GLU C 52 -39.35 13.76 53.83
CA GLU C 52 -38.29 14.66 54.27
C GLU C 52 -36.89 14.06 54.23
N ALA C 53 -36.78 12.78 54.53
CA ALA C 53 -35.48 12.10 54.56
C ALA C 53 -34.81 12.06 53.20
N ASP C 54 -35.61 12.13 52.13
CA ASP C 54 -35.09 12.09 50.77
C ASP C 54 -34.35 13.37 50.38
N LEU C 55 -34.54 14.43 51.16
CA LEU C 55 -33.85 15.70 50.93
C LEU C 55 -32.34 15.51 50.93
N VAL C 56 -31.90 14.53 51.70
CA VAL C 56 -30.50 14.18 51.81
C VAL C 56 -29.90 13.80 50.44
N TYR C 57 -30.73 13.27 49.54
CA TYR C 57 -30.26 12.84 48.22
C TYR C 57 -30.43 13.87 47.10
N LEU C 58 -30.95 15.04 47.47
CA LEU C 58 -31.14 16.12 46.50
C LEU C 58 -29.94 17.06 46.47
N LYS C 59 -29.25 17.11 45.32
CA LYS C 59 -28.11 18.00 45.14
C LYS C 59 -28.58 19.40 44.76
N VAL C 60 -28.71 20.27 45.75
CA VAL C 60 -29.08 21.67 45.56
C VAL C 60 -28.34 22.51 46.58
N PRO C 61 -28.17 23.82 46.31
CA PRO C 61 -27.64 24.67 47.37
C PRO C 61 -28.68 24.79 48.48
N PRO C 62 -28.25 25.12 49.71
CA PRO C 62 -29.15 25.17 50.88
C PRO C 62 -30.47 25.88 50.61
N LYS C 63 -30.45 26.94 49.82
CA LYS C 63 -31.64 27.75 49.52
C LYS C 63 -32.77 26.95 48.88
N TYR C 64 -32.42 25.91 48.12
CA TYR C 64 -33.42 25.13 47.42
C TYR C 64 -33.62 23.73 48.00
N LYS C 65 -33.19 23.54 49.25
CA LYS C 65 -33.50 22.31 49.96
C LYS C 65 -34.99 22.31 50.31
N GLN C 66 -35.81 22.03 49.31
CA GLN C 66 -37.26 22.09 49.45
C GLN C 66 -37.88 20.81 48.88
N MET C 67 -39.06 20.47 49.37
CA MET C 67 -39.73 19.23 48.96
C MET C 67 -40.36 19.32 47.58
N GLY C 68 -40.96 20.46 47.26
CA GLY C 68 -41.71 20.59 46.04
C GLY C 68 -43.08 19.95 46.19
N ASP C 69 -43.76 19.71 45.08
CA ASP C 69 -45.12 19.16 45.12
C ASP C 69 -45.19 17.64 45.10
N PHE C 70 -44.08 16.98 44.79
CA PHE C 70 -44.15 15.54 44.48
C PHE C 70 -44.80 14.68 45.56
N HIS C 71 -44.46 14.95 46.81
CA HIS C 71 -44.96 14.14 47.92
C HIS C 71 -46.49 14.11 47.95
N LEU C 72 -47.11 15.17 47.43
CA LEU C 72 -48.56 15.25 47.32
C LEU C 72 -49.12 14.14 46.44
N TYR C 73 -48.41 13.84 45.36
CA TYR C 73 -48.84 12.82 44.40
C TYR C 73 -48.49 11.42 44.91
N TYR C 74 -47.33 11.32 45.56
CA TYR C 74 -46.89 10.08 46.17
C TYR C 74 -47.89 9.60 47.23
N GLU C 75 -48.49 10.54 47.96
CA GLU C 75 -49.45 10.18 49.00
C GLU C 75 -50.88 10.08 48.50
N GLY C 76 -51.13 10.58 47.29
CA GLY C 76 -52.45 10.49 46.69
C GLY C 76 -53.33 11.69 46.97
N LYS C 77 -52.76 12.72 47.57
CA LYS C 77 -53.50 13.96 47.81
C LYS C 77 -53.80 14.65 46.49
N GLU C 78 -52.79 14.63 45.61
CA GLU C 78 -52.97 15.09 44.24
C GLU C 78 -52.79 13.90 43.31
N LYS C 79 -53.39 13.97 42.13
CA LYS C 79 -53.38 12.87 41.19
C LYS C 79 -53.10 13.38 39.78
N ALA C 80 -52.04 12.88 39.16
CA ALA C 80 -51.65 13.31 37.82
C ALA C 80 -52.72 12.96 36.79
N PRO C 81 -53.28 14.00 36.13
CA PRO C 81 -54.37 13.86 35.16
C PRO C 81 -53.93 13.25 33.83
N TYR C 82 -52.63 13.14 33.61
CA TYR C 82 -52.11 12.56 32.37
C TYR C 82 -50.97 11.59 32.65
N LEU C 83 -50.86 10.55 31.82
CA LEU C 83 -49.67 9.72 31.82
C LEU C 83 -48.47 10.62 31.56
N THR C 84 -47.48 10.56 32.44
CA THR C 84 -46.34 11.45 32.35
C THR C 84 -45.05 10.64 32.39
N LEU C 85 -44.26 10.72 31.33
CA LEU C 85 -43.00 9.97 31.21
C LEU C 85 -41.81 10.92 31.42
N PHE C 86 -40.82 10.49 32.20
CA PHE C 86 -39.66 11.33 32.46
C PHE C 86 -38.33 10.61 32.55
N ILE C 87 -37.28 11.43 32.42
CA ILE C 87 -35.91 11.02 32.66
C ILE C 87 -35.39 11.87 33.81
N GLY C 88 -34.24 11.48 34.36
CA GLY C 88 -33.66 12.22 35.46
C GLY C 88 -32.76 13.35 35.00
N GLY C 89 -32.65 14.39 35.83
CA GLY C 89 -31.74 15.50 35.54
C GLY C 89 -30.65 15.61 36.59
N ASN C 90 -30.38 16.83 37.05
CA ASN C 90 -29.36 17.04 38.07
C ASN C 90 -29.93 17.41 39.45
N HIS C 91 -31.22 17.74 39.50
CA HIS C 91 -31.91 17.98 40.76
C HIS C 91 -32.95 16.88 40.95
N GLU C 92 -32.54 15.81 41.64
CA GLU C 92 -33.39 14.64 41.79
C GLU C 92 -33.25 14.03 43.18
N SER C 93 -34.25 13.24 43.58
CA SER C 93 -34.08 12.33 44.70
C SER C 93 -33.36 11.13 44.12
N SER C 94 -32.05 11.24 44.00
CA SER C 94 -31.24 10.27 43.27
C SER C 94 -31.31 8.86 43.84
N ASN C 95 -31.63 8.75 45.13
CA ASN C 95 -31.84 7.45 45.74
C ASN C 95 -33.03 6.73 45.11
N VAL C 96 -34.13 7.45 44.96
CA VAL C 96 -35.33 6.92 44.32
C VAL C 96 -35.02 6.45 42.91
N LEU C 97 -34.32 7.29 42.16
CA LEU C 97 -33.99 7.00 40.77
C LEU C 97 -33.04 5.80 40.65
N LEU C 98 -32.18 5.61 41.63
CA LEU C 98 -31.28 4.45 41.64
C LEU C 98 -32.07 3.16 41.84
N HIS C 99 -33.01 3.18 42.78
CA HIS C 99 -33.90 2.04 43.00
C HIS C 99 -34.62 1.66 41.71
N LEU C 100 -35.02 2.67 40.96
CA LEU C 100 -35.76 2.46 39.71
C LEU C 100 -34.89 2.68 38.48
N TYR C 101 -33.62 2.26 38.56
CA TYR C 101 -32.71 2.45 37.43
C TYR C 101 -33.13 1.64 36.21
N ASN C 102 -33.90 0.59 36.43
CA ASN C 102 -34.48 -0.18 35.33
C ASN C 102 -35.87 0.37 34.97
N GLY C 103 -36.11 1.62 35.35
CA GLY C 103 -37.39 2.27 35.10
C GLY C 103 -38.44 1.88 36.10
N GLY C 104 -39.50 2.67 36.20
CA GLY C 104 -40.60 2.36 37.11
C GLY C 104 -41.49 3.52 37.46
N PHE C 105 -42.69 3.22 37.96
CA PHE C 105 -43.62 4.25 38.41
C PHE C 105 -43.24 4.76 39.80
N VAL C 106 -43.07 6.08 39.91
CA VAL C 106 -42.80 6.72 41.19
C VAL C 106 -44.10 7.02 41.91
N CYS C 107 -45.18 7.09 41.13
CA CYS C 107 -46.55 7.23 41.64
C CYS C 107 -47.49 7.07 40.46
N PHE C 108 -48.79 7.12 40.70
CA PHE C 108 -49.78 6.95 39.63
C PHE C 108 -49.55 7.95 38.48
N ASN C 109 -49.54 7.43 37.26
CA ASN C 109 -49.40 8.25 36.05
C ASN C 109 -48.05 8.97 35.88
N MET C 110 -47.04 8.57 36.65
CA MET C 110 -45.69 9.13 36.47
C MET C 110 -44.67 8.02 36.32
N TYR C 111 -44.20 7.80 35.09
CA TYR C 111 -43.24 6.75 34.81
C TYR C 111 -41.83 7.27 34.53
N TYR C 112 -40.88 6.78 35.32
CA TYR C 112 -39.47 7.09 35.13
C TYR C 112 -38.88 6.08 34.15
N LEU C 113 -38.12 6.56 33.17
CA LEU C 113 -37.56 5.67 32.15
C LEU C 113 -36.26 4.98 32.58
N GLY C 114 -35.80 5.26 33.80
CA GLY C 114 -34.58 4.64 34.29
C GLY C 114 -33.34 5.39 33.86
N VAL C 115 -32.18 4.80 34.14
CA VAL C 115 -30.89 5.35 33.70
C VAL C 115 -30.94 5.62 32.21
N CYS C 116 -31.48 4.64 31.48
CA CYS C 116 -31.77 4.78 30.07
C CYS C 116 -32.66 3.62 29.66
N SER C 117 -33.54 3.85 28.69
CA SER C 117 -34.37 2.79 28.12
C SER C 117 -35.10 3.29 26.87
N CYS C 118 -35.87 2.39 26.27
CA CYS C 118 -36.75 2.75 25.17
C CYS C 118 -38.13 2.18 25.48
N ILE C 119 -39.18 2.98 25.29
CA ILE C 119 -40.53 2.51 25.50
C ILE C 119 -41.34 2.67 24.22
N ASN C 120 -42.53 2.08 24.20
CA ASN C 120 -43.45 2.22 23.08
C ASN C 120 -44.79 2.76 23.55
N ILE C 121 -45.32 3.73 22.81
CA ILE C 121 -46.68 4.23 23.09
C ILE C 121 -47.26 4.84 21.82
N ASN C 122 -48.51 4.50 21.53
CA ASN C 122 -49.20 4.99 20.34
C ASN C 122 -48.40 4.91 19.05
N GLY C 123 -47.72 3.77 18.86
CA GLY C 123 -46.95 3.56 17.63
C GLY C 123 -45.67 4.36 17.56
N LEU C 124 -45.30 5.00 18.66
CA LEU C 124 -44.04 5.73 18.75
C LEU C 124 -43.01 4.93 19.52
N ARG C 125 -41.73 5.11 19.16
CA ARG C 125 -40.62 4.56 19.95
C ARG C 125 -39.85 5.71 20.59
N ILE C 126 -39.73 5.68 21.91
CA ILE C 126 -39.18 6.81 22.67
C ILE C 126 -38.02 6.39 23.57
N VAL C 127 -36.88 7.05 23.39
CA VAL C 127 -35.65 6.74 24.13
C VAL C 127 -35.36 7.82 25.18
N GLY C 128 -34.91 7.42 26.36
CA GLY C 128 -34.54 8.38 27.38
C GLY C 128 -33.12 8.20 27.88
N VAL C 129 -32.43 9.32 28.12
CA VAL C 129 -31.08 9.29 28.69
C VAL C 129 -31.02 10.21 29.91
N SER C 130 -30.86 9.63 31.10
CA SER C 130 -30.93 10.41 32.33
C SER C 130 -29.61 11.06 32.75
N GLY C 131 -29.72 12.15 33.50
CA GLY C 131 -28.57 12.79 34.11
C GLY C 131 -27.92 13.90 33.33
N ILE C 132 -26.84 14.45 33.87
CA ILE C 132 -26.00 15.40 33.15
C ILE C 132 -24.56 14.89 33.13
N TYR C 133 -23.76 15.46 32.23
CA TYR C 133 -22.42 14.96 31.99
C TYR C 133 -21.35 15.57 32.89
N LYS C 134 -20.54 14.70 33.48
CA LYS C 134 -19.30 15.10 34.16
C LYS C 134 -18.22 14.07 33.84
N SER C 135 -17.14 14.52 33.21
CA SER C 135 -16.09 13.61 32.71
C SER C 135 -15.51 12.70 33.79
N PHE C 136 -15.42 13.21 35.02
CA PHE C 136 -14.80 12.45 36.11
C PHE C 136 -15.63 11.29 36.66
N ASP C 137 -16.95 11.36 36.54
CA ASP C 137 -17.82 10.27 37.01
C ASP C 137 -18.30 9.38 35.86
N GLU C 138 -17.78 9.65 34.66
CA GLU C 138 -18.27 9.02 33.43
C GLU C 138 -18.06 7.50 33.41
N LYS C 139 -17.02 7.02 34.09
CA LYS C 139 -16.68 5.59 34.06
C LYS C 139 -16.91 4.93 35.42
N LYS C 140 -17.52 5.69 36.33
CA LYS C 140 -17.82 5.21 37.68
C LYS C 140 -19.00 4.25 37.65
N PRO C 141 -18.98 3.20 38.49
CA PRO C 141 -20.15 2.32 38.58
C PRO C 141 -21.12 2.83 39.62
N TYR C 142 -22.37 2.37 39.57
CA TYR C 142 -23.32 2.67 40.62
C TYR C 142 -23.06 1.74 41.81
N THR C 143 -23.11 2.29 43.02
CA THR C 143 -23.01 1.48 44.22
C THR C 143 -24.40 1.40 44.86
N TYR C 144 -24.81 0.18 45.21
CA TYR C 144 -26.13 -0.04 45.78
C TYR C 144 -26.01 -0.84 47.08
N PRO C 145 -26.82 -0.50 48.10
CA PRO C 145 -27.88 0.52 48.15
C PRO C 145 -27.34 1.95 48.17
N PRO C 146 -28.19 2.95 47.87
CA PRO C 146 -27.71 4.33 47.86
C PRO C 146 -27.16 4.80 49.20
N SER C 147 -26.12 5.62 49.15
CA SER C 147 -25.49 6.21 50.34
C SER C 147 -25.52 7.73 50.21
N PRO C 148 -25.73 8.43 51.34
CA PRO C 148 -25.85 9.90 51.33
C PRO C 148 -24.61 10.65 50.81
N ASN C 149 -23.52 9.95 50.54
CA ASN C 149 -22.34 10.60 49.97
C ASN C 149 -22.32 10.56 48.44
N ASP C 150 -23.30 9.84 47.87
CA ASP C 150 -23.39 9.68 46.42
C ASP C 150 -24.29 10.74 45.80
N VAL C 151 -24.78 11.68 46.76
CA VAL C 151 -25.67 12.70 46.23
C VAL C 151 -25.00 13.56 45.17
N VAL C 152 -23.69 13.76 45.16
CA VAL C 152 -22.93 14.58 44.22
C VAL C 152 -22.67 13.85 42.90
N SER C 153 -22.79 12.53 42.90
CA SER C 153 -22.34 11.74 41.76
C SER C 153 -23.43 10.93 41.06
N LEU C 154 -24.49 10.59 41.80
CA LEU C 154 -25.53 9.68 41.30
C LEU C 154 -26.18 10.13 39.99
N PHE C 155 -26.32 11.45 39.81
CA PHE C 155 -27.03 12.00 38.66
C PHE C 155 -26.14 12.27 37.45
N HIS C 156 -24.88 11.83 37.51
CA HIS C 156 -23.99 12.00 36.38
C HIS C 156 -24.13 10.87 35.37
N THR C 157 -24.34 11.23 34.12
CA THR C 157 -24.53 10.25 33.05
C THR C 157 -23.29 9.38 32.85
N ARG C 158 -23.49 8.07 32.84
CA ARG C 158 -22.39 7.12 32.63
C ARG C 158 -22.19 6.83 31.15
N ASN C 159 -20.94 6.64 30.75
CA ASN C 159 -20.59 6.43 29.35
C ASN C 159 -21.22 5.18 28.74
N TYR C 160 -21.49 4.17 29.55
CA TYR C 160 -21.93 2.88 29.04
C TYR C 160 -23.33 2.91 28.43
N VAL C 161 -24.10 3.95 28.75
CA VAL C 161 -25.46 4.06 28.20
C VAL C 161 -25.42 4.18 26.69
N ILE C 162 -24.30 4.65 26.16
CA ILE C 162 -24.13 4.71 24.71
C ILE C 162 -24.22 3.30 24.12
N GLN C 163 -23.48 2.36 24.70
CA GLN C 163 -23.50 0.98 24.24
C GLN C 163 -24.88 0.33 24.44
N MET C 164 -25.56 0.71 25.51
CA MET C 164 -26.88 0.13 25.82
C MET C 164 -27.92 0.55 24.80
N LEU C 165 -27.74 1.74 24.22
CA LEU C 165 -28.75 2.34 23.36
C LEU C 165 -28.40 2.29 21.87
N SER C 166 -27.14 1.96 21.58
CA SER C 166 -26.58 2.14 20.23
C SER C 166 -27.31 1.43 19.09
N ASN C 167 -27.88 0.26 19.36
CA ASN C 167 -28.51 -0.52 18.29
C ASN C 167 -30.00 -0.28 18.08
N LEU C 168 -30.57 0.62 18.89
CA LEU C 168 -32.03 0.75 18.97
C LEU C 168 -32.73 1.24 17.70
N SER C 169 -31.99 1.84 16.78
N SER C 169 -31.97 1.84 16.78
CA SER C 169 -32.61 2.35 15.55
CA SER C 169 -32.55 2.38 15.54
C SER C 169 -32.41 1.42 14.35
C SER C 169 -32.42 1.42 14.36
N GLN C 170 -31.89 0.23 14.61
CA GLN C 170 -31.66 -0.75 13.54
C GLN C 170 -32.96 -1.37 13.01
N SER C 171 -33.92 -1.61 13.90
CA SER C 171 -35.21 -2.15 13.50
C SER C 171 -36.09 -1.09 12.86
N SER C 172 -36.06 0.11 13.43
CA SER C 172 -36.82 1.24 12.93
C SER C 172 -36.30 2.51 13.57
N GLN C 173 -36.56 3.66 12.94
CA GLN C 173 -36.09 4.93 13.47
C GLN C 173 -36.77 5.27 14.79
N ILE C 174 -35.97 5.72 15.76
CA ILE C 174 -36.50 6.24 17.01
C ILE C 174 -37.27 7.51 16.68
N ASP C 175 -38.47 7.66 17.25
CA ASP C 175 -39.28 8.83 16.99
C ASP C 175 -38.82 10.02 17.84
N ILE C 176 -38.56 9.75 19.11
CA ILE C 176 -38.19 10.78 20.06
C ILE C 176 -37.12 10.28 21.03
N SER C 177 -36.07 11.09 21.24
CA SER C 177 -35.12 10.81 22.30
C SER C 177 -35.12 11.93 23.33
N LEU C 178 -34.92 11.58 24.60
CA LEU C 178 -34.93 12.55 25.69
C LEU C 178 -33.58 12.63 26.39
N SER C 179 -33.19 13.84 26.79
CA SER C 179 -32.01 14.03 27.63
C SER C 179 -32.20 15.30 28.47
N HIS C 180 -31.45 15.45 29.55
CA HIS C 180 -31.54 16.67 30.33
C HIS C 180 -30.64 17.74 29.74
N ASP C 181 -29.33 17.55 29.84
CA ASP C 181 -28.41 18.48 29.17
C ASP C 181 -28.42 18.23 27.66
N TRP C 182 -28.02 19.24 26.89
CA TRP C 182 -28.08 19.16 25.43
C TRP C 182 -27.02 18.23 24.88
N PRO C 183 -27.29 17.63 23.71
CA PRO C 183 -26.23 16.92 22.97
C PRO C 183 -25.13 17.92 22.64
N GLN C 184 -23.87 17.58 22.92
CA GLN C 184 -22.77 18.51 22.74
C GLN C 184 -22.67 18.99 21.29
N GLY C 185 -22.61 20.31 21.11
CA GLY C 185 -22.43 20.88 19.78
C GLY C 185 -23.70 21.24 19.03
N ILE C 186 -24.84 20.74 19.48
CA ILE C 186 -26.11 21.00 18.78
C ILE C 186 -26.47 22.49 18.79
N VAL C 187 -25.86 23.25 19.70
CA VAL C 187 -26.11 24.68 19.81
C VAL C 187 -25.70 25.43 18.53
N MET C 188 -24.78 24.84 17.76
CA MET C 188 -24.29 25.49 16.54
C MET C 188 -25.14 25.17 15.32
N LYS C 189 -26.23 24.42 15.52
CA LYS C 189 -27.06 23.98 14.40
C LYS C 189 -28.42 24.69 14.36
N GLY C 190 -28.60 25.66 15.24
CA GLY C 190 -29.79 26.49 15.20
C GLY C 190 -29.39 27.94 15.01
N ASN C 191 -30.26 28.87 15.38
CA ASN C 191 -29.93 30.28 15.33
C ASN C 191 -29.25 30.73 16.62
N TYR C 192 -27.98 30.38 16.76
CA TYR C 192 -27.23 30.66 17.99
C TYR C 192 -27.00 32.15 18.24
N LYS C 193 -27.01 32.94 17.18
CA LYS C 193 -26.92 34.39 17.28
C LYS C 193 -28.09 34.93 18.10
N GLN C 194 -29.30 34.51 17.72
CA GLN C 194 -30.52 34.87 18.43
C GLN C 194 -30.46 34.31 19.85
N LEU C 195 -29.97 33.08 19.97
CA LEU C 195 -29.85 32.42 21.27
C LEU C 195 -28.91 33.17 22.22
N TYR C 196 -27.75 33.58 21.71
CA TYR C 196 -26.75 34.28 22.52
C TYR C 196 -27.23 35.66 22.98
N ARG C 197 -28.10 36.27 22.20
CA ARG C 197 -28.62 37.59 22.56
C ARG C 197 -29.54 37.54 23.78
N PHE C 198 -30.29 36.46 23.91
CA PHE C 198 -31.24 36.29 25.01
C PHE C 198 -30.63 35.48 26.14
N GLN C 199 -29.66 34.63 25.80
CA GLN C 199 -28.91 33.87 26.79
C GLN C 199 -27.41 34.05 26.56
N PRO C 200 -26.86 35.24 26.89
CA PRO C 200 -25.43 35.51 26.69
C PRO C 200 -24.54 34.60 27.52
N GLY C 201 -25.07 34.04 28.60
CA GLY C 201 -24.33 33.12 29.43
C GLY C 201 -23.90 31.86 28.68
N PHE C 202 -24.58 31.56 27.58
CA PHE C 202 -24.36 30.30 26.86
C PHE C 202 -23.19 30.39 25.88
N LYS C 203 -22.88 31.61 25.43
CA LYS C 203 -21.79 31.82 24.47
C LYS C 203 -20.45 31.42 25.09
N LYS C 204 -20.42 31.45 26.41
CA LYS C 204 -19.29 31.07 27.25
C LYS C 204 -18.60 29.78 26.79
N ASP C 205 -19.39 28.74 26.55
CA ASP C 205 -18.84 27.43 26.21
C ASP C 205 -18.88 27.12 24.72
N GLY C 206 -19.47 28.02 23.94
CA GLY C 206 -19.52 27.87 22.50
C GLY C 206 -20.04 26.53 22.02
N ALA C 207 -19.27 25.89 21.15
CA ALA C 207 -19.64 24.60 20.58
C ALA C 207 -19.55 23.45 21.60
N SER C 208 -18.78 23.64 22.66
CA SER C 208 -18.60 22.58 23.65
C SER C 208 -19.78 22.46 24.62
N LEU C 209 -20.78 23.33 24.46
CA LEU C 209 -21.99 23.28 25.30
C LEU C 209 -22.68 21.95 25.14
N GLY C 210 -22.93 21.27 26.27
CA GLY C 210 -23.70 20.03 26.25
C GLY C 210 -22.91 18.80 26.63
N SER C 211 -23.56 17.64 26.45
CA SER C 211 -22.99 16.35 26.83
C SER C 211 -22.46 15.59 25.62
N PRO C 212 -21.17 15.21 25.65
CA PRO C 212 -20.61 14.39 24.57
C PRO C 212 -21.29 13.03 24.47
N ILE C 213 -21.80 12.52 25.59
CA ILE C 213 -22.53 11.26 25.61
C ILE C 213 -23.81 11.36 24.79
N ASN C 214 -24.59 12.40 25.08
CA ASN C 214 -25.81 12.66 24.32
C ASN C 214 -25.50 12.97 22.85
N LYS C 215 -24.32 13.52 22.59
CA LYS C 215 -23.91 13.79 21.22
C LYS C 215 -23.73 12.50 20.45
N VAL C 216 -23.00 11.55 21.05
CA VAL C 216 -22.76 10.26 20.41
C VAL C 216 -24.06 9.50 20.19
N ILE C 217 -24.95 9.56 21.18
CA ILE C 217 -26.25 8.88 21.07
C ILE C 217 -27.09 9.48 19.95
N LEU C 218 -27.10 10.81 19.83
CA LEU C 218 -27.84 11.48 18.77
C LEU C 218 -27.31 11.08 17.38
N ASN C 219 -25.99 11.11 17.23
CA ASN C 219 -25.36 10.76 15.97
C ASN C 219 -25.57 9.29 15.58
N THR C 220 -25.81 8.45 16.58
CA THR C 220 -25.98 7.02 16.37
C THR C 220 -27.42 6.65 16.08
N LEU C 221 -28.33 7.18 16.90
CA LEU C 221 -29.74 6.86 16.77
C LEU C 221 -30.42 7.67 15.68
N LYS C 222 -29.94 8.89 15.46
CA LYS C 222 -30.54 9.83 14.50
C LYS C 222 -32.08 9.84 14.55
N PRO C 223 -32.65 10.17 15.72
CA PRO C 223 -34.10 10.09 15.87
C PRO C 223 -34.79 11.24 15.16
N LYS C 224 -36.11 11.16 14.99
CA LYS C 224 -36.86 12.25 14.37
C LYS C 224 -36.79 13.50 15.25
N TYR C 225 -36.88 13.30 16.55
CA TYR C 225 -36.83 14.40 17.50
C TYR C 225 -35.85 14.14 18.64
N TRP C 226 -35.18 15.20 19.09
CA TRP C 226 -34.43 15.15 20.32
C TRP C 226 -34.87 16.31 21.20
N ILE C 227 -35.37 15.99 22.39
CA ILE C 227 -35.87 17.00 23.31
C ILE C 227 -35.00 17.06 24.57
N SER C 228 -34.58 18.26 24.95
CA SER C 228 -33.72 18.45 26.11
C SER C 228 -34.21 19.57 27.01
N GLY C 229 -33.93 19.45 28.30
CA GLY C 229 -34.24 20.50 29.25
C GLY C 229 -32.98 21.20 29.69
N HIS C 230 -32.83 21.36 31.00
CA HIS C 230 -31.62 21.90 31.63
C HIS C 230 -31.30 23.38 31.40
N MET C 231 -31.35 23.87 30.17
CA MET C 231 -30.80 25.20 29.86
C MET C 231 -31.71 26.41 30.08
N HIS C 232 -32.95 26.19 30.46
CA HIS C 232 -33.89 27.28 30.77
C HIS C 232 -34.16 28.22 29.59
N CYS C 233 -34.38 27.66 28.41
CA CYS C 233 -34.67 28.47 27.24
C CYS C 233 -35.41 27.66 26.19
N GLU C 234 -36.04 28.36 25.26
CA GLU C 234 -36.59 27.74 24.06
C GLU C 234 -35.50 27.77 22.99
N TYR C 235 -35.39 26.70 22.21
CA TYR C 235 -34.39 26.65 21.15
C TYR C 235 -34.71 25.54 20.16
N HIS C 236 -34.35 25.77 18.90
CA HIS C 236 -34.57 24.79 17.84
C HIS C 236 -33.32 24.66 16.99
N ALA C 237 -33.02 23.43 16.58
CA ALA C 237 -31.88 23.17 15.71
C ALA C 237 -32.18 21.96 14.85
N GLU C 238 -31.41 21.80 13.78
CA GLU C 238 -31.59 20.67 12.86
C GLU C 238 -30.26 19.97 12.63
N GLU C 239 -30.20 18.69 12.97
CA GLU C 239 -29.00 17.87 12.74
C GLU C 239 -29.39 16.68 11.87
N GLY C 240 -29.11 16.77 10.58
CA GLY C 240 -29.56 15.76 9.64
C GLY C 240 -31.07 15.66 9.71
N PRO C 241 -31.59 14.43 9.90
CA PRO C 241 -33.02 14.17 9.98
C PRO C 241 -33.60 14.43 11.37
N THR C 242 -32.76 14.93 12.28
CA THR C 242 -33.18 15.11 13.67
C THR C 242 -33.57 16.56 13.98
N HIS C 243 -34.81 16.73 14.44
CA HIS C 243 -35.26 18.02 14.96
C HIS C 243 -34.89 18.10 16.44
N PHE C 244 -34.02 19.04 16.80
CA PHE C 244 -33.70 19.26 18.20
C PHE C 244 -34.60 20.35 18.79
N ILE C 245 -35.16 20.07 19.96
CA ILE C 245 -36.01 21.02 20.66
C ILE C 245 -35.54 21.17 22.11
N ALA C 246 -35.26 22.40 22.51
CA ALA C 246 -34.91 22.70 23.90
C ALA C 246 -36.08 23.38 24.59
N LEU C 247 -36.30 23.02 25.86
CA LEU C 247 -37.43 23.54 26.61
C LEU C 247 -37.00 24.25 27.88
N GLY C 248 -37.83 25.16 28.36
CA GLY C 248 -37.51 25.98 29.52
C GLY C 248 -37.93 25.39 30.85
N LYS C 249 -38.07 26.27 31.82
CA LYS C 249 -38.28 25.89 33.22
C LYS C 249 -39.70 26.21 33.65
N ILE C 250 -40.37 25.26 34.31
CA ILE C 250 -41.75 25.46 34.76
C ILE C 250 -41.87 26.74 35.59
N GLY C 251 -42.78 27.61 35.19
CA GLY C 251 -42.91 28.93 35.81
C GLY C 251 -42.67 30.00 34.77
N TYR C 252 -42.23 29.57 33.60
CA TYR C 252 -42.01 30.48 32.47
C TYR C 252 -42.77 29.96 31.24
N LYS C 253 -42.85 30.78 30.20
CA LYS C 253 -43.66 30.46 29.03
C LYS C 253 -43.01 29.42 28.11
N ASN C 254 -41.68 29.41 28.08
CA ASN C 254 -40.92 28.50 27.21
C ASN C 254 -40.76 27.08 27.75
N ALA C 255 -41.47 26.77 28.83
CA ALA C 255 -41.31 25.51 29.54
C ALA C 255 -42.11 24.35 28.92
N ILE C 256 -43.22 24.68 28.28
CA ILE C 256 -44.10 23.66 27.71
C ILE C 256 -44.42 23.93 26.25
N SER C 257 -44.28 22.88 25.42
CA SER C 257 -44.71 22.94 24.04
C SER C 257 -45.47 21.68 23.69
N TYR C 258 -45.85 21.55 22.42
CA TYR C 258 -46.69 20.44 22.00
C TYR C 258 -46.28 19.90 20.64
N LEU C 259 -46.07 18.58 20.59
CA LEU C 259 -45.80 17.90 19.33
C LEU C 259 -47.11 17.33 18.80
N ASP C 260 -47.49 17.73 17.60
CA ASP C 260 -48.66 17.18 16.94
C ASP C 260 -48.19 16.11 15.96
N LEU C 261 -48.35 14.85 16.36
CA LEU C 261 -47.78 13.72 15.64
C LEU C 261 -48.87 12.82 15.08
N PRO C 262 -48.61 12.18 13.93
CA PRO C 262 -49.61 11.28 13.35
C PRO C 262 -49.93 10.12 14.29
N LEU C 263 -51.21 9.77 14.37
CA LEU C 263 -51.64 8.64 15.18
C LEU C 263 -52.03 7.51 14.24
N LYS C 264 -51.32 6.39 14.34
CA LYS C 264 -51.59 5.23 13.48
C LYS C 264 -52.38 4.21 14.27
N GLN C 265 -51.95 4.01 15.51
CA GLN C 265 -52.61 3.11 16.43
C GLN C 265 -52.53 3.71 17.82
N LYS C 266 -53.65 3.72 18.55
CA LYS C 266 -53.60 4.08 19.95
C LYS C 266 -53.36 2.81 20.74
N THR C 267 -52.24 2.75 21.45
CA THR C 267 -51.90 1.58 22.25
C THR C 267 -51.25 1.99 23.56
N ASP C 268 -51.45 1.17 24.59
CA ASP C 268 -50.95 1.48 25.92
C ASP C 268 -49.43 1.51 25.99
N LEU C 269 -48.93 2.13 27.06
CA LEU C 269 -47.49 2.21 27.31
C LEU C 269 -46.91 0.81 27.41
N GLU C 270 -45.87 0.55 26.61
CA GLU C 270 -45.24 -0.78 26.57
C GLU C 270 -43.73 -0.67 26.63
N TYR C 271 -43.08 -1.74 27.08
CA TYR C 271 -41.63 -1.86 26.97
C TYR C 271 -41.28 -2.08 25.50
N ASP C 272 -40.21 -1.46 25.04
CA ASP C 272 -39.75 -1.68 23.67
C ASP C 272 -39.04 -3.03 23.60
N LYS C 273 -39.36 -3.82 22.58
CA LYS C 273 -38.85 -5.20 22.49
C LYS C 273 -37.34 -5.28 22.28
N ASP C 274 -36.81 -4.42 21.42
CA ASP C 274 -35.38 -4.36 21.20
C ASP C 274 -34.68 -3.97 22.51
N TRP C 275 -35.26 -3.02 23.23
CA TRP C 275 -34.69 -2.61 24.51
C TRP C 275 -34.68 -3.75 25.51
N VAL C 276 -35.82 -4.45 25.61
CA VAL C 276 -35.94 -5.62 26.49
C VAL C 276 -34.85 -6.64 26.21
N CYS C 277 -34.60 -6.93 24.94
CA CYS C 277 -33.56 -7.87 24.55
C CYS C 277 -32.19 -7.39 25.01
N ASN C 278 -31.91 -6.10 24.81
CA ASN C 278 -30.66 -5.51 25.27
C ASN C 278 -30.50 -5.65 26.79
N LEU C 279 -31.60 -5.41 27.49
CA LEU C 279 -31.61 -5.46 28.95
C LEU C 279 -31.31 -6.87 29.46
N ILE C 280 -31.93 -7.87 28.85
CA ILE C 280 -31.69 -9.26 29.23
C ILE C 280 -30.28 -9.70 28.87
N MET C 281 -29.85 -9.38 27.65
CA MET C 281 -28.57 -9.84 27.15
C MET C 281 -27.35 -9.25 27.89
N THR C 282 -27.54 -8.11 28.55
CA THR C 282 -26.45 -7.48 29.30
C THR C 282 -26.45 -7.85 30.78
N TRP C 283 -27.37 -8.72 31.19
CA TRP C 283 -27.48 -9.11 32.61
C TRP C 283 -26.16 -9.50 33.33
N PRO C 284 -25.25 -10.23 32.65
CA PRO C 284 -24.02 -10.59 33.38
C PRO C 284 -23.23 -9.38 33.88
N ALA C 285 -23.36 -8.26 33.19
CA ALA C 285 -22.66 -7.04 33.58
C ALA C 285 -23.32 -6.36 34.78
N PHE C 286 -24.56 -6.75 35.06
CA PHE C 286 -25.34 -6.14 36.13
C PHE C 286 -25.66 -7.12 37.26
N SER C 287 -25.02 -8.29 37.24
CA SER C 287 -25.35 -9.40 38.15
C SER C 287 -24.99 -9.12 39.61
N ASN C 288 -24.06 -8.21 39.84
CA ASN C 288 -23.69 -7.82 41.21
C ASN C 288 -24.51 -6.61 41.64
N LYS C 289 -25.46 -6.84 42.55
CA LYS C 289 -26.40 -5.78 42.95
C LYS C 289 -25.73 -4.63 43.69
N ALA C 290 -24.60 -4.91 44.33
CA ALA C 290 -23.90 -3.89 45.11
C ALA C 290 -23.08 -2.93 44.24
N GLN C 291 -22.72 -3.37 43.04
CA GLN C 291 -21.93 -2.53 42.13
C GLN C 291 -22.12 -2.90 40.67
N PHE C 292 -22.71 -1.98 39.90
CA PHE C 292 -23.05 -2.23 38.51
C PHE C 292 -23.01 -0.93 37.69
N PRO C 293 -22.70 -1.03 36.39
CA PRO C 293 -22.35 -2.27 35.70
C PRO C 293 -20.89 -2.65 35.91
N ASP C 294 -20.63 -3.95 35.86
CA ASP C 294 -19.26 -4.47 35.92
C ASP C 294 -18.67 -4.41 34.51
N LEU C 295 -17.91 -3.36 34.23
CA LEU C 295 -17.41 -3.13 32.89
C LEU C 295 -16.16 -3.95 32.54
N SER C 296 -15.94 -5.04 33.26
CA SER C 296 -14.96 -6.03 32.84
C SER C 296 -15.56 -6.74 31.64
N TYR C 297 -16.89 -6.66 31.54
CA TYR C 297 -17.61 -7.08 30.35
C TYR C 297 -17.64 -5.94 29.34
N SER C 298 -17.62 -6.29 28.06
CA SER C 298 -17.89 -5.32 27.02
C SER C 298 -19.39 -5.40 26.70
N ILE C 299 -20.11 -4.30 26.86
CA ILE C 299 -21.55 -4.30 26.60
C ILE C 299 -21.81 -4.65 25.14
N SER C 300 -21.01 -4.05 24.26
CA SER C 300 -21.11 -4.32 22.82
C SER C 300 -20.97 -5.81 22.52
N GLU C 301 -20.04 -6.46 23.21
CA GLU C 301 -19.83 -7.90 23.05
C GLU C 301 -21.06 -8.68 23.50
N LEU C 302 -21.63 -8.29 24.65
CA LEU C 302 -22.81 -8.95 25.18
C LEU C 302 -23.99 -8.81 24.22
N LEU C 303 -24.18 -7.60 23.71
CA LEU C 303 -25.27 -7.31 22.78
C LEU C 303 -25.10 -8.01 21.43
N SER C 304 -23.84 -8.26 21.06
CA SER C 304 -23.53 -8.90 19.78
C SER C 304 -24.08 -10.32 19.69
N LYS C 305 -24.43 -10.90 20.86
CA LYS C 305 -24.95 -12.26 20.91
C LYS C 305 -26.45 -12.33 20.59
N ARG C 306 -27.07 -11.19 20.36
CA ARG C 306 -28.50 -11.18 20.03
C ARG C 306 -28.80 -11.86 18.69
N THR C 307 -29.77 -12.75 18.69
CA THR C 307 -30.24 -13.33 17.43
C THR C 307 -31.76 -13.25 17.33
N LYS C 308 -32.26 -13.44 16.12
CA LYS C 308 -33.69 -13.35 15.83
C LYS C 308 -34.52 -14.30 16.71
N GLU C 309 -34.04 -15.54 16.86
CA GLU C 309 -34.76 -16.54 17.63
C GLU C 309 -34.58 -16.39 19.15
N LEU C 310 -33.40 -15.94 19.56
CA LEU C 310 -33.12 -15.68 20.98
C LEU C 310 -33.96 -14.49 21.44
N ASP C 311 -34.06 -13.48 20.58
CA ASP C 311 -34.92 -12.33 20.84
C ASP C 311 -36.35 -12.79 21.05
N LYS C 312 -36.80 -13.71 20.21
CA LYS C 312 -38.15 -14.24 20.27
C LYS C 312 -38.40 -14.95 21.60
N LYS C 313 -37.39 -15.68 22.07
CA LYS C 313 -37.49 -16.40 23.34
C LYS C 313 -37.51 -15.41 24.50
N ILE C 314 -36.71 -14.35 24.37
CA ILE C 314 -36.61 -13.32 25.39
C ILE C 314 -37.94 -12.60 25.59
N ILE C 315 -38.55 -12.18 24.48
CA ILE C 315 -39.81 -11.45 24.52
C ILE C 315 -40.95 -12.33 25.07
N GLU C 316 -40.96 -13.59 24.65
CA GLU C 316 -41.95 -14.54 25.16
C GLU C 316 -41.84 -14.67 26.68
N LEU C 317 -40.61 -14.85 27.17
CA LEU C 317 -40.35 -14.95 28.61
C LEU C 317 -40.69 -13.67 29.35
N TRP C 318 -40.33 -12.53 28.76
CA TRP C 318 -40.63 -11.24 29.38
C TRP C 318 -42.14 -11.07 29.52
N GLU C 319 -42.87 -11.38 28.45
CA GLU C 319 -44.33 -11.29 28.47
C GLU C 319 -44.92 -12.16 29.58
N LYS C 320 -44.30 -13.31 29.80
CA LYS C 320 -44.78 -14.24 30.81
C LYS C 320 -44.60 -13.69 32.23
N TYR C 321 -43.40 -13.23 32.55
CA TYR C 321 -43.08 -12.84 33.92
C TYR C 321 -43.42 -11.40 34.25
N ILE C 322 -43.15 -10.49 33.31
CA ILE C 322 -43.31 -9.06 33.55
C ILE C 322 -44.51 -8.48 32.78
N GLY C 323 -44.69 -8.95 31.55
CA GLY C 323 -45.72 -8.40 30.69
C GLY C 323 -45.17 -7.28 29.82
N LEU C 324 -45.71 -7.13 28.62
CA LEU C 324 -45.22 -6.10 27.70
C LEU C 324 -45.78 -4.72 28.03
N LYS C 325 -46.98 -4.68 28.58
CA LYS C 325 -47.57 -3.43 29.06
C LYS C 325 -46.82 -2.96 30.30
N ILE C 326 -46.50 -1.67 30.35
CA ILE C 326 -45.91 -1.09 31.56
C ILE C 326 -47.03 -0.65 32.47
N ILE C 327 -47.17 -1.34 33.60
CA ILE C 327 -48.31 -1.12 34.47
C ILE C 327 -47.90 -0.54 35.82
N TYR C 328 -48.83 0.15 36.48
CA TYR C 328 -48.55 0.76 37.76
C TYR C 328 -48.37 -0.29 38.85
N ASP C 329 -47.34 -0.10 39.66
CA ASP C 329 -46.98 -1.01 40.73
C ASP C 329 -46.72 -0.13 41.95
N SER C 330 -47.40 -0.40 43.05
CA SER C 330 -47.27 0.45 44.24
C SER C 330 -46.37 -0.14 45.33
N ASP C 331 -45.66 -1.22 45.00
CA ASP C 331 -44.65 -1.75 45.91
C ASP C 331 -43.56 -0.69 46.13
N THR C 332 -42.91 -0.73 47.28
CA THR C 332 -41.83 0.23 47.56
C THR C 332 -40.69 0.07 46.55
N PHE C 333 -39.95 1.14 46.34
CA PHE C 333 -38.95 1.19 45.28
C PHE C 333 -37.83 0.17 45.46
N ASP C 334 -37.46 -0.11 46.71
CA ASP C 334 -36.44 -1.11 47.00
C ASP C 334 -36.91 -2.53 46.66
N ILE C 335 -38.22 -2.75 46.76
CA ILE C 335 -38.80 -4.04 46.39
C ILE C 335 -38.82 -4.16 44.86
N GLN C 336 -39.20 -3.08 44.18
CA GLN C 336 -39.23 -3.06 42.73
C GLN C 336 -37.84 -3.30 42.15
N PHE C 337 -36.83 -2.69 42.77
CA PHE C 337 -35.44 -2.91 42.40
C PHE C 337 -35.11 -4.40 42.38
N THR C 338 -35.44 -5.07 43.48
CA THR C 338 -35.11 -6.48 43.64
C THR C 338 -35.97 -7.35 42.73
N SER C 339 -37.23 -6.98 42.59
CA SER C 339 -38.17 -7.75 41.79
C SER C 339 -37.78 -7.77 40.31
N ARG C 340 -37.53 -6.60 39.74
CA ARG C 340 -37.20 -6.50 38.33
C ARG C 340 -35.92 -7.25 38.00
N ARG C 341 -34.90 -7.10 38.85
CA ARG C 341 -33.64 -7.81 38.69
C ARG C 341 -33.82 -9.33 38.79
N PHE C 342 -34.74 -9.76 39.66
CA PHE C 342 -35.05 -11.18 39.83
C PHE C 342 -35.54 -11.78 38.51
N TYR C 343 -36.41 -11.05 37.83
CA TYR C 343 -37.01 -11.57 36.59
C TYR C 343 -36.06 -11.46 35.39
N ILE C 344 -35.23 -10.42 35.38
CA ILE C 344 -34.21 -10.29 34.35
C ILE C 344 -33.23 -11.46 34.43
N GLU C 345 -32.73 -11.74 35.64
CA GLU C 345 -31.84 -12.88 35.86
C GLU C 345 -32.52 -14.18 35.48
N LYS C 346 -33.78 -14.33 35.88
CA LYS C 346 -34.55 -15.54 35.62
C LYS C 346 -34.65 -15.82 34.12
N ILE C 347 -34.96 -14.78 33.35
CA ILE C 347 -35.10 -14.89 31.90
C ILE C 347 -33.76 -15.20 31.24
N TYR C 348 -32.71 -14.44 31.59
CA TYR C 348 -31.38 -14.69 31.06
C TYR C 348 -30.96 -16.15 31.30
N ASN C 349 -31.15 -16.62 32.54
CA ASN C 349 -30.78 -17.98 32.90
C ASN C 349 -31.51 -19.07 32.12
N GLU C 350 -32.74 -18.76 31.70
CA GLU C 350 -33.58 -19.70 30.98
C GLU C 350 -33.19 -19.81 29.52
N LEU C 351 -32.42 -18.85 29.03
CA LEU C 351 -31.96 -18.86 27.66
C LEU C 351 -30.93 -19.96 27.45
N ASN C 352 -30.20 -20.28 28.50
CA ASN C 352 -29.10 -21.21 28.41
C ASN C 352 -28.01 -20.69 27.49
N ILE C 353 -27.12 -19.89 28.05
CA ILE C 353 -26.14 -19.12 27.28
C ILE C 353 -24.70 -19.56 27.52
N ASN C 354 -24.30 -19.64 28.78
CA ASN C 354 -22.93 -19.99 29.10
C ASN C 354 -22.54 -21.38 28.61
N GLN D 5 -17.30 23.31 -14.12
CA GLN D 5 -17.39 23.43 -15.57
C GLN D 5 -16.36 22.54 -16.24
N ILE D 6 -16.82 21.62 -17.10
CA ILE D 6 -15.91 20.74 -17.81
C ILE D 6 -16.17 20.71 -19.32
N GLN D 7 -15.12 20.42 -20.09
CA GLN D 7 -15.22 20.32 -21.54
C GLN D 7 -14.93 18.89 -22.01
N HIS D 8 -15.73 18.41 -22.94
CA HIS D 8 -15.52 17.09 -23.52
C HIS D 8 -14.74 17.21 -24.81
N ILE D 9 -13.66 16.44 -24.92
CA ILE D 9 -12.75 16.53 -26.06
C ILE D 9 -12.59 15.17 -26.72
N ALA D 10 -12.93 15.11 -28.01
CA ALA D 10 -12.72 13.89 -28.77
C ALA D 10 -11.27 13.78 -29.21
N ILE D 11 -10.65 12.63 -28.94
CA ILE D 11 -9.29 12.39 -29.41
C ILE D 11 -9.27 11.21 -30.38
N VAL D 12 -8.61 11.38 -31.51
CA VAL D 12 -8.70 10.42 -32.62
C VAL D 12 -7.32 9.94 -33.06
N GLY D 13 -7.23 8.63 -33.35
CA GLY D 13 -6.03 8.08 -33.95
C GLY D 13 -5.95 8.29 -35.46
N CYS D 14 -5.31 7.35 -36.15
CA CYS D 14 -5.19 7.36 -37.62
C CYS D 14 -6.55 7.58 -38.31
N VAL D 15 -6.69 8.69 -39.04
CA VAL D 15 -7.90 8.91 -39.81
C VAL D 15 -7.85 8.21 -41.18
N HIS D 16 -6.65 8.20 -41.78
CA HIS D 16 -6.40 7.68 -43.14
C HIS D 16 -7.53 7.98 -44.15
N GLY D 17 -7.93 9.25 -44.21
CA GLY D 17 -8.90 9.74 -45.19
C GLY D 17 -10.35 9.33 -45.00
N LYS D 18 -10.70 8.81 -43.82
CA LYS D 18 -12.08 8.39 -43.55
C LYS D 18 -12.84 9.40 -42.69
N TYR D 19 -12.96 10.61 -43.21
CA TYR D 19 -13.53 11.74 -42.48
C TYR D 19 -15.03 11.61 -42.21
N ARG D 20 -15.80 11.30 -43.24
CA ARG D 20 -17.25 11.13 -43.10
C ARG D 20 -17.58 10.11 -42.01
N GLU D 21 -16.84 9.00 -42.03
CA GLU D 21 -16.99 7.95 -41.02
C GLU D 21 -16.66 8.47 -39.63
N MET D 22 -15.50 9.10 -39.48
CA MET D 22 -15.05 9.62 -38.19
C MET D 22 -16.08 10.56 -37.58
N TYR D 23 -16.53 11.53 -38.37
CA TYR D 23 -17.50 12.51 -37.92
C TYR D 23 -18.87 11.90 -37.63
N ARG D 24 -19.17 10.80 -38.30
CA ARG D 24 -20.40 10.06 -38.04
C ARG D 24 -20.37 9.54 -36.61
N GLN D 25 -19.31 8.81 -36.28
CA GLN D 25 -19.15 8.16 -34.98
C GLN D 25 -19.14 9.18 -33.84
N LEU D 26 -18.52 10.33 -34.08
CA LEU D 26 -18.49 11.40 -33.10
C LEU D 26 -19.89 11.95 -32.85
N SER D 27 -20.66 12.08 -33.94
CA SER D 27 -22.00 12.62 -33.86
C SER D 27 -22.91 11.73 -33.02
N GLU D 28 -22.73 10.41 -33.15
CA GLU D 28 -23.48 9.43 -32.36
C GLU D 28 -23.22 9.63 -30.88
N TYR D 29 -21.93 9.60 -30.52
CA TYR D 29 -21.48 9.79 -29.14
C TYR D 29 -22.19 10.95 -28.47
N GLU D 30 -22.22 12.10 -29.16
CA GLU D 30 -22.92 13.28 -28.67
C GLU D 30 -24.37 12.96 -28.33
N LYS D 31 -25.09 12.46 -29.32
CA LYS D 31 -26.52 12.18 -29.17
C LYS D 31 -26.81 10.96 -28.29
N SER D 32 -25.89 9.99 -28.31
CA SER D 32 -26.03 8.78 -27.49
C SER D 32 -25.78 9.07 -26.00
N THR D 33 -24.92 10.04 -25.73
CA THR D 33 -24.58 10.38 -24.34
C THR D 33 -25.21 11.70 -23.89
N GLY D 34 -25.44 12.61 -24.84
CA GLY D 34 -25.94 13.92 -24.50
C GLY D 34 -24.82 14.89 -24.22
N LYS D 35 -23.59 14.41 -24.38
CA LYS D 35 -22.41 15.24 -24.09
C LYS D 35 -21.93 16.01 -25.33
N GLU D 36 -21.82 17.32 -25.18
CA GLU D 36 -21.40 18.16 -26.29
C GLU D 36 -19.88 18.14 -26.46
N ILE D 37 -19.43 17.81 -27.66
CA ILE D 37 -18.01 17.81 -27.97
C ILE D 37 -17.53 19.24 -28.21
N SER D 38 -16.61 19.72 -27.38
CA SER D 38 -16.04 21.05 -27.60
C SER D 38 -15.25 21.08 -28.90
N PHE D 39 -14.30 20.16 -29.03
CA PHE D 39 -13.54 20.02 -30.28
C PHE D 39 -12.91 18.64 -30.42
N VAL D 40 -12.26 18.42 -31.56
CA VAL D 40 -11.67 17.13 -31.89
C VAL D 40 -10.17 17.27 -32.08
N ILE D 41 -9.42 16.27 -31.60
CA ILE D 41 -7.99 16.20 -31.84
C ILE D 41 -7.67 14.92 -32.59
N CYS D 42 -6.93 15.03 -33.69
CA CYS D 42 -6.49 13.87 -34.47
C CYS D 42 -4.97 13.76 -34.46
N THR D 43 -4.45 12.55 -34.35
CA THR D 43 -3.02 12.32 -34.21
C THR D 43 -2.26 11.95 -35.49
N GLY D 44 -2.91 12.06 -36.65
CA GLY D 44 -2.16 11.93 -37.90
C GLY D 44 -2.70 11.00 -38.97
N ASP D 45 -1.89 10.81 -40.01
CA ASP D 45 -2.29 10.10 -41.23
C ASP D 45 -3.58 10.66 -41.79
N MET D 46 -3.59 11.98 -41.98
CA MET D 46 -4.80 12.72 -42.33
C MET D 46 -5.14 12.62 -43.81
N GLN D 47 -4.11 12.49 -44.64
CA GLN D 47 -4.28 12.37 -46.09
C GLN D 47 -5.13 13.50 -46.65
N THR D 48 -4.70 14.74 -46.40
CA THR D 48 -5.43 15.91 -46.86
C THR D 48 -5.08 16.24 -48.30
N LEU D 49 -5.47 15.36 -49.21
CA LEU D 49 -5.26 15.58 -50.63
C LEU D 49 -6.38 16.43 -51.22
N ARG D 50 -6.02 17.58 -51.78
CA ARG D 50 -7.00 18.52 -52.34
C ARG D 50 -7.58 18.02 -53.65
N TYR D 51 -6.70 17.52 -54.52
CA TYR D 51 -7.10 17.06 -55.83
C TYR D 51 -6.14 15.97 -56.32
N GLU D 52 -6.43 15.39 -57.48
CA GLU D 52 -5.69 14.23 -58.00
C GLU D 52 -4.17 14.40 -57.99
N ALA D 53 -3.71 15.59 -58.31
CA ALA D 53 -2.27 15.88 -58.40
C ALA D 53 -1.52 15.66 -57.09
N ASP D 54 -2.24 15.76 -55.96
CA ASP D 54 -1.62 15.59 -54.65
C ASP D 54 -1.23 14.14 -54.36
N LEU D 55 -1.79 13.21 -55.12
CA LEU D 55 -1.51 11.78 -54.94
C LEU D 55 -0.03 11.49 -55.01
N VAL D 56 0.67 12.28 -55.83
CA VAL D 56 2.10 12.15 -56.03
C VAL D 56 2.85 12.24 -54.69
N TYR D 57 2.33 13.05 -53.77
CA TYR D 57 2.99 13.29 -52.48
C TYR D 57 2.57 12.35 -51.35
N LEU D 58 1.67 11.42 -51.65
CA LEU D 58 1.20 10.46 -50.65
C LEU D 58 2.06 9.21 -50.65
N LYS D 59 2.83 9.01 -49.58
CA LYS D 59 3.69 7.83 -49.45
C LYS D 59 2.90 6.64 -48.90
N VAL D 60 2.41 5.79 -49.82
CA VAL D 60 1.64 4.60 -49.48
C VAL D 60 1.97 3.52 -50.52
N PRO D 61 1.63 2.25 -50.25
CA PRO D 61 1.78 1.29 -51.33
C PRO D 61 0.66 1.50 -52.36
N PRO D 62 0.90 1.11 -53.62
CA PRO D 62 -0.01 1.31 -54.76
C PRO D 62 -1.50 1.13 -54.44
N LYS D 63 -1.86 0.09 -53.71
CA LYS D 63 -3.27 -0.21 -53.45
C LYS D 63 -3.99 0.87 -52.61
N TYR D 64 -3.23 1.71 -51.91
CA TYR D 64 -3.83 2.79 -51.13
C TYR D 64 -3.61 4.16 -51.77
N LYS D 65 -3.30 4.16 -53.06
CA LYS D 65 -3.20 5.41 -53.81
C LYS D 65 -4.60 5.90 -54.18
N GLN D 66 -5.34 6.35 -53.17
CA GLN D 66 -6.71 6.83 -53.36
C GLN D 66 -6.88 8.19 -52.68
N MET D 67 -7.90 8.92 -53.09
CA MET D 67 -8.13 10.28 -52.59
C MET D 67 -8.62 10.31 -51.15
N GLY D 68 -9.48 9.37 -50.79
CA GLY D 68 -10.12 9.42 -49.48
C GLY D 68 -11.21 10.48 -49.48
N ASP D 69 -11.62 10.90 -48.29
CA ASP D 69 -12.73 11.83 -48.15
C ASP D 69 -12.35 13.31 -48.15
N PHE D 70 -11.08 13.63 -47.90
CA PHE D 70 -10.70 15.01 -47.66
C PHE D 70 -11.15 15.99 -48.74
N HIS D 71 -10.98 15.62 -50.01
CA HIS D 71 -11.31 16.52 -51.10
C HIS D 71 -12.79 16.94 -51.06
N LEU D 72 -13.64 16.09 -50.49
CA LEU D 72 -15.04 16.44 -50.30
C LEU D 72 -15.18 17.71 -49.45
N TYR D 73 -14.37 17.80 -48.40
CA TYR D 73 -14.43 18.94 -47.49
C TYR D 73 -13.70 20.15 -48.06
N TYR D 74 -12.62 19.88 -48.79
CA TYR D 74 -11.88 20.93 -49.48
C TYR D 74 -12.77 21.60 -50.54
N GLU D 75 -13.55 20.79 -51.25
CA GLU D 75 -14.42 21.28 -52.30
C GLU D 75 -15.69 21.93 -51.74
N GLY D 76 -15.94 21.71 -50.45
CA GLY D 76 -17.14 22.25 -49.82
C GLY D 76 -18.37 21.38 -50.02
N LYS D 77 -18.18 20.19 -50.56
CA LYS D 77 -19.27 19.23 -50.70
C LYS D 77 -19.69 18.72 -49.33
N GLU D 78 -18.73 18.69 -48.40
CA GLU D 78 -19.01 18.34 -47.01
C GLU D 78 -18.40 19.41 -46.11
N LYS D 79 -18.87 19.48 -44.88
CA LYS D 79 -18.44 20.51 -43.94
C LYS D 79 -18.17 19.89 -42.58
N ALA D 80 -16.96 20.05 -42.07
CA ALA D 80 -16.60 19.50 -40.76
C ALA D 80 -17.48 20.11 -39.66
N PRO D 81 -18.19 19.26 -38.92
CA PRO D 81 -19.17 19.69 -37.92
C PRO D 81 -18.56 20.03 -36.57
N TYR D 82 -17.27 19.72 -36.39
CA TYR D 82 -16.56 20.11 -35.19
C TYR D 82 -15.23 20.74 -35.57
N LEU D 83 -14.76 21.68 -34.75
CA LEU D 83 -13.40 22.17 -34.92
C LEU D 83 -12.45 21.00 -34.71
N THR D 84 -11.60 20.76 -35.71
CA THR D 84 -10.70 19.61 -35.67
C THR D 84 -9.25 20.07 -35.77
N LEU D 85 -8.45 19.75 -34.76
CA LEU D 85 -7.03 20.08 -34.75
C LEU D 85 -6.22 18.82 -34.99
N PHE D 86 -5.19 18.92 -35.80
CA PHE D 86 -4.42 17.73 -36.17
C PHE D 86 -2.95 17.99 -36.45
N ILE D 87 -2.15 16.92 -36.38
CA ILE D 87 -0.76 16.97 -36.78
C ILE D 87 -0.59 16.01 -37.94
N GLY D 88 0.61 15.93 -38.50
CA GLY D 88 0.88 15.06 -39.62
C GLY D 88 1.53 13.75 -39.19
N GLY D 89 1.21 12.69 -39.91
CA GLY D 89 1.80 11.38 -39.67
C GLY D 89 2.72 10.99 -40.82
N ASN D 90 2.66 9.73 -41.23
CA ASN D 90 3.50 9.24 -42.31
C ASN D 90 2.76 9.03 -43.63
N HIS D 91 1.44 9.19 -43.58
CA HIS D 91 0.60 9.08 -44.76
C HIS D 91 -0.13 10.40 -44.96
N GLU D 92 0.53 11.33 -45.64
CA GLU D 92 -0.01 12.68 -45.81
C GLU D 92 0.21 13.21 -47.21
N SER D 93 -0.58 14.22 -47.57
CA SER D 93 -0.25 15.04 -48.72
C SER D 93 0.84 15.97 -48.23
N SER D 94 2.09 15.49 -48.24
CA SER D 94 3.19 16.19 -47.59
C SER D 94 3.46 17.57 -48.16
N ASN D 95 3.11 17.77 -49.42
CA ASN D 95 3.28 19.08 -50.04
C ASN D 95 2.38 20.11 -49.35
N VAL D 96 1.14 19.71 -49.09
CA VAL D 96 0.18 20.58 -48.40
C VAL D 96 0.70 20.96 -47.02
N LEU D 97 1.21 19.99 -46.29
CA LEU D 97 1.71 20.24 -44.94
C LEU D 97 2.96 21.14 -44.93
N LEU D 98 3.77 21.05 -45.98
CA LEU D 98 4.97 21.88 -46.06
C LEU D 98 4.60 23.34 -46.33
N HIS D 99 3.66 23.55 -47.23
CA HIS D 99 3.13 24.89 -47.47
C HIS D 99 2.66 25.48 -46.14
N LEU D 100 2.00 24.64 -45.34
CA LEU D 100 1.44 25.06 -44.07
C LEU D 100 2.33 24.67 -42.90
N TYR D 101 3.64 24.75 -43.06
CA TYR D 101 4.56 24.34 -41.99
C TYR D 101 4.41 25.18 -40.74
N ASN D 102 3.96 26.43 -40.90
CA ASN D 102 3.64 27.30 -39.77
C ASN D 102 2.20 27.11 -39.31
N GLY D 103 1.57 26.02 -39.71
CA GLY D 103 0.19 25.76 -39.37
C GLY D 103 -0.77 26.42 -40.32
N GLY D 104 -2.03 25.99 -40.29
CA GLY D 104 -3.04 26.60 -41.14
C GLY D 104 -4.27 25.72 -41.33
N PHE D 105 -5.36 26.34 -41.75
CA PHE D 105 -6.58 25.61 -42.08
C PHE D 105 -6.45 24.97 -43.46
N VAL D 106 -6.68 23.66 -43.54
CA VAL D 106 -6.68 22.97 -44.82
C VAL D 106 -8.08 23.06 -45.43
N CYS D 107 -9.08 23.23 -44.56
CA CYS D 107 -10.44 23.59 -44.96
C CYS D 107 -11.17 24.05 -43.70
N PHE D 108 -12.45 24.38 -43.85
CA PHE D 108 -13.24 24.87 -42.72
C PHE D 108 -13.26 23.85 -41.59
N ASN D 109 -12.91 24.33 -40.38
CA ASN D 109 -12.89 23.51 -39.17
C ASN D 109 -11.81 22.42 -39.10
N MET D 110 -10.85 22.45 -40.01
CA MET D 110 -9.71 21.54 -39.93
C MET D 110 -8.41 22.32 -39.87
N TYR D 111 -7.85 22.42 -38.67
CA TYR D 111 -6.62 23.20 -38.49
C TYR D 111 -5.39 22.32 -38.29
N TYR D 112 -4.41 22.49 -39.18
CA TYR D 112 -3.12 21.80 -39.08
C TYR D 112 -2.20 22.60 -38.17
N LEU D 113 -1.60 21.93 -37.19
CA LEU D 113 -0.75 22.62 -36.23
C LEU D 113 0.63 22.98 -36.77
N GLY D 114 0.98 22.45 -37.94
CA GLY D 114 2.30 22.72 -38.52
C GLY D 114 3.29 21.63 -38.19
N VAL D 115 4.54 21.83 -38.62
CA VAL D 115 5.64 20.95 -38.25
C VAL D 115 5.66 20.76 -36.74
N CYS D 116 5.53 21.88 -36.04
CA CYS D 116 5.28 21.89 -34.61
C CYS D 116 4.72 23.25 -34.24
N SER D 117 3.94 23.30 -33.16
CA SER D 117 3.44 24.56 -32.62
C SER D 117 2.73 24.32 -31.30
N CYS D 118 2.31 25.42 -30.69
CA CYS D 118 1.47 25.38 -29.50
C CYS D 118 0.29 26.29 -29.77
N ILE D 119 -0.92 25.83 -29.48
CA ILE D 119 -2.10 26.67 -29.63
C ILE D 119 -2.86 26.80 -28.30
N ASN D 120 -3.71 27.81 -28.20
CA ASN D 120 -4.56 27.97 -27.03
C ASN D 120 -6.02 27.75 -27.39
N ILE D 121 -6.74 27.02 -26.53
CA ILE D 121 -8.18 26.84 -26.70
C ILE D 121 -8.83 26.41 -25.38
N ASN D 122 -9.91 27.10 -25.00
CA ASN D 122 -10.61 26.84 -23.75
C ASN D 122 -9.70 26.70 -22.53
N GLY D 123 -8.71 27.58 -22.43
CA GLY D 123 -7.78 27.58 -21.31
C GLY D 123 -6.66 26.56 -21.42
N LEU D 124 -6.67 25.78 -22.50
CA LEU D 124 -5.70 24.71 -22.68
C LEU D 124 -4.53 25.15 -23.56
N ARG D 125 -3.34 24.68 -23.24
CA ARG D 125 -2.19 24.85 -24.11
C ARG D 125 -1.87 23.49 -24.75
N ILE D 126 -1.98 23.44 -26.07
CA ILE D 126 -1.82 22.19 -26.80
C ILE D 126 -0.64 22.22 -27.76
N VAL D 127 0.26 21.26 -27.62
CA VAL D 127 1.45 21.18 -28.46
C VAL D 127 1.32 20.04 -29.47
N GLY D 128 1.74 20.28 -30.71
CA GLY D 128 1.72 19.24 -31.73
C GLY D 128 3.11 19.00 -32.30
N VAL D 129 3.44 17.74 -32.55
CA VAL D 129 4.71 17.38 -33.16
C VAL D 129 4.45 16.43 -34.33
N SER D 130 4.64 16.91 -35.55
CA SER D 130 4.29 16.14 -36.75
C SER D 130 5.36 15.15 -37.19
N GLY D 131 4.93 14.12 -37.91
CA GLY D 131 5.84 13.19 -38.57
C GLY D 131 6.17 11.93 -37.78
N ILE D 132 7.03 11.10 -38.35
CA ILE D 132 7.61 9.97 -37.64
C ILE D 132 9.15 10.02 -37.73
N TYR D 133 9.81 9.31 -36.83
CA TYR D 133 11.27 9.39 -36.73
C TYR D 133 12.00 8.50 -37.72
N LYS D 134 13.01 9.08 -38.37
CA LYS D 134 13.99 8.35 -39.14
C LYS D 134 15.33 9.05 -38.92
N SER D 135 16.30 8.35 -38.33
CA SER D 135 17.52 8.99 -37.86
C SER D 135 18.31 9.70 -38.97
N PHE D 136 18.26 9.18 -40.18
CA PHE D 136 19.05 9.74 -41.28
C PHE D 136 18.52 11.07 -41.86
N ASP D 137 17.25 11.35 -41.65
CA ASP D 137 16.67 12.62 -42.12
C ASP D 137 16.49 13.61 -40.98
N GLU D 138 17.04 13.27 -39.82
CA GLU D 138 16.93 14.05 -38.58
C GLU D 138 17.46 15.48 -38.73
N LYS D 139 18.54 15.63 -39.48
CA LYS D 139 19.21 16.92 -39.63
C LYS D 139 19.01 17.48 -41.02
N LYS D 140 18.14 16.83 -41.79
CA LYS D 140 17.86 17.25 -43.15
C LYS D 140 16.96 18.48 -43.14
N PRO D 141 17.28 19.48 -43.99
CA PRO D 141 16.39 20.65 -44.03
C PRO D 141 15.20 20.40 -44.94
N TYR D 142 14.22 21.30 -44.89
CA TYR D 142 13.14 21.26 -45.87
C TYR D 142 13.58 22.01 -47.11
N THR D 143 13.29 21.46 -48.29
CA THR D 143 13.51 22.18 -49.54
C THR D 143 12.16 22.62 -50.08
N TYR D 144 12.06 23.89 -50.46
CA TYR D 144 10.78 24.47 -50.88
C TYR D 144 10.97 25.24 -52.19
N PRO D 145 9.99 25.18 -53.10
CA PRO D 145 8.67 24.50 -53.04
C PRO D 145 8.79 22.97 -53.03
N PRO D 146 7.74 22.28 -52.56
CA PRO D 146 7.84 20.83 -52.46
C PRO D 146 8.11 20.13 -53.79
N SER D 147 8.90 19.05 -53.73
CA SER D 147 9.25 18.28 -54.92
C SER D 147 8.86 16.82 -54.70
N PRO D 148 8.32 16.18 -55.75
CA PRO D 148 7.90 14.77 -55.70
C PRO D 148 9.05 13.84 -55.33
N ASN D 149 10.28 14.31 -55.50
CA ASN D 149 11.45 13.52 -55.11
C ASN D 149 11.54 13.37 -53.59
N ASP D 150 10.80 14.22 -52.88
CA ASP D 150 10.87 14.27 -51.42
C ASP D 150 9.70 13.60 -50.71
N VAL D 151 8.94 12.80 -51.44
CA VAL D 151 7.78 12.15 -50.86
C VAL D 151 8.14 11.20 -49.72
N VAL D 152 9.36 10.65 -49.77
CA VAL D 152 9.84 9.72 -48.75
C VAL D 152 10.43 10.38 -47.51
N SER D 153 10.79 11.66 -47.61
CA SER D 153 11.53 12.32 -46.54
C SER D 153 10.76 13.45 -45.85
N LEU D 154 9.81 14.03 -46.57
CA LEU D 154 9.07 15.21 -46.07
C LEU D 154 8.38 15.00 -44.71
N PHE D 155 7.90 13.78 -44.46
CA PHE D 155 7.18 13.50 -43.22
C PHE D 155 8.05 12.99 -42.08
N HIS D 156 9.37 13.02 -42.26
CA HIS D 156 10.28 12.61 -41.19
C HIS D 156 10.55 13.76 -40.21
N THR D 157 10.29 13.50 -38.93
CA THR D 157 10.46 14.49 -37.88
C THR D 157 11.91 14.99 -37.82
N ARG D 158 12.07 16.31 -37.81
CA ARG D 158 13.40 16.90 -37.73
C ARG D 158 13.77 17.19 -36.28
N ASN D 159 15.06 17.09 -35.98
CA ASN D 159 15.59 17.31 -34.65
C ASN D 159 15.32 18.72 -34.10
N TYR D 160 15.27 19.71 -35.00
CA TYR D 160 15.18 21.11 -34.59
C TYR D 160 13.91 21.44 -33.80
N VAL D 161 12.88 20.63 -33.95
CA VAL D 161 11.61 20.89 -33.26
C VAL D 161 11.76 20.86 -31.74
N ILE D 162 12.72 20.09 -31.25
CA ILE D 162 13.03 20.07 -29.82
C ILE D 162 13.41 21.47 -29.32
N GLN D 163 14.29 22.14 -30.07
CA GLN D 163 14.75 23.48 -29.70
C GLN D 163 13.63 24.50 -29.84
N MET D 164 12.73 24.28 -30.80
CA MET D 164 11.60 25.18 -31.00
C MET D 164 10.60 25.08 -29.85
N LEU D 165 10.49 23.90 -29.25
CA LEU D 165 9.46 23.63 -28.27
C LEU D 165 9.95 23.62 -26.82
N SER D 166 11.27 23.59 -26.62
CA SER D 166 11.85 23.37 -25.29
C SER D 166 11.42 24.34 -24.20
N ASN D 167 11.27 25.62 -24.54
CA ASN D 167 10.99 26.64 -23.52
C ASN D 167 9.50 26.89 -23.24
N LEU D 168 8.63 26.06 -23.81
CA LEU D 168 7.20 26.35 -23.77
C LEU D 168 6.52 26.13 -22.43
N SER D 169 7.16 25.39 -21.52
CA SER D 169 6.55 25.11 -20.23
C SER D 169 7.05 26.03 -19.11
N GLN D 170 7.84 27.05 -19.48
CA GLN D 170 8.38 28.01 -18.51
C GLN D 170 7.27 28.84 -17.86
N SER D 171 6.41 29.44 -18.68
CA SER D 171 5.32 30.28 -18.18
C SER D 171 4.29 29.46 -17.41
N SER D 172 3.78 28.42 -18.07
CA SER D 172 2.76 27.55 -17.48
C SER D 172 2.87 26.17 -18.09
N GLN D 173 2.13 25.20 -17.54
CA GLN D 173 2.22 23.83 -18.01
C GLN D 173 1.58 23.65 -19.39
N ILE D 174 1.99 22.59 -20.08
CA ILE D 174 1.32 22.17 -21.31
C ILE D 174 0.29 21.11 -20.93
N ASP D 175 -0.93 21.28 -21.41
CA ASP D 175 -2.01 20.36 -21.05
C ASP D 175 -1.97 19.09 -21.90
N ILE D 176 -1.97 19.27 -23.22
CA ILE D 176 -1.94 18.14 -24.14
C ILE D 176 -0.84 18.29 -25.16
N SER D 177 -0.06 17.23 -25.35
CA SER D 177 0.88 17.18 -26.47
C SER D 177 0.46 16.08 -27.45
N LEU D 178 0.64 16.34 -28.74
CA LEU D 178 0.28 15.38 -29.78
C LEU D 178 1.50 14.94 -30.58
N SER D 179 1.64 13.64 -30.79
CA SER D 179 2.62 13.13 -31.75
C SER D 179 1.98 12.01 -32.56
N HIS D 180 2.61 11.63 -33.66
CA HIS D 180 2.09 10.51 -34.43
C HIS D 180 2.67 9.20 -33.90
N ASP D 181 3.97 9.01 -34.07
CA ASP D 181 4.61 7.84 -33.47
C ASP D 181 4.87 8.07 -31.99
N TRP D 182 4.98 6.98 -31.24
CA TRP D 182 5.10 7.05 -29.79
C TRP D 182 6.41 7.65 -29.35
N PRO D 183 6.41 8.30 -28.17
CA PRO D 183 7.66 8.67 -27.51
C PRO D 183 8.45 7.41 -27.20
N GLN D 184 9.73 7.39 -27.57
CA GLN D 184 10.55 6.18 -27.39
C GLN D 184 10.58 5.70 -25.95
N GLY D 185 10.39 4.40 -25.76
CA GLY D 185 10.49 3.79 -24.45
C GLY D 185 9.21 3.77 -23.63
N ILE D 186 8.25 4.59 -24.03
CA ILE D 186 7.02 4.78 -23.26
C ILE D 186 6.15 3.51 -23.16
N VAL D 187 6.38 2.55 -24.07
CA VAL D 187 5.65 1.28 -24.05
C VAL D 187 5.94 0.48 -22.77
N MET D 188 7.11 0.72 -22.18
CA MET D 188 7.51 -0.02 -20.97
C MET D 188 6.94 0.60 -19.70
N LYS D 189 6.07 1.60 -19.86
CA LYS D 189 5.47 2.28 -18.72
C LYS D 189 3.97 1.98 -18.60
N GLY D 190 3.53 0.93 -19.30
CA GLY D 190 2.14 0.52 -19.21
C GLY D 190 2.01 -0.99 -19.11
N ASN D 191 0.77 -1.48 -19.12
CA ASN D 191 0.52 -2.91 -19.13
C ASN D 191 0.95 -3.51 -20.46
N TYR D 192 2.27 -3.63 -20.65
CA TYR D 192 2.83 -4.02 -21.95
C TYR D 192 2.71 -5.51 -22.28
N LYS D 193 2.62 -6.36 -21.26
CA LYS D 193 2.40 -7.78 -21.50
C LYS D 193 1.05 -8.00 -22.15
N GLN D 194 0.05 -7.25 -21.67
CA GLN D 194 -1.29 -7.27 -22.25
C GLN D 194 -1.28 -6.73 -23.68
N LEU D 195 -0.38 -5.78 -23.93
CA LEU D 195 -0.23 -5.20 -25.26
C LEU D 195 0.40 -6.20 -26.23
N TYR D 196 1.52 -6.79 -25.81
CA TYR D 196 2.23 -7.79 -26.61
C TYR D 196 1.37 -9.03 -26.83
N ARG D 197 0.35 -9.18 -26.01
CA ARG D 197 -0.58 -10.31 -26.09
C ARG D 197 -1.62 -10.08 -27.17
N PHE D 198 -1.90 -8.80 -27.43
CA PHE D 198 -2.85 -8.43 -28.47
C PHE D 198 -2.11 -7.99 -29.73
N GLN D 199 -0.85 -7.59 -29.56
CA GLN D 199 -0.05 -7.06 -30.66
C GLN D 199 1.39 -7.60 -30.63
N PRO D 200 1.56 -8.88 -31.00
CA PRO D 200 2.86 -9.58 -30.90
C PRO D 200 3.99 -8.95 -31.71
N GLY D 201 3.67 -8.02 -32.59
CA GLY D 201 4.68 -7.35 -33.39
C GLY D 201 5.59 -6.44 -32.59
N PHE D 202 5.02 -5.77 -31.59
CA PHE D 202 5.73 -4.75 -30.82
C PHE D 202 6.84 -5.33 -29.93
N LYS D 203 6.69 -6.60 -29.60
CA LYS D 203 7.60 -7.29 -28.68
C LYS D 203 9.09 -7.15 -29.03
N LYS D 204 9.43 -7.40 -30.29
CA LYS D 204 10.83 -7.46 -30.73
C LYS D 204 11.59 -6.15 -30.51
N ASP D 205 10.96 -5.04 -30.88
CA ASP D 205 11.57 -3.72 -30.70
C ASP D 205 11.83 -3.44 -29.22
N GLY D 206 10.89 -3.83 -28.37
CA GLY D 206 11.02 -3.63 -26.94
C GLY D 206 11.10 -2.15 -26.57
N ALA D 207 12.10 -1.81 -25.77
CA ALA D 207 12.26 -0.44 -25.27
C ALA D 207 12.57 0.59 -26.36
N SER D 208 13.11 0.14 -27.48
CA SER D 208 13.51 1.06 -28.55
C SER D 208 12.36 1.57 -29.40
N LEU D 209 11.16 1.01 -29.18
CA LEU D 209 9.98 1.40 -29.94
C LEU D 209 9.69 2.89 -29.76
N GLY D 210 9.56 3.61 -30.87
CA GLY D 210 9.09 4.98 -30.82
C GLY D 210 10.13 6.01 -31.19
N SER D 211 9.72 7.28 -31.13
CA SER D 211 10.57 8.39 -31.51
C SER D 211 11.38 8.94 -30.34
N PRO D 212 12.72 8.93 -30.48
CA PRO D 212 13.60 9.57 -29.51
C PRO D 212 13.40 11.08 -29.47
N ILE D 213 12.89 11.66 -30.56
CA ILE D 213 12.58 13.08 -30.58
C ILE D 213 11.38 13.37 -29.69
N ASN D 214 10.32 12.58 -29.86
CA ASN D 214 9.13 12.71 -29.02
C ASN D 214 9.40 12.38 -27.55
N LYS D 215 10.31 11.45 -27.31
CA LYS D 215 10.74 11.13 -25.95
C LYS D 215 11.34 12.35 -25.25
N VAL D 216 12.21 13.06 -25.96
CA VAL D 216 12.88 14.24 -25.41
C VAL D 216 11.87 15.35 -25.14
N ILE D 217 10.97 15.57 -26.08
CA ILE D 217 9.93 16.60 -25.92
C ILE D 217 9.02 16.29 -24.74
N LEU D 218 8.65 15.01 -24.58
CA LEU D 218 7.86 14.59 -23.43
C LEU D 218 8.60 14.87 -22.13
N ASN D 219 9.87 14.47 -22.07
CA ASN D 219 10.67 14.70 -20.87
C ASN D 219 10.91 16.18 -20.57
N THR D 220 10.87 17.00 -21.61
CA THR D 220 11.13 18.44 -21.46
C THR D 220 9.87 19.21 -21.04
N LEU D 221 8.76 18.94 -21.71
CA LEU D 221 7.52 19.67 -21.46
C LEU D 221 6.66 19.04 -20.36
N LYS D 222 6.85 17.74 -20.13
CA LYS D 222 6.06 16.95 -19.18
C LYS D 222 4.59 17.35 -19.14
N PRO D 223 3.88 17.22 -20.28
CA PRO D 223 2.49 17.68 -20.33
C PRO D 223 1.57 16.78 -19.51
N LYS D 224 0.36 17.26 -19.22
CA LYS D 224 -0.62 16.46 -18.49
C LYS D 224 -0.95 15.19 -19.26
N TYR D 225 -1.08 15.33 -20.58
CA TYR D 225 -1.39 14.21 -21.46
C TYR D 225 -0.47 14.19 -22.68
N TRP D 226 -0.05 13.00 -23.08
CA TRP D 226 0.59 12.82 -24.38
C TRP D 226 -0.24 11.81 -25.17
N ILE D 227 -0.71 12.24 -26.34
CA ILE D 227 -1.55 11.38 -27.17
C ILE D 227 -0.86 11.07 -28.49
N SER D 228 -0.78 9.79 -28.83
CA SER D 228 -0.14 9.35 -30.05
C SER D 228 -1.01 8.37 -30.82
N GLY D 229 -0.84 8.34 -32.13
CA GLY D 229 -1.51 7.36 -32.97
C GLY D 229 -0.48 6.41 -33.54
N HIS D 230 -0.51 6.25 -34.86
CA HIS D 230 0.45 5.44 -35.60
C HIS D 230 0.41 3.93 -35.34
N MET D 231 0.07 3.51 -34.13
CA MET D 231 0.29 2.13 -33.71
C MET D 231 -0.88 1.14 -33.89
N HIS D 232 -2.03 1.63 -34.30
CA HIS D 232 -3.20 0.77 -34.51
C HIS D 232 -3.61 -0.01 -33.26
N CYS D 233 -3.50 0.62 -32.10
CA CYS D 233 -3.91 -0.03 -30.86
C CYS D 233 -4.28 0.99 -29.81
N GLU D 234 -5.04 0.54 -28.81
CA GLU D 234 -5.40 1.38 -27.69
C GLU D 234 -4.44 1.06 -26.57
N TYR D 235 -3.88 2.08 -25.96
CA TYR D 235 -2.86 1.91 -24.92
C TYR D 235 -2.85 3.05 -23.92
N HIS D 236 -2.45 2.74 -22.70
CA HIS D 236 -2.29 3.74 -21.65
C HIS D 236 -0.95 3.54 -20.98
N ALA D 237 -0.33 4.62 -20.54
CA ALA D 237 0.91 4.54 -19.78
C ALA D 237 1.15 5.82 -19.00
N GLU D 238 1.94 5.71 -17.95
CA GLU D 238 2.24 6.85 -17.09
C GLU D 238 3.74 7.08 -17.02
N GLU D 239 4.17 8.24 -17.49
CA GLU D 239 5.58 8.63 -17.41
C GLU D 239 5.70 9.92 -16.59
N GLY D 240 6.09 9.79 -15.33
CA GLY D 240 6.08 10.91 -14.42
C GLY D 240 4.67 11.48 -14.30
N PRO D 241 4.53 12.80 -14.42
CA PRO D 241 3.24 13.49 -14.32
C PRO D 241 2.41 13.39 -15.60
N THR D 242 2.92 12.69 -16.61
CA THR D 242 2.28 12.63 -17.92
C THR D 242 1.44 11.36 -18.13
N HIS D 243 0.18 11.56 -18.48
CA HIS D 243 -0.69 10.45 -18.88
C HIS D 243 -0.53 10.22 -20.38
N PHE D 244 0.00 9.07 -20.76
CA PHE D 244 0.14 8.77 -22.18
C PHE D 244 -1.02 7.92 -22.67
N ILE D 245 -1.56 8.29 -23.82
CA ILE D 245 -2.69 7.58 -24.42
C ILE D 245 -2.44 7.31 -25.89
N ALA D 246 -2.51 6.04 -26.29
CA ALA D 246 -2.34 5.68 -27.69
C ALA D 246 -3.68 5.32 -28.30
N LEU D 247 -3.92 5.80 -29.51
CA LEU D 247 -5.20 5.61 -30.17
C LEU D 247 -5.09 4.78 -31.44
N GLY D 248 -6.20 4.15 -31.83
CA GLY D 248 -6.19 3.21 -32.94
C GLY D 248 -6.48 3.82 -34.29
N LYS D 249 -7.00 2.99 -35.19
CA LYS D 249 -7.26 3.38 -36.58
C LYS D 249 -8.76 3.50 -36.85
N ILE D 250 -9.17 4.60 -37.47
CA ILE D 250 -10.58 4.86 -37.73
C ILE D 250 -11.27 3.70 -38.45
N GLY D 251 -12.46 3.34 -37.98
CA GLY D 251 -13.18 2.18 -38.46
C GLY D 251 -13.14 1.10 -37.40
N TYR D 252 -12.29 1.32 -36.40
CA TYR D 252 -12.07 0.37 -35.33
C TYR D 252 -12.41 1.10 -34.02
N LYS D 253 -12.93 0.37 -33.03
CA LYS D 253 -13.48 1.01 -31.83
C LYS D 253 -12.45 1.78 -30.98
N ASN D 254 -11.21 1.27 -30.94
CA ASN D 254 -10.16 1.91 -30.15
C ASN D 254 -9.60 3.20 -30.74
N ALA D 255 -10.12 3.60 -31.89
CA ALA D 255 -9.62 4.77 -32.62
C ALA D 255 -10.03 6.11 -32.03
N ILE D 256 -11.17 6.14 -31.35
CA ILE D 256 -11.66 7.37 -30.75
C ILE D 256 -11.92 7.20 -29.25
N SER D 257 -11.29 8.06 -28.46
CA SER D 257 -11.60 8.16 -27.04
C SER D 257 -11.95 9.61 -26.73
N TYR D 258 -12.22 9.89 -25.46
CA TYR D 258 -12.68 11.21 -25.05
C TYR D 258 -12.00 11.65 -23.77
N LEU D 259 -11.59 12.92 -23.74
CA LEU D 259 -11.02 13.51 -22.54
C LEU D 259 -12.04 14.46 -21.94
N ASP D 260 -12.42 14.19 -20.69
CA ASP D 260 -13.32 15.09 -19.99
C ASP D 260 -12.51 15.97 -19.06
N LEU D 261 -12.24 17.18 -19.51
CA LEU D 261 -11.31 18.09 -18.84
C LEU D 261 -12.04 19.30 -18.28
N PRO D 262 -11.52 19.87 -17.19
CA PRO D 262 -12.10 21.10 -16.64
C PRO D 262 -12.08 22.24 -17.65
N LEU D 263 -12.99 23.20 -17.48
CA LEU D 263 -13.16 24.31 -18.40
C LEU D 263 -13.17 25.63 -17.62
N LYS D 264 -12.00 26.26 -17.51
CA LYS D 264 -11.88 27.53 -16.82
C LYS D 264 -12.63 28.61 -17.57
N GLN D 265 -12.32 28.72 -18.86
CA GLN D 265 -12.93 29.72 -19.73
C GLN D 265 -13.16 29.11 -21.10
N LYS D 266 -14.36 29.32 -21.66
CA LYS D 266 -14.60 28.93 -23.04
C LYS D 266 -14.04 30.02 -23.94
N THR D 267 -13.11 29.65 -24.82
CA THR D 267 -12.42 30.64 -25.65
C THR D 267 -11.99 30.08 -26.99
N ASP D 268 -12.20 30.87 -28.04
CA ASP D 268 -11.87 30.49 -29.41
C ASP D 268 -10.40 30.09 -29.59
N LEU D 269 -10.15 29.33 -30.64
CA LEU D 269 -8.80 28.92 -31.00
C LEU D 269 -7.88 30.11 -31.16
N GLU D 270 -6.76 30.10 -30.45
CA GLU D 270 -5.78 31.18 -30.49
C GLU D 270 -4.36 30.66 -30.62
N TYR D 271 -3.47 31.47 -31.18
CA TYR D 271 -2.05 31.15 -31.19
C TYR D 271 -1.52 31.30 -29.77
N ASP D 272 -0.60 30.43 -29.36
CA ASP D 272 0.04 30.57 -28.06
C ASP D 272 1.08 31.70 -28.13
N LYS D 273 1.09 32.58 -27.12
CA LYS D 273 1.94 33.77 -27.13
C LYS D 273 3.43 33.42 -27.07
N ASP D 274 3.77 32.44 -26.25
CA ASP D 274 5.15 31.98 -26.15
C ASP D 274 5.61 31.38 -27.47
N TRP D 275 4.74 30.60 -28.10
CA TRP D 275 5.05 30.03 -29.42
C TRP D 275 5.24 31.13 -30.47
N VAL D 276 4.38 32.14 -30.44
CA VAL D 276 4.48 33.27 -31.37
C VAL D 276 5.83 33.97 -31.22
N CYS D 277 6.24 34.18 -29.96
CA CYS D 277 7.54 34.80 -29.69
C CYS D 277 8.70 33.94 -30.21
N ASN D 278 8.60 32.63 -30.04
CA ASN D 278 9.63 31.72 -30.54
C ASN D 278 9.72 31.78 -32.06
N LEU D 279 8.55 31.96 -32.68
CA LEU D 279 8.42 31.96 -34.13
C LEU D 279 9.09 33.17 -34.75
N ILE D 280 8.87 34.34 -34.15
CA ILE D 280 9.48 35.57 -34.62
C ILE D 280 10.99 35.58 -34.37
N MET D 281 11.39 35.20 -33.16
CA MET D 281 12.81 35.25 -32.78
C MET D 281 13.68 34.29 -33.58
N THR D 282 13.06 33.24 -34.14
CA THR D 282 13.79 32.26 -34.93
C THR D 282 13.73 32.57 -36.41
N TRP D 283 13.16 33.72 -36.78
CA TRP D 283 13.05 34.09 -38.19
C TRP D 283 14.34 33.98 -39.01
N PRO D 284 15.49 34.47 -38.46
CA PRO D 284 16.73 34.38 -39.24
C PRO D 284 17.04 32.97 -39.73
N ALA D 285 16.71 31.96 -38.93
CA ALA D 285 16.95 30.57 -39.30
C ALA D 285 16.02 30.11 -40.44
N PHE D 286 14.90 30.82 -40.62
CA PHE D 286 13.91 30.43 -41.62
C PHE D 286 13.81 31.42 -42.78
N SER D 287 14.75 32.35 -42.84
CA SER D 287 14.68 33.47 -43.80
C SER D 287 14.84 33.08 -45.27
N ASN D 288 15.47 31.93 -45.53
CA ASN D 288 15.59 31.45 -46.91
C ASN D 288 14.44 30.50 -47.24
N LYS D 289 13.52 30.96 -48.08
CA LYS D 289 12.32 30.19 -48.39
C LYS D 289 12.59 28.91 -49.16
N ALA D 290 13.75 28.83 -49.81
CA ALA D 290 14.11 27.66 -50.61
C ALA D 290 14.60 26.49 -49.75
N GLN D 291 15.11 26.81 -48.56
CA GLN D 291 15.69 25.79 -47.70
C GLN D 291 15.75 26.24 -46.25
N PHE D 292 15.03 25.53 -45.39
CA PHE D 292 14.90 25.92 -43.99
C PHE D 292 14.62 24.70 -43.11
N PRO D 293 15.00 24.77 -41.82
CA PRO D 293 15.76 25.88 -41.21
C PRO D 293 17.23 25.86 -41.64
N ASP D 294 17.87 27.03 -41.58
CA ASP D 294 19.31 27.12 -41.80
C ASP D 294 19.99 26.91 -40.45
N LEU D 295 20.52 25.71 -40.24
CA LEU D 295 21.07 25.37 -38.94
C LEU D 295 22.54 25.75 -38.79
N SER D 296 22.98 26.69 -39.61
CA SER D 296 24.22 27.41 -39.34
C SER D 296 23.94 28.27 -38.12
N TYR D 297 22.68 28.68 -38.00
CA TYR D 297 22.18 29.32 -36.79
C TYR D 297 21.90 28.27 -35.71
N SER D 298 22.07 28.68 -34.46
CA SER D 298 21.58 27.89 -33.32
C SER D 298 20.22 28.41 -32.91
N ILE D 299 19.22 27.54 -32.88
CA ILE D 299 17.88 27.93 -32.50
C ILE D 299 17.81 28.35 -31.03
N SER D 300 18.57 27.66 -30.17
CA SER D 300 18.68 28.03 -28.76
C SER D 300 19.27 29.43 -28.59
N GLU D 301 20.29 29.73 -29.40
CA GLU D 301 20.94 31.03 -29.34
C GLU D 301 19.95 32.13 -29.74
N LEU D 302 19.19 31.88 -30.79
CA LEU D 302 18.18 32.84 -31.25
C LEU D 302 17.10 33.05 -30.20
N LEU D 303 16.63 31.96 -29.59
CA LEU D 303 15.61 32.03 -28.55
C LEU D 303 16.12 32.68 -27.27
N SER D 304 17.43 32.60 -27.04
CA SER D 304 18.03 33.15 -25.83
C SER D 304 17.85 34.67 -25.76
N LYS D 305 17.56 35.27 -26.92
CA LYS D 305 17.42 36.72 -27.01
C LYS D 305 16.03 37.22 -26.62
N ARG D 306 15.15 36.29 -26.26
CA ARG D 306 13.82 36.67 -25.80
C ARG D 306 13.91 37.44 -24.49
N THR D 307 13.15 38.53 -24.39
CA THR D 307 13.01 39.28 -23.13
C THR D 307 11.53 39.58 -22.92
N LYS D 308 11.18 40.03 -21.71
CA LYS D 308 9.81 40.38 -21.38
C LYS D 308 9.32 41.49 -22.30
N GLU D 309 10.12 42.54 -22.44
CA GLU D 309 9.76 43.69 -23.26
C GLU D 309 9.61 43.36 -24.74
N LEU D 310 10.51 42.52 -25.26
CA LEU D 310 10.42 42.11 -26.67
C LEU D 310 9.19 41.25 -26.90
N ASP D 311 8.93 40.32 -25.99
CA ASP D 311 7.74 39.46 -26.07
C ASP D 311 6.48 40.29 -26.20
N LYS D 312 6.32 41.27 -25.31
CA LYS D 312 5.19 42.18 -25.33
C LYS D 312 5.07 42.90 -26.68
N LYS D 313 6.19 43.40 -27.19
CA LYS D 313 6.21 44.10 -28.48
C LYS D 313 5.79 43.17 -29.61
N ILE D 314 6.34 41.96 -29.60
CA ILE D 314 6.01 40.94 -30.59
C ILE D 314 4.50 40.61 -30.60
N ILE D 315 3.95 40.36 -29.42
CA ILE D 315 2.54 40.02 -29.28
C ILE D 315 1.64 41.16 -29.76
N GLU D 316 2.04 42.39 -29.47
CA GLU D 316 1.36 43.58 -29.96
C GLU D 316 1.31 43.61 -31.50
N LEU D 317 2.47 43.42 -32.12
CA LEU D 317 2.57 43.46 -33.58
C LEU D 317 1.84 42.29 -34.25
N TRP D 318 1.93 41.11 -33.65
CA TRP D 318 1.22 39.95 -34.16
C TRP D 318 -0.28 40.23 -34.17
N GLU D 319 -0.77 40.74 -33.06
CA GLU D 319 -2.18 41.08 -32.91
C GLU D 319 -2.64 42.05 -33.99
N LYS D 320 -1.75 42.98 -34.33
CA LYS D 320 -2.03 43.98 -35.36
C LYS D 320 -2.08 43.36 -36.75
N TYR D 321 -1.03 42.64 -37.14
CA TYR D 321 -0.92 42.12 -38.50
C TYR D 321 -1.66 40.80 -38.76
N ILE D 322 -1.68 39.93 -37.75
CA ILE D 322 -2.25 38.59 -37.93
C ILE D 322 -3.50 38.38 -37.07
N GLY D 323 -3.43 38.79 -35.82
CA GLY D 323 -4.52 38.55 -34.89
C GLY D 323 -4.22 37.33 -34.03
N LEU D 324 -4.65 37.37 -32.77
CA LEU D 324 -4.37 36.28 -31.83
C LEU D 324 -5.31 35.09 -32.06
N LYS D 325 -6.53 35.36 -32.50
CA LYS D 325 -7.45 34.31 -32.89
C LYS D 325 -6.96 33.66 -34.18
N ILE D 326 -6.99 32.34 -34.23
CA ILE D 326 -6.70 31.64 -35.48
C ILE D 326 -7.97 31.61 -36.31
N ILE D 327 -7.96 32.34 -37.42
CA ILE D 327 -9.17 32.51 -38.22
C ILE D 327 -9.06 31.78 -39.54
N TYR D 328 -10.21 31.39 -40.09
CA TYR D 328 -10.22 30.65 -41.35
C TYR D 328 -9.75 31.50 -42.52
N ASP D 329 -8.84 30.94 -43.29
CA ASP D 329 -8.22 31.60 -44.42
C ASP D 329 -8.29 30.62 -45.58
N SER D 330 -8.90 31.01 -46.69
CA SER D 330 -9.08 30.08 -47.81
C SER D 330 -8.23 30.40 -49.03
N ASP D 331 -7.18 31.20 -48.84
CA ASP D 331 -6.20 31.41 -49.90
C ASP D 331 -5.47 30.09 -50.17
N THR D 332 -4.96 29.91 -51.37
CA THR D 332 -4.23 28.68 -51.69
C THR D 332 -3.04 28.56 -50.74
N PHE D 333 -2.64 27.32 -50.46
CA PHE D 333 -1.65 27.09 -49.41
C PHE D 333 -0.29 27.71 -49.72
N ASP D 334 0.03 27.84 -51.01
CA ASP D 334 1.28 28.48 -51.41
C ASP D 334 1.24 29.98 -51.13
N ILE D 335 0.06 30.58 -51.24
CA ILE D 335 -0.13 31.99 -50.90
C ILE D 335 0.00 32.17 -49.38
N GLN D 336 -0.64 31.27 -48.63
CA GLN D 336 -0.63 31.35 -47.17
C GLN D 336 0.78 31.22 -46.62
N PHE D 337 1.57 30.34 -47.24
CA PHE D 337 2.99 30.18 -46.94
C PHE D 337 3.69 31.53 -46.98
N THR D 338 3.60 32.18 -48.14
CA THR D 338 4.27 33.45 -48.37
C THR D 338 3.75 34.54 -47.44
N SER D 339 2.44 34.56 -47.25
CA SER D 339 1.79 35.58 -46.44
C SER D 339 2.19 35.53 -44.97
N ARG D 340 2.16 34.34 -44.37
CA ARG D 340 2.52 34.19 -42.96
C ARG D 340 3.98 34.54 -42.73
N ARG D 341 4.84 34.12 -43.65
CA ARG D 341 6.27 34.44 -43.58
C ARG D 341 6.51 35.94 -43.76
N PHE D 342 5.70 36.57 -44.61
CA PHE D 342 5.82 38.01 -44.84
C PHE D 342 5.64 38.76 -43.53
N TYR D 343 4.68 38.31 -42.73
CA TYR D 343 4.36 39.01 -41.49
C TYR D 343 5.30 38.66 -40.34
N ILE D 344 5.79 37.42 -40.32
CA ILE D 344 6.84 37.05 -39.37
C ILE D 344 8.08 37.91 -39.61
N GLU D 345 8.49 38.01 -40.87
CA GLU D 345 9.64 38.82 -41.23
C GLU D 345 9.43 40.29 -40.90
N LYS D 346 8.21 40.78 -41.17
CA LYS D 346 7.89 42.18 -40.90
C LYS D 346 8.05 42.49 -39.41
N ILE D 347 7.46 41.64 -38.57
CA ILE D 347 7.50 41.84 -37.13
C ILE D 347 8.94 41.77 -36.60
N TYR D 348 9.69 40.76 -37.02
CA TYR D 348 11.08 40.61 -36.62
C TYR D 348 11.89 41.88 -36.94
N ASN D 349 11.73 42.38 -38.15
CA ASN D 349 12.44 43.57 -38.60
C ASN D 349 11.99 44.83 -37.86
N GLU D 350 10.71 44.88 -37.50
CA GLU D 350 10.18 46.00 -36.75
C GLU D 350 10.84 46.12 -35.39
N LEU D 351 11.11 44.98 -34.76
CA LEU D 351 11.82 44.93 -33.49
C LEU D 351 13.21 45.51 -33.64
N ASN D 352 13.83 45.22 -34.78
CA ASN D 352 15.21 45.61 -35.08
C ASN D 352 16.26 45.18 -34.04
N ILE D 353 16.15 43.93 -33.62
CA ILE D 353 17.11 43.30 -32.71
C ILE D 353 18.54 43.81 -32.89
N GLN E 5 50.24 20.64 11.45
CA GLN E 5 49.20 19.69 11.79
C GLN E 5 48.44 19.19 10.55
N ILE E 6 47.78 18.04 10.68
CA ILE E 6 46.98 17.49 9.59
C ILE E 6 45.60 17.01 10.08
N GLN E 7 44.59 17.16 9.23
CA GLN E 7 43.23 16.71 9.56
C GLN E 7 42.82 15.54 8.68
N HIS E 8 42.16 14.56 9.27
CA HIS E 8 41.71 13.39 8.54
C HIS E 8 40.22 13.53 8.21
N ILE E 9 39.91 13.59 6.93
CA ILE E 9 38.54 13.83 6.47
C ILE E 9 37.98 12.61 5.75
N ALA E 10 36.88 12.07 6.29
CA ALA E 10 36.20 10.94 5.66
C ALA E 10 35.40 11.40 4.44
N ILE E 11 35.66 10.79 3.30
CA ILE E 11 34.87 11.08 2.11
C ILE E 11 34.04 9.85 1.72
N VAL E 12 32.74 10.07 1.52
CA VAL E 12 31.80 8.97 1.35
C VAL E 12 31.03 9.09 0.04
N GLY E 13 30.88 7.97 -0.68
CA GLY E 13 30.10 7.93 -1.88
C GLY E 13 28.63 7.77 -1.55
N CYS E 14 27.93 6.96 -2.33
N CYS E 14 27.92 6.96 -2.32
CA CYS E 14 26.47 6.82 -2.19
CA CYS E 14 26.47 6.93 -2.23
C CYS E 14 26.09 6.20 -0.87
C CYS E 14 25.96 6.20 -0.97
N VAL E 15 25.38 6.96 -0.04
CA VAL E 15 24.95 6.45 1.26
C VAL E 15 23.68 5.59 1.20
N HIS E 16 22.76 5.99 0.32
CA HIS E 16 21.47 5.32 0.13
C HIS E 16 20.78 4.80 1.41
N GLY E 17 20.63 5.68 2.40
CA GLY E 17 19.89 5.32 3.61
C GLY E 17 20.61 4.47 4.65
N LYS E 18 21.86 4.10 4.41
CA LYS E 18 22.60 3.19 5.29
C LYS E 18 23.46 3.96 6.30
N TYR E 19 22.83 4.80 7.11
CA TYR E 19 23.55 5.67 8.02
C TYR E 19 24.25 4.92 9.16
N ARG E 20 23.55 3.99 9.80
CA ARG E 20 24.14 3.20 10.87
C ARG E 20 25.34 2.41 10.36
N GLU E 21 25.20 1.83 9.17
CA GLU E 21 26.29 1.07 8.57
C GLU E 21 27.48 1.97 8.24
N MET E 22 27.20 3.15 7.70
CA MET E 22 28.26 4.10 7.36
C MET E 22 29.05 4.51 8.59
N TYR E 23 28.32 4.91 9.63
CA TYR E 23 28.94 5.37 10.86
C TYR E 23 29.69 4.26 11.60
N ARG E 24 29.30 3.02 11.33
CA ARG E 24 30.00 1.86 11.88
C ARG E 24 31.41 1.79 11.30
N GLN E 25 31.50 1.79 9.97
CA GLN E 25 32.80 1.74 9.27
C GLN E 25 33.69 2.91 9.68
N LEU E 26 33.08 4.09 9.82
CA LEU E 26 33.80 5.29 10.24
C LEU E 26 34.41 5.12 11.63
N SER E 27 33.66 4.47 12.51
CA SER E 27 34.14 4.22 13.87
C SER E 27 35.29 3.21 13.87
N GLU E 28 35.18 2.18 13.03
CA GLU E 28 36.21 1.16 12.90
C GLU E 28 37.54 1.73 12.43
N TYR E 29 37.46 2.73 11.56
CA TYR E 29 38.65 3.44 11.08
C TYR E 29 39.38 4.11 12.24
N GLU E 30 38.63 4.81 13.08
CA GLU E 30 39.21 5.52 14.22
C GLU E 30 39.84 4.58 15.25
N LYS E 31 39.23 3.42 15.45
CA LYS E 31 39.74 2.43 16.39
C LYS E 31 41.00 1.77 15.86
N SER E 32 40.89 1.18 14.66
CA SER E 32 41.98 0.41 14.06
C SER E 32 43.21 1.27 13.74
N THR E 33 42.99 2.54 13.46
CA THR E 33 44.09 3.43 13.06
C THR E 33 44.55 4.35 14.19
N GLY E 34 43.68 4.59 15.17
CA GLY E 34 43.99 5.53 16.23
C GLY E 34 43.82 6.97 15.77
N LYS E 35 43.70 7.13 14.45
CA LYS E 35 43.51 8.43 13.84
C LYS E 35 42.14 8.98 14.18
N GLU E 36 42.02 10.29 14.14
CA GLU E 36 40.77 10.96 14.51
C GLU E 36 40.15 11.63 13.29
N ILE E 37 38.86 11.38 13.09
CA ILE E 37 38.10 11.97 11.99
C ILE E 37 37.66 13.38 12.36
N SER E 38 38.07 14.36 11.56
CA SER E 38 37.69 15.75 11.78
C SER E 38 36.22 15.95 11.45
N PHE E 39 35.84 15.56 10.24
CA PHE E 39 34.43 15.59 9.82
C PHE E 39 34.21 14.68 8.61
N VAL E 40 32.97 14.61 8.15
CA VAL E 40 32.60 13.67 7.08
C VAL E 40 31.95 14.41 5.91
N ILE E 41 32.33 14.05 4.69
CA ILE E 41 31.69 14.60 3.51
C ILE E 41 31.04 13.49 2.71
N CYS E 42 29.78 13.66 2.36
CA CYS E 42 29.03 12.66 1.58
C CYS E 42 28.61 13.24 0.23
N THR E 43 28.79 12.46 -0.84
CA THR E 43 28.51 12.92 -2.19
C THR E 43 27.12 12.63 -2.74
N GLY E 44 26.17 12.25 -1.88
CA GLY E 44 24.78 12.18 -2.31
C GLY E 44 24.03 10.87 -2.16
N ASP E 45 22.82 10.84 -2.70
CA ASP E 45 21.87 9.74 -2.50
C ASP E 45 21.67 9.48 -1.00
N MET E 46 21.32 10.54 -0.28
CA MET E 46 21.27 10.51 1.19
C MET E 46 19.97 9.91 1.72
N GLN E 47 18.89 10.10 0.98
CA GLN E 47 17.57 9.58 1.34
C GLN E 47 17.17 10.04 2.74
N THR E 48 17.13 11.35 2.93
CA THR E 48 16.77 11.93 4.22
C THR E 48 15.27 12.03 4.38
N LEU E 49 14.60 10.87 4.41
CA LEU E 49 13.16 10.82 4.62
C LEU E 49 12.83 10.93 6.10
N ARG E 50 12.10 11.99 6.47
CA ARG E 50 11.76 12.25 7.86
C ARG E 50 10.77 11.23 8.40
N TYR E 51 9.76 10.92 7.59
CA TYR E 51 8.68 10.03 7.97
C TYR E 51 8.05 9.40 6.73
N GLU E 52 7.09 8.50 6.92
CA GLU E 52 6.52 7.72 5.83
C GLU E 52 6.03 8.55 4.64
N ALA E 53 5.44 9.71 4.94
CA ALA E 53 4.90 10.58 3.90
C ALA E 53 5.96 11.04 2.88
N ASP E 54 7.21 11.15 3.32
CA ASP E 54 8.28 11.61 2.42
C ASP E 54 8.62 10.63 1.30
N LEU E 55 8.13 9.40 1.40
CA LEU E 55 8.38 8.37 0.38
C LEU E 55 7.88 8.83 -0.99
N VAL E 56 6.84 9.66 -0.98
CA VAL E 56 6.29 10.23 -2.20
C VAL E 56 7.37 10.90 -3.03
N TYR E 57 8.31 11.58 -2.36
CA TYR E 57 9.33 12.37 -3.03
C TYR E 57 10.63 11.61 -3.32
N LEU E 58 10.66 10.32 -2.98
CA LEU E 58 11.81 9.49 -3.28
C LEU E 58 11.68 8.83 -4.66
N LYS E 59 12.49 9.29 -5.60
CA LYS E 59 12.49 8.74 -6.96
C LYS E 59 13.30 7.45 -7.02
N VAL E 60 12.63 6.32 -6.88
CA VAL E 60 13.25 5.00 -6.96
C VAL E 60 12.26 4.04 -7.61
N PRO E 61 12.75 2.91 -8.14
CA PRO E 61 11.83 1.83 -8.49
C PRO E 61 11.12 1.31 -7.24
N PRO E 62 9.89 0.79 -7.40
CA PRO E 62 9.04 0.32 -6.29
C PRO E 62 9.76 -0.53 -5.24
N LYS E 63 10.62 -1.45 -5.68
CA LYS E 63 11.32 -2.34 -4.76
C LYS E 63 12.21 -1.61 -3.75
N TYR E 64 12.59 -0.38 -4.08
CA TYR E 64 13.43 0.41 -3.18
C TYR E 64 12.68 1.58 -2.53
N LYS E 65 11.35 1.49 -2.51
CA LYS E 65 10.55 2.44 -1.76
C LYS E 65 10.63 2.09 -0.28
N GLN E 66 11.75 2.44 0.34
CA GLN E 66 12.02 2.12 1.74
C GLN E 66 12.53 3.34 2.48
N MET E 67 12.26 3.39 3.78
CA MET E 67 12.62 4.53 4.61
C MET E 67 14.13 4.68 4.83
N GLY E 68 14.81 3.56 5.02
CA GLY E 68 16.22 3.62 5.38
C GLY E 68 16.41 4.01 6.83
N ASP E 69 17.63 4.42 7.17
CA ASP E 69 17.99 4.72 8.56
C ASP E 69 17.74 6.16 9.01
N PHE E 70 17.66 7.09 8.06
CA PHE E 70 17.68 8.51 8.40
C PHE E 70 16.70 8.94 9.49
N HIS E 71 15.49 8.40 9.45
CA HIS E 71 14.45 8.82 10.39
C HIS E 71 14.85 8.56 11.85
N LEU E 72 15.67 7.53 12.06
CA LEU E 72 16.19 7.24 13.40
C LEU E 72 16.99 8.43 13.94
N TYR E 73 17.76 9.05 13.07
CA TYR E 73 18.58 10.20 13.45
C TYR E 73 17.72 11.45 13.55
N TYR E 74 16.72 11.54 12.68
CA TYR E 74 15.79 12.66 12.69
C TYR E 74 14.96 12.63 13.96
N GLU E 75 14.63 11.42 14.44
CA GLU E 75 13.84 11.25 15.65
C GLU E 75 14.68 11.36 16.91
N GLY E 76 16.00 11.21 16.77
CA GLY E 76 16.90 11.33 17.92
C GLY E 76 17.22 10.01 18.57
N LYS E 77 16.72 8.92 17.99
CA LYS E 77 16.98 7.59 18.51
C LYS E 77 18.42 7.17 18.20
N GLU E 78 18.96 7.76 17.14
CA GLU E 78 20.36 7.59 16.79
C GLU E 78 21.01 8.97 16.68
N LYS E 79 22.31 9.04 16.91
CA LYS E 79 23.01 10.32 16.87
C LYS E 79 24.30 10.20 16.07
N ALA E 80 24.43 11.01 15.03
CA ALA E 80 25.64 11.01 14.20
C ALA E 80 26.84 11.48 15.02
N PRO E 81 27.87 10.63 15.13
CA PRO E 81 29.04 10.88 15.97
C PRO E 81 30.04 11.84 15.33
N TYR E 82 29.84 12.17 14.07
CA TYR E 82 30.69 13.15 13.40
C TYR E 82 29.86 14.17 12.63
N LEU E 83 30.38 15.39 12.52
CA LEU E 83 29.78 16.39 11.65
C LEU E 83 29.81 15.88 10.22
N THR E 84 28.63 15.83 9.61
CA THR E 84 28.47 15.26 8.28
C THR E 84 27.93 16.27 7.28
N LEU E 85 28.74 16.62 6.30
CA LEU E 85 28.31 17.55 5.25
C LEU E 85 27.94 16.75 4.01
N PHE E 86 26.88 17.18 3.31
CA PHE E 86 26.46 16.46 2.11
C PHE E 86 25.77 17.32 1.08
N ILE E 87 25.69 16.79 -0.13
CA ILE E 87 24.92 17.39 -1.22
C ILE E 87 23.86 16.38 -1.59
N GLY E 88 22.96 16.76 -2.50
CA GLY E 88 21.93 15.84 -2.94
C GLY E 88 22.35 15.06 -4.16
N GLY E 89 21.80 13.86 -4.30
CA GLY E 89 22.03 13.02 -5.47
C GLY E 89 20.74 12.85 -6.25
N ASN E 90 20.49 11.63 -6.71
CA ASN E 90 19.28 11.36 -7.49
C ASN E 90 18.23 10.52 -6.74
N HIS E 91 18.63 10.00 -5.58
CA HIS E 91 17.71 9.29 -4.70
C HIS E 91 17.62 10.04 -3.38
N GLU E 92 16.68 10.98 -3.30
CA GLU E 92 16.57 11.86 -2.14
C GLU E 92 15.13 12.07 -1.74
N SER E 93 14.93 12.57 -0.52
CA SER E 93 13.64 13.15 -0.15
C SER E 93 13.69 14.56 -0.72
N SER E 94 13.36 14.69 -2.01
CA SER E 94 13.58 15.95 -2.72
C SER E 94 12.79 17.13 -2.17
N ASN E 95 11.63 16.86 -1.60
CA ASN E 95 10.84 17.92 -0.97
C ASN E 95 11.62 18.57 0.16
N VAL E 96 12.31 17.74 0.95
CA VAL E 96 13.13 18.23 2.06
C VAL E 96 14.25 19.12 1.54
N LEU E 97 14.95 18.64 0.52
CA LEU E 97 16.10 19.35 -0.02
C LEU E 97 15.70 20.68 -0.67
N LEU E 98 14.48 20.75 -1.19
CA LEU E 98 13.99 21.99 -1.78
C LEU E 98 13.67 23.03 -0.70
N HIS E 99 13.05 22.59 0.39
CA HIS E 99 12.87 23.44 1.56
C HIS E 99 14.21 24.02 1.99
N LEU E 100 15.25 23.19 1.92
CA LEU E 100 16.58 23.57 2.36
C LEU E 100 17.51 23.89 1.19
N TYR E 101 16.97 24.48 0.13
CA TYR E 101 17.78 24.79 -1.05
C TYR E 101 18.90 25.79 -0.74
N ASN E 102 18.71 26.59 0.30
CA ASN E 102 19.76 27.49 0.77
C ASN E 102 20.57 26.84 1.88
N GLY E 103 20.47 25.51 1.97
CA GLY E 103 21.23 24.75 2.96
C GLY E 103 20.52 24.64 4.28
N GLY E 104 20.97 23.71 5.12
CA GLY E 104 20.41 23.56 6.46
C GLY E 104 20.70 22.21 7.07
N PHE E 105 20.60 22.15 8.40
CA PHE E 105 20.68 20.87 9.09
C PHE E 105 19.39 20.08 8.92
N VAL E 106 19.51 18.82 8.52
CA VAL E 106 18.34 17.94 8.41
C VAL E 106 18.10 17.24 9.73
N CYS E 107 19.17 17.14 10.52
CA CYS E 107 19.10 16.69 11.91
C CYS E 107 20.46 17.02 12.52
N PHE E 108 20.66 16.67 13.80
CA PHE E 108 21.90 16.99 14.48
C PHE E 108 23.10 16.41 13.75
N ASN E 109 24.13 17.24 13.56
CA ASN E 109 25.39 16.84 12.94
C ASN E 109 25.32 16.47 11.45
N MET E 110 24.19 16.76 10.81
CA MET E 110 24.05 16.48 9.38
C MET E 110 23.63 17.73 8.62
N TYR E 111 24.56 18.32 7.87
CA TYR E 111 24.30 19.58 7.19
C TYR E 111 24.23 19.44 5.67
N TYR E 112 23.12 19.87 5.09
CA TYR E 112 22.93 19.92 3.65
C TYR E 112 23.45 21.25 3.12
N LEU E 113 24.29 21.20 2.09
CA LEU E 113 24.88 22.41 1.53
C LEU E 113 23.93 23.18 0.62
N GLY E 114 22.76 22.59 0.32
CA GLY E 114 21.79 23.26 -0.53
C GLY E 114 21.95 22.87 -1.98
N VAL E 115 21.20 23.54 -2.85
CA VAL E 115 21.32 23.35 -4.30
C VAL E 115 22.77 23.51 -4.70
N CYS E 116 23.39 24.57 -4.19
CA CYS E 116 24.81 24.79 -4.32
C CYS E 116 25.20 25.81 -3.26
N SER E 117 26.44 25.73 -2.78
CA SER E 117 26.97 26.72 -1.85
C SER E 117 28.45 26.48 -1.60
N CYS E 118 29.05 27.35 -0.80
CA CYS E 118 30.42 27.18 -0.33
C CYS E 118 30.41 27.36 1.18
N ILE E 119 31.08 26.46 1.89
CA ILE E 119 31.21 26.60 3.34
C ILE E 119 32.68 26.69 3.75
N ASN E 120 32.93 27.23 4.94
CA ASN E 120 34.27 27.26 5.50
C ASN E 120 34.36 26.29 6.67
N ILE E 121 35.46 25.53 6.74
CA ILE E 121 35.72 24.69 7.90
C ILE E 121 37.20 24.30 7.98
N ASN E 122 37.80 24.53 9.14
CA ASN E 122 39.20 24.20 9.39
C ASN E 122 40.16 24.79 8.34
N GLY E 123 39.90 26.02 7.93
CA GLY E 123 40.76 26.68 6.96
C GLY E 123 40.53 26.19 5.54
N LEU E 124 39.48 25.41 5.36
CA LEU E 124 39.14 24.89 4.03
C LEU E 124 37.93 25.60 3.44
N ARG E 125 37.92 25.74 2.11
CA ARG E 125 36.74 26.22 1.40
C ARG E 125 36.17 25.06 0.59
N ILE E 126 34.89 24.77 0.80
CA ILE E 126 34.28 23.58 0.23
C ILE E 126 32.98 23.91 -0.52
N VAL E 127 32.95 23.53 -1.80
CA VAL E 127 31.81 23.82 -2.68
C VAL E 127 31.00 22.55 -2.94
N GLY E 128 29.67 22.67 -2.95
CA GLY E 128 28.81 21.54 -3.25
C GLY E 128 27.88 21.83 -4.41
N VAL E 129 27.71 20.85 -5.30
CA VAL E 129 26.75 20.96 -6.38
C VAL E 129 25.82 19.74 -6.32
N SER E 130 24.55 19.97 -6.02
CA SER E 130 23.60 18.86 -5.87
C SER E 130 23.00 18.39 -7.19
N GLY E 131 22.53 17.15 -7.19
CA GLY E 131 21.77 16.61 -8.31
C GLY E 131 22.57 15.89 -9.36
N ILE E 132 21.87 15.31 -10.34
CA ILE E 132 22.50 14.76 -11.53
C ILE E 132 21.98 15.50 -12.76
N TYR E 133 22.75 15.47 -13.84
CA TYR E 133 22.44 16.25 -15.03
C TYR E 133 21.48 15.57 -16.00
N LYS E 134 20.45 16.30 -16.39
CA LYS E 134 19.59 15.93 -17.51
C LYS E 134 19.35 17.18 -18.34
N SER E 135 19.72 17.15 -19.61
CA SER E 135 19.64 18.34 -20.48
C SER E 135 18.23 18.92 -20.52
N PHE E 136 17.23 18.05 -20.52
CA PHE E 136 15.84 18.48 -20.66
C PHE E 136 15.28 19.24 -19.45
N ASP E 137 16.03 19.27 -18.34
CA ASP E 137 15.57 19.94 -17.13
C ASP E 137 16.52 21.05 -16.64
N GLU E 138 17.61 21.28 -17.37
CA GLU E 138 18.65 22.18 -16.87
C GLU E 138 18.25 23.67 -16.89
N LYS E 139 17.20 24.00 -17.63
CA LYS E 139 16.68 25.37 -17.68
C LYS E 139 15.37 25.51 -16.92
N LYS E 140 14.97 24.45 -16.23
CA LYS E 140 13.70 24.43 -15.50
C LYS E 140 13.82 25.19 -14.18
N PRO E 141 12.84 26.05 -13.88
CA PRO E 141 12.88 26.72 -12.57
C PRO E 141 12.41 25.77 -11.49
N TYR E 142 12.72 26.09 -10.23
CA TYR E 142 12.12 25.36 -9.11
C TYR E 142 10.75 25.97 -8.83
N THR E 143 9.77 25.13 -8.51
CA THR E 143 8.47 25.62 -8.09
C THR E 143 8.21 25.23 -6.65
N TYR E 144 7.65 26.15 -5.87
CA TYR E 144 7.49 25.97 -4.44
C TYR E 144 6.08 26.39 -4.01
N PRO E 145 5.46 25.62 -3.09
CA PRO E 145 5.87 24.43 -2.33
C PRO E 145 6.00 23.16 -3.18
N PRO E 146 6.66 22.12 -2.64
CA PRO E 146 6.89 20.92 -3.46
C PRO E 146 5.58 20.23 -3.82
N SER E 147 5.51 19.72 -5.05
CA SER E 147 4.36 18.93 -5.49
C SER E 147 4.84 17.54 -5.86
N PRO E 148 4.02 16.51 -5.61
CA PRO E 148 4.40 15.13 -5.93
C PRO E 148 4.60 14.91 -7.44
N ASN E 149 4.13 15.84 -8.25
CA ASN E 149 4.32 15.73 -9.69
C ASN E 149 5.72 16.16 -10.11
N ASP E 150 6.52 16.59 -9.14
CA ASP E 150 7.89 17.03 -9.43
C ASP E 150 8.94 16.05 -8.91
N VAL E 151 8.57 14.96 -8.48
CA VAL E 151 9.47 13.93 -7.97
C VAL E 151 10.49 13.49 -9.01
N VAL E 152 10.13 13.51 -10.31
CA VAL E 152 11.04 13.10 -11.36
C VAL E 152 11.99 14.21 -11.82
N SER E 153 11.80 15.43 -11.33
CA SER E 153 12.57 16.56 -11.87
C SER E 153 13.34 17.38 -10.83
N LEU E 154 12.95 17.31 -9.56
CA LEU E 154 13.57 18.15 -8.54
C LEU E 154 15.06 17.95 -8.36
N PHE E 155 15.54 16.73 -8.57
CA PHE E 155 16.95 16.41 -8.34
C PHE E 155 17.85 16.61 -9.56
N HIS E 156 17.30 17.16 -10.63
CA HIS E 156 18.08 17.44 -11.82
C HIS E 156 18.82 18.78 -11.66
N THR E 157 20.12 18.76 -11.89
CA THR E 157 20.95 19.95 -11.71
C THR E 157 20.57 21.06 -12.70
N ARG E 158 20.41 22.27 -12.17
CA ARG E 158 20.04 23.41 -13.01
C ARG E 158 21.28 24.15 -13.52
N ASN E 159 21.21 24.65 -14.74
CA ASN E 159 22.31 25.40 -15.34
C ASN E 159 22.76 26.63 -14.54
N TYR E 160 21.82 27.29 -13.87
CA TYR E 160 22.12 28.57 -13.22
C TYR E 160 23.17 28.49 -12.10
N VAL E 161 23.37 27.29 -11.56
CA VAL E 161 24.34 27.10 -10.48
C VAL E 161 25.75 27.47 -10.93
N ILE E 162 25.98 27.43 -12.25
CA ILE E 162 27.25 27.85 -12.82
C ILE E 162 27.50 29.33 -12.55
N GLN E 163 26.52 30.17 -12.86
CA GLN E 163 26.63 31.61 -12.64
C GLN E 163 26.74 31.94 -11.15
N MET E 164 26.16 31.10 -10.31
CA MET E 164 26.18 31.31 -8.86
C MET E 164 27.55 31.03 -8.26
N LEU E 165 28.25 30.06 -8.83
CA LEU E 165 29.50 29.55 -8.26
C LEU E 165 30.76 30.07 -8.94
N SER E 166 30.61 30.65 -10.14
CA SER E 166 31.76 30.95 -11.01
C SER E 166 32.82 31.89 -10.41
N ASN E 167 32.41 32.83 -9.58
CA ASN E 167 33.36 33.83 -9.05
C ASN E 167 34.02 33.45 -7.71
N LEU E 168 33.76 32.24 -7.23
CA LEU E 168 34.16 31.89 -5.87
C LEU E 168 35.66 31.63 -5.69
N SER E 169 36.42 31.65 -6.78
CA SER E 169 37.85 31.33 -6.70
C SER E 169 38.79 32.54 -6.88
N GLN E 170 38.24 33.74 -7.00
CA GLN E 170 39.08 34.93 -7.18
C GLN E 170 39.97 35.19 -5.96
N SER E 171 39.32 35.40 -4.81
CA SER E 171 40.01 35.71 -3.57
C SER E 171 40.96 34.60 -3.16
N SER E 172 40.41 33.40 -3.03
CA SER E 172 41.21 32.23 -2.68
C SER E 172 40.75 31.01 -3.46
N GLN E 173 41.63 30.02 -3.57
CA GLN E 173 41.31 28.78 -4.25
C GLN E 173 40.25 27.99 -3.48
N ILE E 174 39.45 27.22 -4.19
CA ILE E 174 38.53 26.28 -3.58
C ILE E 174 39.32 25.00 -3.26
N ASP E 175 39.24 24.54 -2.02
CA ASP E 175 39.97 23.35 -1.62
C ASP E 175 39.29 22.08 -2.14
N ILE E 176 38.01 21.94 -1.82
CA ILE E 176 37.25 20.75 -2.17
C ILE E 176 35.95 21.13 -2.86
N SER E 177 35.62 20.41 -3.94
CA SER E 177 34.31 20.58 -4.56
C SER E 177 33.58 19.24 -4.62
N LEU E 178 32.27 19.29 -4.38
CA LEU E 178 31.45 18.08 -4.32
C LEU E 178 30.34 18.08 -5.35
N SER E 179 30.22 16.97 -6.08
CA SER E 179 29.09 16.76 -6.98
C SER E 179 28.63 15.31 -6.85
N HIS E 180 27.44 15.01 -7.36
CA HIS E 180 27.00 13.62 -7.34
C HIS E 180 27.49 12.89 -8.58
N ASP E 181 26.93 13.21 -9.74
CA ASP E 181 27.44 12.65 -10.98
C ASP E 181 28.81 13.27 -11.33
N TRP E 182 29.58 12.57 -12.17
CA TRP E 182 30.93 13.00 -12.50
C TRP E 182 30.92 14.21 -13.43
N PRO E 183 31.97 15.04 -13.35
CA PRO E 183 32.19 16.07 -14.37
C PRO E 183 32.33 15.41 -15.74
N GLN E 184 31.58 15.90 -16.72
CA GLN E 184 31.59 15.30 -18.06
C GLN E 184 32.98 15.28 -18.66
N GLY E 185 33.41 14.11 -19.14
CA GLY E 185 34.69 13.99 -19.82
C GLY E 185 35.85 13.54 -18.96
N ILE E 186 35.74 13.73 -17.65
CA ILE E 186 36.87 13.44 -16.75
C ILE E 186 37.22 11.96 -16.70
N VAL E 187 36.31 11.12 -17.20
CA VAL E 187 36.57 9.68 -17.30
C VAL E 187 37.81 9.41 -18.18
N MET E 188 38.00 10.25 -19.19
CA MET E 188 39.12 10.07 -20.13
C MET E 188 40.45 10.56 -19.56
N LYS E 189 40.38 11.25 -18.42
CA LYS E 189 41.58 11.82 -17.81
C LYS E 189 42.22 10.86 -16.82
N GLY E 190 41.74 9.62 -16.81
CA GLY E 190 42.29 8.60 -15.93
C GLY E 190 42.52 7.29 -16.66
N ASN E 191 42.83 6.25 -15.90
CA ASN E 191 43.02 4.91 -16.44
C ASN E 191 41.70 4.34 -16.97
N TYR E 192 41.18 4.93 -18.05
CA TYR E 192 39.84 4.57 -18.53
C TYR E 192 39.73 3.15 -19.07
N LYS E 193 40.83 2.59 -19.57
CA LYS E 193 40.82 1.22 -20.05
C LYS E 193 40.66 0.23 -18.88
N GLN E 194 41.26 0.56 -17.75
CA GLN E 194 41.13 -0.26 -16.54
C GLN E 194 39.69 -0.25 -16.03
N LEU E 195 39.14 0.96 -15.91
CA LEU E 195 37.76 1.15 -15.46
C LEU E 195 36.77 0.39 -16.35
N TYR E 196 36.97 0.49 -17.66
CA TYR E 196 36.10 -0.19 -18.62
C TYR E 196 36.18 -1.71 -18.47
N ARG E 197 37.36 -2.19 -18.05
CA ARG E 197 37.53 -3.61 -17.77
C ARG E 197 36.69 -4.04 -16.56
N PHE E 198 36.53 -3.13 -15.61
CA PHE E 198 35.79 -3.42 -14.38
C PHE E 198 34.33 -3.01 -14.46
N GLN E 199 34.05 -1.98 -15.26
CA GLN E 199 32.68 -1.48 -15.43
C GLN E 199 32.36 -1.28 -16.91
N PRO E 200 32.18 -2.37 -17.66
CA PRO E 200 32.04 -2.29 -19.12
C PRO E 200 30.80 -1.54 -19.61
N GLY E 201 29.90 -1.14 -18.71
CA GLY E 201 28.73 -0.38 -19.11
C GLY E 201 29.07 1.07 -19.43
N PHE E 202 30.25 1.50 -19.00
CA PHE E 202 30.66 2.89 -19.12
C PHE E 202 31.22 3.19 -20.50
N LYS E 203 31.73 2.15 -21.17
CA LYS E 203 32.48 2.29 -22.41
C LYS E 203 31.68 3.00 -23.53
N LYS E 204 30.39 2.71 -23.62
CA LYS E 204 29.56 3.24 -24.69
C LYS E 204 29.37 4.76 -24.61
N ASP E 205 29.33 5.31 -23.40
CA ASP E 205 29.15 6.74 -23.22
C ASP E 205 30.40 7.51 -23.64
N GLY E 206 31.56 6.91 -23.41
CA GLY E 206 32.82 7.55 -23.74
C GLY E 206 33.06 8.80 -22.93
N ALA E 207 33.57 9.84 -23.59
CA ALA E 207 33.88 11.12 -22.95
C ALA E 207 32.63 11.94 -22.65
N SER E 208 31.48 11.51 -23.13
CA SER E 208 30.24 12.24 -22.88
C SER E 208 29.63 11.85 -21.54
N LEU E 209 30.25 10.86 -20.88
CA LEU E 209 29.81 10.43 -19.56
C LEU E 209 29.91 11.59 -18.58
N GLY E 210 28.83 11.84 -17.85
CA GLY E 210 28.88 12.81 -16.77
C GLY E 210 28.16 14.11 -17.06
N SER E 211 28.29 15.05 -16.13
CA SER E 211 27.58 16.32 -16.19
C SER E 211 28.43 17.42 -16.82
N PRO E 212 27.92 18.04 -17.90
CA PRO E 212 28.60 19.20 -18.49
C PRO E 212 28.57 20.39 -17.55
N ILE E 213 27.60 20.39 -16.63
CA ILE E 213 27.51 21.44 -15.61
C ILE E 213 28.69 21.36 -14.64
N ASN E 214 28.93 20.16 -14.11
CA ASN E 214 30.06 19.95 -13.20
C ASN E 214 31.40 20.15 -13.90
N LYS E 215 31.43 19.87 -15.20
CA LYS E 215 32.60 20.08 -16.02
C LYS E 215 32.99 21.56 -16.07
N VAL E 216 32.03 22.41 -16.38
CA VAL E 216 32.24 23.86 -16.42
C VAL E 216 32.70 24.37 -15.06
N ILE E 217 31.98 23.97 -14.02
CA ILE E 217 32.29 24.38 -12.66
C ILE E 217 33.70 23.95 -12.26
N LEU E 218 34.09 22.73 -12.64
CA LEU E 218 35.46 22.28 -12.39
C LEU E 218 36.45 23.16 -13.17
N ASN E 219 36.12 23.45 -14.42
CA ASN E 219 36.97 24.29 -15.26
C ASN E 219 37.08 25.73 -14.76
N THR E 220 35.99 26.24 -14.18
CA THR E 220 35.95 27.63 -13.70
C THR E 220 36.67 27.78 -12.36
N LEU E 221 36.36 26.89 -11.41
CA LEU E 221 36.88 27.01 -10.06
C LEU E 221 38.26 26.37 -9.89
N LYS E 222 38.55 25.37 -10.73
CA LYS E 222 39.78 24.58 -10.62
C LYS E 222 40.14 24.23 -9.19
N PRO E 223 39.21 23.58 -8.46
CA PRO E 223 39.46 23.31 -7.04
C PRO E 223 40.58 22.30 -6.89
N LYS E 224 41.17 22.20 -5.69
CA LYS E 224 42.24 21.23 -5.48
C LYS E 224 41.73 19.81 -5.64
N TYR E 225 40.55 19.54 -5.09
CA TYR E 225 39.93 18.22 -5.19
C TYR E 225 38.52 18.33 -5.71
N TRP E 226 38.17 17.44 -6.63
CA TRP E 226 36.77 17.25 -7.00
C TRP E 226 36.36 15.83 -6.62
N ILE E 227 35.30 15.71 -5.83
CA ILE E 227 34.85 14.41 -5.34
C ILE E 227 33.41 14.13 -5.74
N SER E 228 33.19 12.98 -6.35
CA SER E 228 31.86 12.59 -6.83
C SER E 228 31.52 11.18 -6.40
N GLY E 229 30.22 10.88 -6.37
CA GLY E 229 29.76 9.52 -6.12
C GLY E 229 29.06 8.99 -7.36
N HIS E 230 27.84 8.50 -7.17
CA HIS E 230 26.95 8.11 -8.26
C HIS E 230 27.29 6.84 -9.04
N MET E 231 28.56 6.65 -9.41
CA MET E 231 28.89 5.57 -10.37
C MET E 231 29.21 4.20 -9.75
N HIS E 232 29.19 4.11 -8.43
CA HIS E 232 29.42 2.84 -7.71
C HIS E 232 30.80 2.23 -7.99
N CYS E 233 31.80 3.08 -8.14
CA CYS E 233 33.16 2.60 -8.35
C CYS E 233 34.17 3.61 -7.82
N GLU E 234 35.39 3.14 -7.56
CA GLU E 234 36.49 4.04 -7.24
C GLU E 234 37.15 4.47 -8.55
N TYR E 235 37.69 5.68 -8.56
CA TYR E 235 38.38 6.18 -9.75
C TYR E 235 39.24 7.40 -9.42
N HIS E 236 40.33 7.56 -10.16
CA HIS E 236 41.16 8.75 -10.06
C HIS E 236 41.36 9.34 -11.45
N ALA E 237 41.44 10.67 -11.49
CA ALA E 237 41.79 11.37 -12.73
C ALA E 237 42.41 12.72 -12.41
N GLU E 238 43.14 13.27 -13.37
CA GLU E 238 43.73 14.59 -13.20
C GLU E 238 43.24 15.51 -14.32
N GLU E 239 42.48 16.53 -13.94
CA GLU E 239 42.07 17.57 -14.89
C GLU E 239 42.80 18.86 -14.53
N GLY E 240 43.98 19.04 -15.12
CA GLY E 240 44.83 20.17 -14.78
C GLY E 240 45.27 20.07 -13.33
N PRO E 241 45.11 21.16 -12.58
CA PRO E 241 45.52 21.23 -11.17
C PRO E 241 44.54 20.55 -10.21
N THR E 242 43.47 19.97 -10.73
CA THR E 242 42.46 19.33 -9.88
C THR E 242 42.67 17.83 -9.78
N HIS E 243 42.63 17.30 -8.56
CA HIS E 243 42.63 15.86 -8.33
C HIS E 243 41.18 15.38 -8.28
N PHE E 244 40.80 14.50 -9.19
CA PHE E 244 39.45 13.95 -9.18
C PHE E 244 39.40 12.61 -8.47
N ILE E 245 38.40 12.46 -7.60
CA ILE E 245 38.20 11.20 -6.89
C ILE E 245 36.73 10.81 -6.93
N ALA E 246 36.45 9.61 -7.43
CA ALA E 246 35.10 9.07 -7.38
C ALA E 246 35.01 7.99 -6.32
N LEU E 247 33.86 7.90 -5.66
CA LEU E 247 33.67 6.94 -4.58
C LEU E 247 32.51 5.98 -4.86
N GLY E 248 32.52 4.85 -4.18
CA GLY E 248 31.51 3.82 -4.38
C GLY E 248 30.31 3.93 -3.46
N LYS E 249 29.51 2.89 -3.45
CA LYS E 249 28.25 2.85 -2.72
C LYS E 249 28.41 2.12 -1.39
N ILE E 250 27.88 2.70 -0.32
CA ILE E 250 27.98 2.10 1.02
C ILE E 250 27.47 0.66 1.00
N GLY E 251 28.28 -0.25 1.52
CA GLY E 251 27.99 -1.68 1.42
C GLY E 251 29.10 -2.34 0.64
N TYR E 252 30.05 -1.52 0.19
CA TYR E 252 31.22 -2.01 -0.52
C TYR E 252 32.46 -1.26 -0.01
N LYS E 253 33.63 -1.84 -0.22
CA LYS E 253 34.87 -1.30 0.36
C LYS E 253 35.41 -0.06 -0.34
N ASN E 254 34.80 0.29 -1.48
CA ASN E 254 35.23 1.46 -2.26
C ASN E 254 34.35 2.69 -2.02
N ALA E 255 33.56 2.67 -0.94
CA ALA E 255 32.61 3.72 -0.67
C ALA E 255 33.14 4.81 0.25
N ILE E 256 34.19 4.49 1.00
CA ILE E 256 34.78 5.44 1.94
C ILE E 256 36.29 5.54 1.75
N SER E 257 36.76 6.77 1.53
CA SER E 257 38.20 7.04 1.49
C SER E 257 38.52 8.14 2.50
N TYR E 258 39.77 8.56 2.57
CA TYR E 258 40.16 9.54 3.56
C TYR E 258 41.16 10.56 3.01
N LEU E 259 40.85 11.83 3.22
CA LEU E 259 41.77 12.91 2.88
C LEU E 259 42.57 13.31 4.11
N ASP E 260 43.89 13.24 3.99
CA ASP E 260 44.77 13.68 5.06
C ASP E 260 45.35 15.01 4.64
N LEU E 261 44.72 16.09 5.10
CA LEU E 261 45.05 17.44 4.63
C LEU E 261 45.67 18.28 5.74
N PRO E 262 46.56 19.21 5.37
CA PRO E 262 47.14 20.15 6.33
C PRO E 262 46.04 20.95 7.03
N LEU E 263 46.25 21.21 8.31
CA LEU E 263 45.27 21.90 9.14
C LEU E 263 45.91 23.13 9.77
N LYS E 264 45.69 24.29 9.16
CA LYS E 264 46.29 25.54 9.64
C LYS E 264 45.72 25.89 11.01
N GLN E 265 44.41 25.72 11.13
CA GLN E 265 43.69 26.09 12.35
C GLN E 265 42.35 25.37 12.42
N LYS E 266 42.02 24.85 13.60
CA LYS E 266 40.74 24.20 13.79
C LYS E 266 39.68 25.26 14.06
N THR E 267 38.67 25.32 13.20
CA THR E 267 37.59 26.28 13.37
C THR E 267 36.23 25.66 13.07
N ASP E 268 35.19 26.22 13.68
CA ASP E 268 33.83 25.71 13.51
C ASP E 268 33.32 25.81 12.07
N LEU E 269 32.21 25.15 11.79
CA LEU E 269 31.57 25.22 10.48
C LEU E 269 30.99 26.61 10.25
N GLU E 270 31.42 27.26 9.16
CA GLU E 270 30.99 28.62 8.87
C GLU E 270 30.51 28.80 7.43
N TYR E 271 29.66 29.81 7.21
CA TYR E 271 29.27 30.20 5.86
C TYR E 271 30.45 30.89 5.19
N ASP E 272 30.66 30.60 3.91
CA ASP E 272 31.69 31.30 3.14
C ASP E 272 31.23 32.72 2.81
N LYS E 273 32.08 33.71 3.08
CA LYS E 273 31.71 35.11 2.94
C LYS E 273 31.39 35.52 1.49
N ASP E 274 32.20 35.06 0.55
CA ASP E 274 31.96 35.34 -0.86
C ASP E 274 30.62 34.73 -1.29
N TRP E 275 30.35 33.50 -0.84
CA TRP E 275 29.08 32.87 -1.14
C TRP E 275 27.91 33.67 -0.57
N VAL E 276 28.07 34.12 0.68
CA VAL E 276 27.06 34.94 1.34
C VAL E 276 26.77 36.19 0.51
N CYS E 277 27.84 36.81 0.01
CA CYS E 277 27.71 38.00 -0.83
C CYS E 277 26.96 37.68 -2.13
N ASN E 278 27.32 36.57 -2.76
CA ASN E 278 26.62 36.12 -3.97
C ASN E 278 25.14 35.86 -3.70
N LEU E 279 24.87 35.27 -2.53
CA LEU E 279 23.51 34.92 -2.14
C LEU E 279 22.62 36.14 -2.00
N ILE E 280 23.15 37.19 -1.37
CA ILE E 280 22.40 38.44 -1.19
C ILE E 280 22.23 39.19 -2.51
N MET E 281 23.33 39.36 -3.23
CA MET E 281 23.32 40.14 -4.47
C MET E 281 22.39 39.55 -5.54
N THR E 282 22.19 38.24 -5.50
CA THR E 282 21.33 37.56 -6.46
C THR E 282 19.89 37.48 -5.98
N TRP E 283 19.60 38.08 -4.83
CA TRP E 283 18.24 38.03 -4.28
C TRP E 283 17.10 38.37 -5.26
N PRO E 284 17.24 39.45 -6.07
CA PRO E 284 16.15 39.79 -7.00
C PRO E 284 15.70 38.62 -7.87
N ALA E 285 16.62 37.77 -8.29
CA ALA E 285 16.29 36.62 -9.12
C ALA E 285 15.49 35.55 -8.36
N PHE E 286 15.59 35.56 -7.04
CA PHE E 286 14.93 34.55 -6.21
C PHE E 286 13.78 35.15 -5.38
N SER E 287 13.36 36.36 -5.73
CA SER E 287 12.39 37.10 -4.91
C SER E 287 10.98 36.48 -4.92
N ASN E 288 10.68 35.70 -5.94
CA ASN E 288 9.39 35.00 -6.01
C ASN E 288 9.52 33.58 -5.45
N LYS E 289 8.95 33.37 -4.27
CA LYS E 289 9.07 32.11 -3.55
C LYS E 289 8.34 30.96 -4.24
N ALA E 290 7.44 31.29 -5.16
CA ALA E 290 6.66 30.28 -5.86
C ALA E 290 7.38 29.73 -7.08
N GLN E 291 8.38 30.46 -7.56
CA GLN E 291 9.12 30.06 -8.76
C GLN E 291 10.46 30.78 -8.85
N PHE E 292 11.55 30.01 -8.73
CA PHE E 292 12.88 30.59 -8.71
C PHE E 292 13.91 29.60 -9.29
N PRO E 293 14.98 30.14 -9.90
CA PRO E 293 15.23 31.56 -10.10
C PRO E 293 14.48 32.14 -11.30
N ASP E 294 14.22 33.44 -11.24
CA ASP E 294 13.69 34.18 -12.39
C ASP E 294 14.86 34.56 -13.28
N LEU E 295 15.01 33.84 -14.39
CA LEU E 295 16.18 34.05 -15.24
C LEU E 295 15.99 35.14 -16.29
N SER E 296 14.96 35.96 -16.11
CA SER E 296 14.83 37.18 -16.89
C SER E 296 15.89 38.15 -16.38
N TYR E 297 16.33 37.92 -15.15
CA TYR E 297 17.53 38.57 -14.61
C TYR E 297 18.74 37.78 -15.08
N SER E 298 19.86 38.47 -15.24
CA SER E 298 21.14 37.78 -15.47
C SER E 298 21.87 37.70 -14.12
N ILE E 299 22.16 36.48 -13.68
CA ILE E 299 22.83 36.25 -12.40
C ILE E 299 24.21 36.90 -12.41
N SER E 300 24.93 36.75 -13.52
CA SER E 300 26.24 37.37 -13.70
C SER E 300 26.15 38.89 -13.62
N GLU E 301 25.07 39.44 -14.15
CA GLU E 301 24.81 40.88 -14.12
C GLU E 301 24.66 41.34 -12.67
N LEU E 302 23.76 40.66 -11.94
CA LEU E 302 23.53 40.94 -10.53
C LEU E 302 24.81 40.80 -9.72
N LEU E 303 25.62 39.79 -10.05
CA LEU E 303 26.86 39.51 -9.33
C LEU E 303 27.98 40.49 -9.66
N SER E 304 27.88 41.16 -10.80
CA SER E 304 28.90 42.13 -11.21
C SER E 304 28.90 43.35 -10.29
N LYS E 305 27.81 43.53 -9.55
CA LYS E 305 27.64 44.70 -8.71
C LYS E 305 28.38 44.61 -7.37
N ARG E 306 28.99 43.46 -7.11
CA ARG E 306 29.74 43.28 -5.87
C ARG E 306 30.90 44.27 -5.77
N THR E 307 31.00 44.93 -4.61
CA THR E 307 32.11 45.81 -4.32
C THR E 307 32.76 45.36 -3.02
N LYS E 308 34.03 45.71 -2.85
CA LYS E 308 34.76 45.43 -1.61
C LYS E 308 34.01 45.97 -0.39
N GLU E 309 33.50 47.19 -0.49
CA GLU E 309 32.79 47.84 0.61
C GLU E 309 31.37 47.29 0.80
N LEU E 310 30.71 46.95 -0.30
CA LEU E 310 29.37 46.37 -0.19
C LEU E 310 29.46 44.94 0.37
N ASP E 311 30.54 44.24 0.04
CA ASP E 311 30.79 42.92 0.61
C ASP E 311 30.93 43.01 2.13
N LYS E 312 31.69 44.00 2.58
CA LYS E 312 31.89 44.25 4.01
C LYS E 312 30.56 44.53 4.71
N LYS E 313 29.67 45.24 4.02
CA LYS E 313 28.38 45.62 4.58
C LYS E 313 27.47 44.40 4.75
N ILE E 314 27.44 43.56 3.72
CA ILE E 314 26.62 42.35 3.72
C ILE E 314 27.00 41.38 4.84
N ILE E 315 28.30 41.12 4.96
CA ILE E 315 28.84 40.25 5.99
C ILE E 315 28.46 40.77 7.37
N GLU E 316 28.53 42.08 7.52
CA GLU E 316 28.13 42.76 8.74
C GLU E 316 26.66 42.46 9.11
N LEU E 317 25.75 42.64 8.16
CA LEU E 317 24.34 42.35 8.39
C LEU E 317 24.07 40.85 8.59
N TRP E 318 24.71 40.02 7.77
CA TRP E 318 24.57 38.57 7.89
C TRP E 318 24.94 38.12 9.30
N GLU E 319 26.12 38.54 9.74
CA GLU E 319 26.62 38.26 11.08
C GLU E 319 25.61 38.68 12.15
N LYS E 320 24.97 39.81 11.93
CA LYS E 320 23.99 40.34 12.87
C LYS E 320 22.73 39.47 12.91
N TYR E 321 22.14 39.20 11.75
CA TYR E 321 20.85 38.53 11.66
C TYR E 321 20.92 37.00 11.71
N ILE E 322 22.03 36.45 11.23
CA ILE E 322 22.16 35.00 11.10
C ILE E 322 23.37 34.45 11.83
N GLY E 323 24.51 35.14 11.70
CA GLY E 323 25.75 34.67 12.27
C GLY E 323 26.58 33.93 11.25
N LEU E 324 27.90 34.06 11.33
CA LEU E 324 28.80 33.37 10.41
C LEU E 324 28.85 31.88 10.69
N LYS E 325 28.72 31.52 11.96
CA LYS E 325 28.67 30.12 12.37
C LYS E 325 27.38 29.48 11.89
N ILE E 326 27.49 28.32 11.25
CA ILE E 326 26.32 27.56 10.85
C ILE E 326 25.87 26.75 12.06
N ILE E 327 24.79 27.20 12.71
CA ILE E 327 24.35 26.62 13.96
C ILE E 327 23.18 25.68 13.74
N TYR E 328 23.02 24.71 14.64
CA TYR E 328 21.90 23.78 14.53
C TYR E 328 20.57 24.48 14.82
N ASP E 329 19.60 24.25 13.94
CA ASP E 329 18.29 24.87 14.02
C ASP E 329 17.30 23.72 13.90
N SER E 330 16.30 23.70 14.77
CA SER E 330 15.38 22.56 14.85
C SER E 330 13.97 22.85 14.30
N ASP E 331 13.78 24.05 13.76
CA ASP E 331 12.51 24.40 13.16
C ASP E 331 12.20 23.50 11.98
N THR E 332 10.91 23.32 11.67
CA THR E 332 10.53 22.51 10.51
C THR E 332 11.09 23.16 9.25
N PHE E 333 11.38 22.35 8.24
CA PHE E 333 12.13 22.82 7.08
C PHE E 333 11.38 23.87 6.28
N ASP E 334 10.05 23.82 6.30
CA ASP E 334 9.25 24.86 5.68
C ASP E 334 9.49 26.21 6.38
N ILE E 335 9.59 26.18 7.71
CA ILE E 335 9.92 27.38 8.47
C ILE E 335 11.31 27.91 8.11
N GLN E 336 12.28 27.00 8.03
CA GLN E 336 13.66 27.39 7.70
C GLN E 336 13.77 28.00 6.31
N PHE E 337 12.99 27.46 5.38
CA PHE E 337 12.87 28.02 4.02
C PHE E 337 12.52 29.50 4.09
N THR E 338 11.41 29.80 4.76
CA THR E 338 10.91 31.17 4.87
C THR E 338 11.88 32.07 5.62
N SER E 339 12.43 31.53 6.70
CA SER E 339 13.33 32.28 7.57
C SER E 339 14.58 32.78 6.84
N ARG E 340 15.30 31.87 6.19
CA ARG E 340 16.54 32.23 5.51
C ARG E 340 16.30 33.25 4.39
N ARG E 341 15.23 33.04 3.63
CA ARG E 341 14.89 33.96 2.55
C ARG E 341 14.53 35.36 3.09
N PHE E 342 13.86 35.39 4.24
CA PHE E 342 13.46 36.65 4.87
C PHE E 342 14.69 37.51 5.14
N TYR E 343 15.72 36.91 5.70
CA TYR E 343 16.93 37.64 6.07
C TYR E 343 17.84 37.96 4.88
N ILE E 344 17.83 37.10 3.86
CA ILE E 344 18.49 37.42 2.60
C ILE E 344 17.86 38.69 2.02
N GLU E 345 16.53 38.71 1.97
CA GLU E 345 15.78 39.84 1.45
C GLU E 345 16.04 41.10 2.27
N LYS E 346 15.95 40.95 3.59
CA LYS E 346 16.15 42.07 4.51
C LYS E 346 17.52 42.72 4.31
N ILE E 347 18.54 41.89 4.18
CA ILE E 347 19.91 42.38 3.99
C ILE E 347 20.06 43.07 2.65
N TYR E 348 19.47 42.50 1.60
CA TYR E 348 19.48 43.12 0.28
C TYR E 348 18.84 44.50 0.28
N ASN E 349 17.69 44.63 0.95
CA ASN E 349 16.96 45.89 0.98
C ASN E 349 17.66 46.98 1.81
N GLU E 350 18.39 46.56 2.83
CA GLU E 350 19.10 47.50 3.69
C GLU E 350 20.35 48.08 3.04
N LEU E 351 20.75 47.47 1.93
CA LEU E 351 21.93 47.88 1.19
C LEU E 351 21.59 49.07 0.31
N ASN E 352 20.31 49.20 -0.01
CA ASN E 352 19.85 50.29 -0.87
C ASN E 352 20.50 50.34 -2.24
N ILE E 353 20.71 49.17 -2.83
CA ILE E 353 21.26 49.09 -4.18
C ILE E 353 20.16 49.18 -5.24
#